data_4IUA
#
_entry.id   4IUA
#
_cell.length_a   92.620
_cell.length_b   127.328
_cell.length_c   129.600
_cell.angle_alpha   90.00
_cell.angle_beta   90.25
_cell.angle_gamma   90.00
#
_symmetry.space_group_name_H-M   'P 1 21 1'
#
loop_
_entity.id
_entity.type
_entity.pdbx_description
1 polymer 'Hepatocyte growth factor'
2 non-polymer '4-(2-HYDROXYETHYL)-1-PIPERAZINE ETHANESULFONIC ACID'
3 non-polymer 'SULFATE ION'
#
_entity_poly.entity_id   1
_entity_poly.type   'polypeptide(L)'
_entity_poly.pdbx_seq_one_letter_code
;GSEGQKKRRNTLHEFKKSAKTTLTKEDPLLKIKTKKVNSADECANRCIRNRGFTFTCKAFVFDKSRKRCYWYPFNSMSSG
VKKGFGHEFDLYENKDYIRNCIIGKGGSYKGTVSITKSGIKCQPWNSMIPHEHSFLPSSYRGKDLQENYCRNPRGEEGGP
WCFTSNPEVRYEVCDIPQCSEVECMTANGESYRGPMDHTESGKTCQRWDQQTPHRHKFLPERYPDKGFDDNYCRNPDGKP
RPWCYTLDPDTPWEYCAIKTCA
;
_entity_poly.pdbx_strand_id   A,B,C,D,E,F,G,H
#
# COMPACT_ATOMS: atom_id res chain seq x y z
N ARG A 9 27.76 -11.09 -6.05
CA ARG A 9 26.65 -11.10 -5.09
C ARG A 9 27.00 -11.89 -3.83
N ASN A 10 26.05 -11.99 -2.90
CA ASN A 10 26.30 -12.68 -1.64
C ASN A 10 25.06 -12.83 -0.78
N THR A 11 24.92 -14.01 -0.20
CA THR A 11 23.84 -14.27 0.74
C THR A 11 24.25 -15.18 1.87
N LEU A 12 25.48 -15.69 1.81
CA LEU A 12 25.95 -16.63 2.81
C LEU A 12 25.77 -16.00 4.16
N HIS A 13 25.94 -14.68 4.25
CA HIS A 13 25.79 -13.96 5.53
C HIS A 13 24.40 -14.05 6.13
N GLU A 14 23.40 -14.33 5.30
CA GLU A 14 22.06 -14.57 5.82
C GLU A 14 21.97 -15.86 6.67
N PHE A 15 23.02 -16.67 6.72
CA PHE A 15 22.91 -17.99 7.33
C PHE A 15 23.66 -18.22 8.62
N LYS A 16 23.16 -19.17 9.41
CA LYS A 16 23.76 -19.55 10.68
C LYS A 16 24.50 -20.89 10.50
N LYS A 17 25.82 -20.80 10.41
CA LYS A 17 26.66 -21.99 10.19
C LYS A 17 26.82 -22.86 11.46
N SER A 18 26.75 -24.16 11.28
CA SER A 18 27.01 -25.14 12.33
C SER A 18 27.91 -26.15 11.69
N ALA A 19 29.21 -26.12 12.00
CA ALA A 19 30.20 -26.96 11.30
C ALA A 19 30.12 -28.47 11.57
N LYS A 20 30.60 -29.24 10.60
CA LYS A 20 30.64 -30.70 10.68
C LYS A 20 29.29 -31.31 11.06
N THR A 21 28.23 -30.63 10.66
CA THR A 21 26.88 -31.09 10.96
C THR A 21 26.11 -31.38 9.66
N THR A 22 25.10 -32.24 9.76
CA THR A 22 24.19 -32.41 8.65
C THR A 22 22.77 -32.71 9.15
N LEU A 23 21.82 -32.74 8.24
CA LEU A 23 20.45 -32.98 8.64
C LEU A 23 19.85 -34.22 7.97
N THR A 24 18.87 -34.79 8.65
CA THR A 24 18.14 -35.94 8.14
C THR A 24 16.88 -36.08 8.95
N LYS A 25 15.74 -36.21 8.29
CA LYS A 25 14.60 -36.77 9.00
C LYS A 25 14.90 -38.26 8.97
N GLU A 26 14.10 -39.04 8.25
CA GLU A 26 14.39 -40.45 8.03
C GLU A 26 13.46 -41.02 6.95
N ASP A 27 12.43 -40.23 6.64
CA ASP A 27 11.34 -40.61 5.73
C ASP A 27 11.76 -41.38 4.48
N PRO A 28 10.83 -42.22 3.96
CA PRO A 28 10.99 -42.96 2.70
C PRO A 28 11.68 -42.14 1.62
N LEU A 29 13.02 -42.24 1.57
CA LEU A 29 13.87 -41.37 0.76
C LEU A 29 13.51 -39.87 0.84
N LEU A 30 12.32 -39.52 0.37
CA LEU A 30 11.81 -38.15 0.33
C LEU A 30 12.64 -37.25 -0.60
N LYS A 31 11.94 -36.34 -1.27
CA LYS A 31 12.60 -35.45 -2.22
C LYS A 31 13.56 -34.48 -1.51
N ILE A 32 14.86 -34.70 -1.73
CA ILE A 32 15.87 -33.76 -1.26
C ILE A 32 16.70 -33.28 -2.44
N LYS A 33 16.33 -32.13 -2.97
CA LYS A 33 16.96 -31.60 -4.18
C LYS A 33 18.47 -31.41 -3.96
N THR A 34 19.26 -31.91 -4.90
CA THR A 34 20.70 -31.75 -4.81
C THR A 34 21.28 -31.30 -6.15
N LYS A 35 22.47 -30.70 -6.10
CA LYS A 35 23.15 -30.21 -7.30
C LYS A 35 24.61 -29.86 -7.01
N LYS A 36 25.51 -30.25 -7.90
CA LYS A 36 26.92 -29.93 -7.72
C LYS A 36 27.14 -28.43 -7.95
N VAL A 37 27.96 -27.81 -7.11
CA VAL A 37 28.32 -26.40 -7.28
C VAL A 37 29.77 -26.19 -6.87
N ASN A 38 30.25 -24.96 -6.99
CA ASN A 38 31.65 -24.66 -6.63
C ASN A 38 31.81 -24.28 -5.17
N SER A 39 30.89 -23.45 -4.68
CA SER A 39 31.00 -22.84 -3.35
C SER A 39 29.71 -22.96 -2.53
N ALA A 40 29.82 -22.66 -1.24
CA ALA A 40 28.68 -22.62 -0.34
C ALA A 40 27.80 -21.41 -0.64
N ASP A 41 28.42 -20.30 -1.01
CA ASP A 41 27.69 -19.07 -1.34
C ASP A 41 26.75 -19.32 -2.51
N GLU A 42 27.22 -20.16 -3.44
CA GLU A 42 26.40 -20.55 -4.58
C GLU A 42 25.15 -21.30 -4.12
N CYS A 43 25.28 -22.17 -3.12
CA CYS A 43 24.12 -22.85 -2.55
C CYS A 43 23.18 -21.83 -1.92
N ALA A 44 23.78 -20.92 -1.16
CA ALA A 44 23.07 -19.85 -0.47
C ALA A 44 22.10 -19.12 -1.38
N ASN A 45 22.63 -18.57 -2.48
CA ASN A 45 21.83 -17.74 -3.38
C ASN A 45 20.63 -18.51 -3.86
N ARG A 46 20.88 -19.72 -4.36
CA ARG A 46 19.80 -20.59 -4.83
C ARG A 46 18.74 -20.81 -3.75
N CYS A 47 19.21 -21.00 -2.52
CA CYS A 47 18.32 -21.22 -1.40
C CYS A 47 17.42 -20.02 -1.13
N ILE A 48 18.00 -18.82 -0.97
CA ILE A 48 17.17 -17.69 -0.59
C ILE A 48 16.27 -17.24 -1.73
N ARG A 49 16.73 -17.44 -2.97
CA ARG A 49 15.93 -17.05 -4.13
C ARG A 49 14.94 -18.15 -4.58
N ASN A 50 15.11 -19.35 -4.05
CA ASN A 50 14.14 -20.43 -4.22
C ASN A 50 13.87 -20.82 -5.66
N ARG A 51 14.76 -20.46 -6.58
CA ARG A 51 14.47 -20.68 -8.00
C ARG A 51 14.63 -22.15 -8.40
N GLY A 52 13.55 -22.73 -8.92
CA GLY A 52 13.53 -24.14 -9.27
C GLY A 52 13.21 -25.03 -8.07
N PHE A 53 12.39 -24.52 -7.16
CA PHE A 53 11.98 -25.26 -5.96
C PHE A 53 10.46 -25.34 -5.87
N THR A 54 9.95 -26.50 -5.45
CA THR A 54 8.52 -26.69 -5.25
C THR A 54 8.15 -26.50 -3.78
N PHE A 55 8.95 -25.71 -3.07
CA PHE A 55 8.90 -25.66 -1.61
C PHE A 55 9.77 -24.50 -1.08
N THR A 56 9.76 -24.30 0.23
CA THR A 56 10.60 -23.25 0.80
C THR A 56 11.82 -23.79 1.53
N CYS A 57 12.97 -23.21 1.17
CA CYS A 57 14.25 -23.63 1.69
C CYS A 57 14.61 -22.93 3.01
N LYS A 58 14.66 -23.71 4.08
CA LYS A 58 15.00 -23.17 5.39
C LYS A 58 16.47 -23.36 5.72
N ALA A 59 17.05 -24.46 5.25
CA ALA A 59 18.45 -24.75 5.48
C ALA A 59 19.06 -25.49 4.30
N PHE A 60 20.38 -25.66 4.31
CA PHE A 60 21.07 -26.47 3.30
C PHE A 60 22.43 -26.94 3.82
N VAL A 61 22.84 -28.14 3.40
CA VAL A 61 24.18 -28.62 3.73
C VAL A 61 25.09 -28.49 2.52
N PHE A 62 26.35 -28.11 2.73
CA PHE A 62 27.34 -28.15 1.68
C PHE A 62 28.35 -29.28 2.00
N ASP A 63 28.75 -30.03 0.97
CA ASP A 63 29.76 -31.08 1.10
C ASP A 63 31.09 -30.56 0.57
N LYS A 64 32.03 -30.23 1.45
CA LYS A 64 33.29 -29.57 1.06
C LYS A 64 34.17 -30.40 0.10
N SER A 65 34.14 -31.72 0.25
CA SER A 65 34.89 -32.62 -0.64
C SER A 65 34.19 -32.83 -1.99
N ARG A 66 33.02 -33.45 -1.96
CA ARG A 66 32.27 -33.74 -3.18
C ARG A 66 31.77 -32.47 -3.89
N LYS A 67 31.85 -31.33 -3.20
CA LYS A 67 31.32 -30.05 -3.70
C LYS A 67 29.88 -30.10 -4.19
N ARG A 68 29.07 -30.97 -3.57
CA ARG A 68 27.65 -31.01 -3.81
C ARG A 68 26.98 -30.29 -2.65
N CYS A 69 25.85 -29.62 -2.89
CA CYS A 69 25.03 -29.14 -1.78
C CYS A 69 23.60 -29.64 -1.85
N TYR A 70 22.99 -29.85 -0.69
CA TYR A 70 21.66 -30.45 -0.59
C TYR A 70 20.70 -29.40 -0.02
N TRP A 71 19.50 -29.29 -0.59
CA TRP A 71 18.53 -28.30 -0.10
C TRP A 71 17.41 -28.92 0.72
N TYR A 72 17.23 -28.41 1.94
CA TYR A 72 16.20 -28.89 2.85
C TYR A 72 15.09 -27.86 3.07
N PRO A 73 13.84 -28.33 3.23
CA PRO A 73 12.67 -27.50 3.56
C PRO A 73 12.42 -27.40 5.06
N PHE A 74 13.36 -27.87 5.88
CA PHE A 74 13.24 -27.81 7.33
C PHE A 74 14.58 -27.44 7.96
N ASN A 75 14.62 -27.34 9.29
CA ASN A 75 15.87 -27.04 9.97
C ASN A 75 16.00 -27.79 11.27
N SER A 76 17.12 -27.61 11.96
CA SER A 76 17.45 -28.40 13.15
C SER A 76 16.35 -28.37 14.19
N MET A 77 15.40 -27.46 14.04
CA MET A 77 14.39 -27.27 15.06
C MET A 77 13.05 -27.83 14.60
N SER A 78 12.95 -28.13 13.31
CA SER A 78 11.69 -28.62 12.74
C SER A 78 11.16 -29.89 13.43
N SER A 79 9.87 -30.14 13.24
CA SER A 79 9.20 -31.24 13.91
C SER A 79 9.92 -32.55 13.59
N GLY A 80 10.43 -33.19 14.65
CA GLY A 80 11.13 -34.47 14.55
C GLY A 80 12.14 -34.57 13.43
N VAL A 81 13.35 -34.09 13.69
CA VAL A 81 14.43 -34.21 12.71
C VAL A 81 15.72 -34.30 13.47
N LYS A 82 16.46 -35.37 13.22
CA LYS A 82 17.72 -35.58 13.92
C LYS A 82 18.81 -34.82 13.16
N LYS A 83 19.89 -34.51 13.87
CA LYS A 83 21.02 -33.79 13.30
C LYS A 83 22.02 -34.77 12.73
N GLY A 84 23.18 -34.85 13.38
CA GLY A 84 24.21 -35.74 12.93
C GLY A 84 25.58 -35.12 12.93
N PHE A 85 26.41 -35.62 12.03
CA PHE A 85 27.81 -35.27 11.97
C PHE A 85 28.35 -35.69 10.61
N GLY A 86 29.44 -35.07 10.18
CA GLY A 86 30.12 -35.43 8.96
C GLY A 86 31.32 -34.52 8.79
N HIS A 87 32.51 -35.09 8.82
CA HIS A 87 33.74 -34.30 8.85
C HIS A 87 33.83 -33.31 7.68
N GLU A 88 33.10 -33.56 6.61
CA GLU A 88 33.25 -32.78 5.39
C GLU A 88 32.02 -31.94 5.06
N PHE A 89 31.03 -31.94 5.95
CA PHE A 89 29.81 -31.19 5.75
C PHE A 89 29.76 -29.95 6.61
N ASP A 90 28.91 -29.00 6.21
CA ASP A 90 28.56 -27.81 6.99
C ASP A 90 27.07 -27.57 6.83
N LEU A 91 26.39 -27.30 7.92
CA LEU A 91 24.97 -26.96 7.87
C LEU A 91 24.78 -25.46 7.94
N TYR A 92 23.90 -24.96 7.08
CA TYR A 92 23.61 -23.53 7.01
C TYR A 92 22.14 -23.27 7.19
N GLU A 93 21.73 -22.87 8.37
CA GLU A 93 20.33 -22.62 8.60
C GLU A 93 19.96 -21.16 8.41
N ASN A 94 18.90 -20.88 7.66
CA ASN A 94 18.52 -19.50 7.46
C ASN A 94 18.23 -18.86 8.82
N LYS A 95 18.77 -17.66 9.01
CA LYS A 95 18.63 -16.94 10.28
C LYS A 95 17.22 -16.42 10.51
N ASP A 96 16.48 -16.22 9.42
CA ASP A 96 15.13 -15.69 9.50
C ASP A 96 14.22 -16.67 10.27
N TYR A 97 14.55 -17.96 10.27
CA TYR A 97 13.68 -18.97 10.90
C TYR A 97 14.07 -19.35 12.33
N ILE A 98 15.28 -19.01 12.73
CA ILE A 98 15.78 -19.54 14.00
C ILE A 98 16.13 -18.49 15.04
N ARG A 99 16.46 -17.28 14.60
CA ARG A 99 16.65 -16.15 15.50
C ARG A 99 15.50 -16.03 16.49
N ASN A 100 15.78 -15.61 17.72
CA ASN A 100 14.70 -15.25 18.63
C ASN A 100 14.55 -13.72 18.77
N CYS A 101 14.83 -13.01 17.70
CA CYS A 101 14.87 -11.55 17.73
C CYS A 101 14.78 -10.86 16.34
N ILE A 102 14.65 -9.55 16.36
CA ILE A 102 14.26 -8.79 15.19
C ILE A 102 15.34 -7.81 14.77
N ILE A 103 15.58 -7.67 13.47
CA ILE A 103 16.30 -6.48 13.00
C ILE A 103 15.28 -5.40 12.61
N GLY A 104 15.20 -4.33 13.38
CA GLY A 104 14.38 -3.19 13.02
C GLY A 104 12.90 -3.48 12.88
N LYS A 105 12.35 -3.23 11.69
CA LYS A 105 10.91 -3.42 11.45
C LYS A 105 10.44 -4.88 11.54
N GLY A 106 11.37 -5.83 11.58
CA GLY A 106 11.00 -7.23 11.70
C GLY A 106 10.31 -7.78 10.47
N GLY A 107 10.65 -7.26 9.30
CA GLY A 107 9.98 -7.73 8.10
C GLY A 107 10.28 -9.18 7.79
N SER A 108 11.40 -9.68 8.33
CA SER A 108 11.91 -10.97 7.92
C SER A 108 11.77 -12.00 9.02
N TYR A 109 11.12 -11.63 10.10
CA TYR A 109 10.96 -12.55 11.21
C TYR A 109 10.14 -13.77 10.84
N LYS A 110 10.75 -14.93 10.94
CA LYS A 110 10.02 -16.17 10.75
C LYS A 110 10.21 -17.17 11.90
N GLY A 111 10.44 -16.67 13.11
CA GLY A 111 10.53 -17.52 14.27
C GLY A 111 9.14 -17.90 14.76
N THR A 112 9.04 -18.47 15.97
CA THR A 112 7.83 -19.16 16.38
C THR A 112 7.11 -18.60 17.59
N VAL A 113 7.28 -17.30 17.83
CA VAL A 113 6.53 -16.62 18.86
C VAL A 113 5.05 -16.50 18.44
N SER A 114 4.13 -16.96 19.29
CA SER A 114 2.71 -16.88 18.96
C SER A 114 1.87 -16.15 20.03
N ILE A 115 2.47 -15.14 20.66
CA ILE A 115 1.82 -14.47 21.77
C ILE A 115 1.99 -12.94 21.69
N THR A 116 0.89 -12.18 21.83
CA THR A 116 1.02 -10.73 21.69
C THR A 116 1.68 -10.06 22.89
N LYS A 117 1.89 -8.74 22.76
CA LYS A 117 2.52 -7.98 23.82
C LYS A 117 1.79 -8.31 25.11
N SER A 118 0.52 -7.92 25.17
CA SER A 118 -0.31 -8.13 26.34
C SER A 118 -0.57 -9.60 26.65
N GLY A 119 -0.03 -10.49 25.82
CA GLY A 119 -0.03 -11.92 26.13
C GLY A 119 -1.26 -12.69 25.72
N ILE A 120 -1.82 -12.38 24.55
CA ILE A 120 -2.94 -13.14 23.99
C ILE A 120 -2.47 -14.19 22.99
N LYS A 121 -3.12 -15.35 22.97
CA LYS A 121 -2.77 -16.37 21.99
C LYS A 121 -3.12 -15.83 20.60
N CYS A 122 -2.21 -15.98 19.64
CA CYS A 122 -2.50 -15.52 18.28
C CYS A 122 -3.52 -16.40 17.56
N GLN A 123 -4.37 -15.75 16.77
CA GLN A 123 -5.24 -16.47 15.83
C GLN A 123 -4.45 -16.94 14.61
N PRO A 124 -4.64 -18.20 14.24
CA PRO A 124 -4.09 -18.79 13.02
C PRO A 124 -4.51 -18.03 11.76
N TRP A 125 -3.58 -17.83 10.84
CA TRP A 125 -3.84 -17.00 9.67
C TRP A 125 -4.72 -17.69 8.66
N ASN A 126 -4.80 -19.02 8.73
CA ASN A 126 -5.63 -19.81 7.81
C ASN A 126 -7.09 -19.79 8.25
N SER A 127 -7.37 -18.91 9.21
CA SER A 127 -8.68 -18.85 9.87
C SER A 127 -9.33 -17.48 9.79
N MET A 128 -10.66 -17.45 9.85
CA MET A 128 -11.40 -16.19 9.91
C MET A 128 -12.14 -16.06 11.23
N ILE A 129 -11.73 -16.88 12.20
CA ILE A 129 -12.40 -16.90 13.48
C ILE A 129 -11.32 -16.79 14.53
N PRO A 130 -11.42 -15.79 15.43
CA PRO A 130 -12.48 -14.78 15.53
C PRO A 130 -12.52 -13.78 14.40
N HIS A 131 -11.37 -13.27 13.94
CA HIS A 131 -11.35 -12.13 13.02
C HIS A 131 -11.26 -12.47 11.52
N GLU A 132 -12.15 -11.88 10.74
CA GLU A 132 -12.15 -12.01 9.30
C GLU A 132 -11.07 -11.10 8.77
N HIS A 133 -10.35 -11.54 7.73
CA HIS A 133 -9.17 -10.80 7.30
C HIS A 133 -8.57 -11.26 5.98
N SER A 134 -7.88 -10.35 5.29
CA SER A 134 -7.27 -10.59 3.97
C SER A 134 -5.93 -11.34 3.92
N PHE A 135 -5.24 -11.53 5.04
CA PHE A 135 -3.90 -12.12 4.97
C PHE A 135 -3.91 -13.64 4.98
N LEU A 136 -4.60 -14.25 4.01
CA LEU A 136 -4.42 -15.65 3.68
C LEU A 136 -3.01 -15.83 3.14
N PRO A 137 -2.37 -16.98 3.46
CA PRO A 137 -1.01 -17.24 2.94
C PRO A 137 -0.94 -17.19 1.41
N SER A 138 -1.97 -17.73 0.77
CA SER A 138 -2.11 -17.71 -0.69
C SER A 138 -1.78 -16.35 -1.31
N SER A 139 -2.09 -15.27 -0.61
CA SER A 139 -1.89 -13.93 -1.15
C SER A 139 -0.53 -13.38 -0.71
N TYR A 140 -0.03 -13.87 0.41
CA TYR A 140 1.28 -13.47 0.92
C TYR A 140 2.26 -14.64 0.92
N ARG A 141 2.47 -15.16 -0.29
CA ARG A 141 3.40 -16.23 -0.54
C ARG A 141 4.82 -15.73 -0.20
N GLY A 142 5.59 -16.56 0.50
CA GLY A 142 6.94 -16.19 0.86
C GLY A 142 7.04 -15.18 1.99
N LYS A 143 5.98 -15.13 2.80
CA LYS A 143 5.99 -14.27 3.98
C LYS A 143 5.76 -15.18 5.16
N ASP A 144 5.53 -16.46 4.84
CA ASP A 144 5.37 -17.54 5.82
C ASP A 144 4.31 -17.22 6.85
N LEU A 145 3.07 -17.10 6.40
CA LEU A 145 2.01 -16.91 7.37
C LEU A 145 1.54 -18.29 7.74
N GLN A 146 2.31 -18.95 8.61
CA GLN A 146 1.96 -20.29 9.06
C GLN A 146 1.53 -20.30 10.52
N GLU A 147 0.66 -21.26 10.85
CA GLU A 147 0.19 -21.44 12.21
C GLU A 147 -0.37 -20.13 12.71
N ASN A 148 0.13 -19.70 13.87
CA ASN A 148 -0.25 -18.40 14.38
C ASN A 148 0.99 -17.63 14.86
N TYR A 149 2.07 -17.79 14.12
CA TYR A 149 3.31 -17.12 14.44
C TYR A 149 3.16 -15.63 14.14
N CYS A 150 3.79 -14.78 14.93
CA CYS A 150 3.82 -13.36 14.63
C CYS A 150 4.52 -13.17 13.30
N ARG A 151 4.05 -12.23 12.51
CA ARG A 151 4.69 -11.90 11.24
C ARG A 151 4.49 -10.41 10.91
N ASN A 152 5.27 -9.93 9.94
CA ASN A 152 5.12 -8.57 9.47
C ASN A 152 5.17 -8.56 7.95
N PRO A 153 4.10 -9.04 7.32
CA PRO A 153 4.04 -9.29 5.89
C PRO A 153 4.12 -8.04 5.02
N ARG A 154 4.04 -6.85 5.60
CA ARG A 154 4.02 -5.64 4.79
C ARG A 154 5.10 -4.71 5.22
N GLY A 155 5.96 -5.17 6.11
CA GLY A 155 7.11 -4.41 6.56
C GLY A 155 6.78 -3.06 7.16
N GLU A 156 5.67 -3.00 7.88
CA GLU A 156 5.20 -1.75 8.49
C GLU A 156 5.84 -1.48 9.87
N GLU A 157 5.60 -0.30 10.42
CA GLU A 157 6.40 0.18 11.55
C GLU A 157 6.14 -0.51 12.88
N GLY A 158 4.99 -1.14 13.05
CA GLY A 158 4.74 -1.79 14.32
C GLY A 158 5.60 -3.01 14.64
N GLY A 159 6.26 -3.55 13.60
CA GLY A 159 6.95 -4.81 13.75
C GLY A 159 5.94 -5.94 13.67
N PRO A 160 6.37 -7.16 13.99
CA PRO A 160 5.51 -8.34 13.86
C PRO A 160 4.28 -8.22 14.74
N TRP A 161 3.22 -8.92 14.35
CA TRP A 161 1.94 -8.78 14.97
C TRP A 161 1.15 -9.99 14.57
N CYS A 162 -0.03 -10.15 15.13
CA CYS A 162 -0.94 -11.18 14.63
C CYS A 162 -2.37 -10.85 14.96
N PHE A 163 -3.29 -11.50 14.28
CA PHE A 163 -4.67 -11.42 14.67
C PHE A 163 -4.80 -12.15 15.99
N THR A 164 -5.67 -11.63 16.84
CA THR A 164 -5.76 -12.06 18.23
C THR A 164 -6.88 -13.06 18.42
N SER A 165 -6.71 -14.02 19.31
CA SER A 165 -7.74 -15.04 19.57
C SER A 165 -8.79 -14.55 20.57
N ASN A 166 -8.76 -13.26 20.86
CA ASN A 166 -9.75 -12.60 21.70
C ASN A 166 -10.63 -11.77 20.80
N PRO A 167 -11.94 -12.08 20.77
CA PRO A 167 -12.86 -11.39 19.86
C PRO A 167 -12.70 -9.89 19.93
N GLU A 168 -12.36 -9.36 21.11
CA GLU A 168 -12.36 -7.92 21.34
C GLU A 168 -11.16 -7.21 20.71
N VAL A 169 -9.97 -7.77 20.88
CA VAL A 169 -8.79 -7.20 20.25
C VAL A 169 -8.57 -7.85 18.89
N ARG A 170 -8.68 -7.10 17.80
CA ARG A 170 -8.46 -7.70 16.47
C ARG A 170 -6.99 -8.08 16.17
N TYR A 171 -6.07 -7.14 16.31
CA TYR A 171 -4.67 -7.42 16.04
C TYR A 171 -3.81 -6.79 17.12
N GLU A 172 -2.56 -7.20 17.24
CA GLU A 172 -1.68 -6.65 18.27
C GLU A 172 -0.25 -7.02 18.00
N VAL A 173 0.67 -6.10 18.27
CA VAL A 173 2.08 -6.34 18.04
C VAL A 173 2.60 -7.39 19.02
N CYS A 174 3.51 -8.21 18.53
CA CYS A 174 4.17 -9.19 19.37
C CYS A 174 5.48 -8.60 19.90
N ASP A 175 5.70 -8.74 21.19
CA ASP A 175 6.87 -8.13 21.79
C ASP A 175 8.12 -8.97 21.55
N ILE A 176 8.79 -8.74 20.43
CA ILE A 176 10.00 -9.50 20.14
C ILE A 176 11.22 -8.58 20.23
N PRO A 177 12.20 -8.96 21.06
CA PRO A 177 13.34 -8.11 21.36
C PRO A 177 14.13 -7.85 20.12
N GLN A 178 14.76 -6.69 20.10
CA GLN A 178 15.63 -6.37 18.98
C GLN A 178 16.97 -7.06 19.18
N CYS A 179 17.56 -7.54 18.09
CA CYS A 179 18.83 -8.26 18.19
C CYS A 179 19.90 -7.46 18.92
N SER A 180 19.69 -6.15 19.00
CA SER A 180 20.68 -5.26 19.59
C SER A 180 20.49 -5.24 21.07
N GLU A 181 19.33 -5.68 21.53
CA GLU A 181 19.05 -5.57 22.94
C GLU A 181 18.89 -6.90 23.65
N VAL A 182 18.81 -8.01 22.93
CA VAL A 182 18.54 -9.27 23.60
C VAL A 182 19.68 -9.66 24.54
N GLU A 183 20.84 -9.96 23.97
CA GLU A 183 22.04 -10.00 24.78
C GLU A 183 22.55 -8.60 24.80
N CYS A 184 22.70 -8.07 25.99
CA CYS A 184 23.21 -6.71 26.17
C CYS A 184 24.69 -6.74 26.50
N MET A 185 25.36 -5.59 26.33
CA MET A 185 26.80 -5.49 26.52
C MET A 185 27.12 -4.67 27.75
N THR A 186 28.42 -4.51 28.00
CA THR A 186 28.89 -4.14 29.32
C THR A 186 30.35 -3.74 29.14
N ALA A 187 30.83 -2.79 29.95
CA ALA A 187 32.19 -2.27 29.76
C ALA A 187 32.47 -1.97 28.30
N ASN A 188 33.61 -2.36 27.78
CA ASN A 188 33.87 -2.09 26.37
C ASN A 188 33.34 -3.19 25.46
N GLY A 189 32.54 -4.07 26.05
CA GLY A 189 31.89 -5.14 25.29
C GLY A 189 32.80 -6.23 24.76
N GLU A 190 33.98 -6.39 25.34
CA GLU A 190 34.88 -7.42 24.88
C GLU A 190 34.31 -8.80 25.18
N SER A 191 33.29 -8.86 26.03
CA SER A 191 32.70 -10.16 26.36
C SER A 191 31.38 -10.41 25.63
N TYR A 192 30.98 -9.47 24.78
CA TYR A 192 29.70 -9.59 24.06
C TYR A 192 29.71 -10.81 23.16
N ARG A 193 28.59 -11.52 23.16
CA ARG A 193 28.48 -12.69 22.31
C ARG A 193 27.10 -12.86 21.67
N GLY A 194 26.32 -11.77 21.70
CA GLY A 194 24.97 -11.77 21.16
C GLY A 194 24.91 -11.84 19.64
N PRO A 195 23.69 -11.80 19.11
CA PRO A 195 23.55 -12.21 17.71
C PRO A 195 23.37 -11.05 16.76
N MET A 196 23.63 -9.83 17.18
CA MET A 196 23.47 -8.67 16.31
C MET A 196 24.44 -8.81 15.16
N ASP A 197 23.98 -8.53 13.93
CA ASP A 197 24.84 -8.68 12.76
C ASP A 197 24.90 -7.44 11.86
N HIS A 198 24.18 -6.37 12.25
CA HIS A 198 24.20 -5.11 11.52
C HIS A 198 24.93 -3.99 12.26
N THR A 199 25.61 -3.15 11.49
CA THR A 199 26.30 -1.98 12.03
C THR A 199 25.36 -0.85 12.40
N GLU A 200 25.89 0.14 13.12
CA GLU A 200 25.14 1.35 13.51
C GLU A 200 24.43 2.10 12.37
N SER A 201 25.08 2.22 11.21
CA SER A 201 24.43 2.90 10.10
C SER A 201 23.57 1.94 9.33
N GLY A 202 23.42 0.73 9.85
CA GLY A 202 22.54 -0.26 9.23
C GLY A 202 23.20 -1.17 8.22
N LYS A 203 24.51 -1.03 8.02
CA LYS A 203 25.24 -1.90 7.10
C LYS A 203 25.28 -3.32 7.64
N THR A 204 25.56 -4.26 6.76
CA THR A 204 25.52 -5.67 7.08
C THR A 204 26.92 -6.18 7.34
N CYS A 205 27.11 -6.90 8.44
CA CYS A 205 28.43 -7.39 8.78
C CYS A 205 28.86 -8.49 7.80
N GLN A 206 30.12 -8.45 7.39
CA GLN A 206 30.74 -9.54 6.64
C GLN A 206 31.07 -10.73 7.58
N ARG A 207 30.95 -11.97 7.12
CA ARG A 207 31.27 -13.13 7.99
C ARG A 207 32.75 -13.13 8.29
N TRP A 208 33.10 -13.38 9.55
CA TRP A 208 34.49 -13.47 9.95
C TRP A 208 35.26 -14.50 9.17
N ASP A 209 34.62 -15.63 8.84
CA ASP A 209 35.37 -16.64 8.11
C ASP A 209 35.67 -16.27 6.67
N GLN A 210 35.12 -15.16 6.18
CA GLN A 210 35.38 -14.70 4.82
C GLN A 210 36.48 -13.64 4.76
N GLN A 211 37.17 -13.58 3.63
CA GLN A 211 38.15 -12.52 3.39
C GLN A 211 37.70 -11.59 2.29
N THR A 212 36.41 -11.61 2.00
CA THR A 212 35.87 -10.73 0.98
C THR A 212 34.53 -10.14 1.43
N PRO A 213 34.27 -8.86 1.12
CA PRO A 213 35.03 -7.86 0.37
C PRO A 213 36.24 -7.31 1.08
N HIS A 214 36.42 -7.63 2.36
CA HIS A 214 37.54 -7.09 3.09
C HIS A 214 38.47 -8.14 3.62
N ARG A 215 39.75 -8.00 3.31
CA ARG A 215 40.74 -8.94 3.83
C ARG A 215 41.01 -8.55 5.27
N HIS A 216 41.27 -9.53 6.11
CA HIS A 216 41.42 -9.28 7.52
C HIS A 216 42.12 -10.42 8.21
N LYS A 217 42.77 -10.09 9.32
CA LYS A 217 43.69 -10.99 10.01
C LYS A 217 43.00 -11.94 10.99
N PHE A 218 41.69 -11.79 11.15
CA PHE A 218 40.98 -12.52 12.19
C PHE A 218 40.45 -13.87 11.74
N LEU A 219 41.34 -14.81 11.53
CA LEU A 219 40.91 -16.16 11.20
C LEU A 219 40.34 -16.80 12.46
N PRO A 220 39.09 -17.26 12.38
CA PRO A 220 38.42 -17.81 13.55
C PRO A 220 39.20 -18.94 14.23
N GLU A 221 39.89 -19.74 13.43
CA GLU A 221 40.68 -20.85 13.93
C GLU A 221 41.86 -20.37 14.80
N ARG A 222 42.37 -19.18 14.50
CA ARG A 222 43.48 -18.59 15.26
C ARG A 222 43.01 -17.84 16.47
N TYR A 223 41.69 -17.83 16.69
CA TYR A 223 41.10 -16.93 17.67
C TYR A 223 39.89 -17.60 18.34
N PRO A 224 40.13 -18.72 19.02
CA PRO A 224 39.07 -19.54 19.59
C PRO A 224 38.42 -18.90 20.81
N ASP A 225 38.92 -17.73 21.19
CA ASP A 225 38.53 -17.06 22.42
C ASP A 225 37.55 -15.92 22.15
N LYS A 226 37.54 -15.44 20.92
CA LYS A 226 36.88 -14.19 20.55
C LYS A 226 35.43 -14.36 20.07
N GLY A 227 35.03 -15.57 19.74
CA GLY A 227 33.65 -15.82 19.38
C GLY A 227 33.30 -15.41 17.97
N PHE A 228 34.22 -15.64 17.04
CA PHE A 228 34.04 -15.22 15.64
C PHE A 228 33.13 -16.14 14.84
N ASP A 229 31.89 -16.24 15.25
CA ASP A 229 30.96 -17.07 14.53
C ASP A 229 30.22 -16.26 13.49
N ASP A 230 29.96 -16.85 12.33
CA ASP A 230 29.10 -16.27 11.34
C ASP A 230 29.53 -14.83 11.03
N ASN A 231 28.62 -13.86 11.21
CA ASN A 231 28.98 -12.44 11.07
C ASN A 231 28.59 -11.56 12.26
N TYR A 232 28.58 -12.14 13.46
CA TYR A 232 28.19 -11.37 14.62
C TYR A 232 29.17 -10.28 15.05
N CYS A 233 28.62 -9.15 15.50
CA CYS A 233 29.39 -8.05 16.04
C CYS A 233 30.30 -8.51 17.16
N ARG A 234 31.58 -8.24 17.02
CA ARG A 234 32.48 -8.59 18.08
C ARG A 234 33.49 -7.46 18.38
N ASN A 235 34.29 -7.65 19.43
CA ASN A 235 35.27 -6.66 19.83
C ASN A 235 36.58 -7.34 20.25
N PRO A 236 37.24 -7.97 19.30
CA PRO A 236 38.42 -8.77 19.70
C PRO A 236 39.59 -7.90 20.11
N ASP A 237 39.72 -6.76 19.46
CA ASP A 237 40.91 -5.93 19.62
C ASP A 237 40.75 -4.79 20.64
N GLY A 238 39.71 -4.82 21.47
CA GLY A 238 39.54 -3.82 22.51
C GLY A 238 39.18 -2.39 22.15
N LYS A 239 38.49 -2.19 21.03
CA LYS A 239 37.81 -0.91 20.75
C LYS A 239 36.83 -0.57 21.88
N PRO A 240 36.24 0.64 21.87
CA PRO A 240 35.30 1.00 22.94
C PRO A 240 33.98 0.21 22.95
N ARG A 241 33.73 -0.55 21.89
CA ARG A 241 32.47 -1.28 21.72
C ARG A 241 32.61 -2.20 20.50
N PRO A 242 31.73 -3.22 20.39
CA PRO A 242 31.82 -4.24 19.35
C PRO A 242 31.60 -3.69 17.92
N TRP A 243 32.07 -4.45 16.92
CA TRP A 243 32.16 -3.94 15.56
C TRP A 243 32.36 -5.07 14.58
N CYS A 244 32.39 -4.73 13.28
CA CYS A 244 32.31 -5.74 12.24
C CYS A 244 32.84 -5.19 10.93
N TYR A 245 33.49 -6.04 10.13
CA TYR A 245 33.81 -5.64 8.78
C TYR A 245 32.51 -5.65 8.00
N THR A 246 32.28 -4.63 7.18
CA THR A 246 31.00 -4.53 6.47
C THR A 246 31.02 -5.18 5.07
N LEU A 247 29.83 -5.26 4.48
CA LEU A 247 29.66 -5.75 3.11
C LEU A 247 29.67 -4.64 2.07
N ASP A 248 29.93 -3.41 2.50
CA ASP A 248 30.09 -2.26 1.60
C ASP A 248 31.59 -2.12 1.35
N PRO A 249 32.02 -2.21 0.08
CA PRO A 249 33.45 -2.25 -0.17
C PRO A 249 34.10 -0.92 0.20
N ASP A 250 33.24 0.07 0.42
CA ASP A 250 33.66 1.45 0.67
C ASP A 250 33.93 1.76 2.14
N THR A 251 33.49 0.85 3.00
CA THR A 251 33.68 0.95 4.44
C THR A 251 34.27 -0.35 4.96
N PRO A 252 35.59 -0.41 5.19
CA PRO A 252 36.21 -1.62 5.74
C PRO A 252 35.48 -2.10 6.98
N TRP A 253 35.38 -1.25 8.02
CA TRP A 253 34.64 -1.64 9.20
C TRP A 253 33.84 -0.53 9.86
N GLU A 254 33.03 -0.90 10.84
CA GLU A 254 32.08 0.01 11.45
C GLU A 254 31.59 -0.53 12.81
N TYR A 255 31.28 0.37 13.74
CA TYR A 255 30.78 -0.06 15.04
C TYR A 255 29.34 -0.54 14.92
N CYS A 256 28.99 -1.45 15.83
CA CYS A 256 27.64 -1.93 16.01
C CYS A 256 27.07 -1.22 17.23
N ALA A 257 25.77 -1.01 17.27
CA ALA A 257 25.24 -0.29 18.39
C ALA A 257 24.45 -1.21 19.30
N ILE A 258 25.14 -1.99 20.14
CA ILE A 258 24.47 -2.89 21.09
C ILE A 258 24.00 -2.18 22.37
N LYS A 259 22.81 -2.54 22.87
CA LYS A 259 22.28 -1.99 24.11
C LYS A 259 23.07 -2.46 25.31
N THR A 260 23.36 -1.55 26.23
CA THR A 260 24.13 -1.89 27.42
C THR A 260 23.25 -2.50 28.51
N CYS A 261 23.82 -3.32 29.40
CA CYS A 261 23.03 -3.82 30.53
C CYS A 261 22.87 -2.68 31.51
N ALA A 262 21.63 -2.24 31.67
CA ALA A 262 21.36 -1.19 32.62
C ALA A 262 20.64 -1.83 33.80
N ARG B 9 16.50 15.56 48.33
CA ARG B 9 15.90 16.89 48.40
C ARG B 9 16.81 17.99 47.82
N ASN B 10 17.52 17.68 46.73
CA ASN B 10 18.30 18.66 45.97
C ASN B 10 17.56 19.00 44.68
N THR B 11 17.59 20.26 44.26
CA THR B 11 16.91 20.66 43.03
C THR B 11 17.78 21.46 42.06
N LEU B 12 18.98 21.80 42.52
CA LEU B 12 19.91 22.60 41.73
C LEU B 12 20.24 21.96 40.39
N HIS B 13 20.29 20.64 40.35
CA HIS B 13 20.58 19.94 39.11
C HIS B 13 19.51 20.17 38.02
N GLU B 14 18.35 20.67 38.39
CA GLU B 14 17.32 20.85 37.39
C GLU B 14 17.50 22.15 36.58
N PHE B 15 18.57 22.88 36.93
CA PHE B 15 18.82 24.19 36.37
C PHE B 15 20.10 24.32 35.56
N LYS B 16 20.05 25.19 34.56
CA LYS B 16 21.21 25.53 33.77
C LYS B 16 21.86 26.82 34.29
N LYS B 17 23.03 26.66 34.89
CA LYS B 17 23.75 27.76 35.50
C LYS B 17 24.49 28.58 34.46
N SER B 18 24.32 29.90 34.56
CA SER B 18 25.09 30.85 33.77
C SER B 18 25.81 31.75 34.77
N ALA B 19 27.11 31.54 34.97
CA ALA B 19 27.87 32.30 35.98
C ALA B 19 28.13 33.77 35.68
N LYS B 20 28.30 34.56 36.74
CA LYS B 20 28.54 36.01 36.67
C LYS B 20 27.48 36.74 35.84
N THR B 21 26.24 36.27 35.89
CA THR B 21 25.21 36.85 35.04
C THR B 21 24.00 37.17 35.89
N THR B 22 23.09 37.98 35.34
CA THR B 22 21.89 38.42 36.04
C THR B 22 20.85 38.80 34.98
N LEU B 23 19.60 39.07 35.38
CA LEU B 23 18.54 39.39 34.43
C LEU B 23 17.77 40.66 34.84
N THR B 24 17.33 41.43 33.83
CA THR B 24 16.55 42.67 34.09
C THR B 24 15.61 43.07 32.96
N LYS B 25 14.37 43.37 33.35
CA LYS B 25 13.34 43.84 32.43
C LYS B 25 13.18 45.37 32.59
N GLU B 26 12.22 45.98 31.90
CA GLU B 26 12.02 47.43 32.00
C GLU B 26 10.55 47.82 32.11
N ASP B 27 9.74 46.90 32.63
CA ASP B 27 8.29 47.05 32.67
C ASP B 27 7.87 48.01 33.80
N PRO B 28 6.57 48.40 33.85
CA PRO B 28 6.01 49.23 34.93
C PRO B 28 6.37 48.73 36.34
N LEU B 29 7.49 49.25 36.85
CA LEU B 29 8.10 48.82 38.12
C LEU B 29 8.33 47.30 38.24
N LEU B 30 7.32 46.59 38.74
CA LEU B 30 7.41 45.19 39.18
C LEU B 30 8.62 44.87 40.08
N LYS B 31 8.29 44.50 41.31
CA LYS B 31 9.27 44.00 42.27
C LYS B 31 9.70 42.59 41.83
N ILE B 32 10.66 42.00 42.51
CA ILE B 32 11.27 40.78 41.98
C ILE B 32 11.07 39.56 42.90
N LYS B 33 10.62 39.82 44.13
CA LYS B 33 10.48 38.76 45.15
C LYS B 33 11.87 38.22 45.47
N THR B 34 12.46 38.76 46.53
CA THR B 34 13.77 38.30 46.96
C THR B 34 13.73 37.94 48.45
N LYS B 35 14.78 37.26 48.93
CA LYS B 35 14.85 36.83 50.31
C LYS B 35 16.29 36.46 50.65
N LYS B 36 16.63 36.43 51.93
CA LYS B 36 17.96 36.01 52.35
C LYS B 36 18.01 34.51 52.63
N VAL B 37 18.95 33.80 52.00
CA VAL B 37 19.15 32.40 52.33
C VAL B 37 20.61 32.04 52.43
N ASN B 38 20.89 30.74 52.55
CA ASN B 38 22.25 30.28 52.80
C ASN B 38 22.91 29.57 51.61
N SER B 39 22.14 28.75 50.92
CA SER B 39 22.67 27.97 49.82
C SER B 39 21.99 28.30 48.51
N ALA B 40 22.76 28.28 47.43
CA ALA B 40 22.17 28.38 46.09
C ALA B 40 21.09 27.34 45.96
N ASP B 41 21.36 26.14 46.48
CA ASP B 41 20.42 25.03 46.45
C ASP B 41 19.02 25.37 47.01
N GLU B 42 18.93 26.18 48.05
CA GLU B 42 17.62 26.51 48.62
C GLU B 42 16.76 27.35 47.66
N CYS B 43 17.42 28.23 46.91
CA CYS B 43 16.73 29.06 45.94
C CYS B 43 16.09 28.21 44.86
N ALA B 44 16.84 27.19 44.41
CA ALA B 44 16.35 26.22 43.44
C ALA B 44 15.12 25.47 43.93
N ASN B 45 15.16 25.02 45.18
CA ASN B 45 14.01 24.33 45.79
C ASN B 45 12.71 25.13 45.66
N ARG B 46 12.69 26.33 46.23
CA ARG B 46 11.50 27.19 46.19
C ARG B 46 11.06 27.52 44.75
N CYS B 47 11.99 27.49 43.80
CA CYS B 47 11.64 27.79 42.41
C CYS B 47 10.93 26.62 41.74
N ILE B 48 11.00 25.44 42.36
CA ILE B 48 10.37 24.26 41.77
C ILE B 48 8.96 24.07 42.33
N ARG B 49 8.85 24.18 43.65
CA ARG B 49 7.57 24.05 44.31
C ARG B 49 6.70 25.26 44.02
N ASN B 50 7.36 26.38 43.69
CA ASN B 50 6.69 27.65 43.45
C ASN B 50 5.77 28.06 44.60
N ARG B 51 6.02 27.53 45.80
CA ARG B 51 5.14 27.77 46.95
C ARG B 51 5.33 29.18 47.48
N GLY B 52 4.27 29.98 47.40
CA GLY B 52 4.29 31.38 47.81
C GLY B 52 4.48 32.35 46.66
N PHE B 53 4.29 31.86 45.43
CA PHE B 53 4.55 32.67 44.24
C PHE B 53 3.31 33.06 43.43
N THR B 54 3.12 34.37 43.27
CA THR B 54 2.03 34.93 42.48
C THR B 54 2.20 34.62 40.99
N PHE B 55 3.40 34.13 40.64
CA PHE B 55 3.84 33.96 39.26
C PHE B 55 4.38 32.55 39.08
N THR B 56 4.85 32.25 37.87
CA THR B 56 5.48 30.96 37.62
C THR B 56 6.99 31.11 37.29
N CYS B 57 7.82 30.63 38.21
CA CYS B 57 9.25 30.92 38.20
C CYS B 57 10.03 30.15 37.15
N LYS B 58 10.77 30.87 36.32
CA LYS B 58 11.54 30.25 35.23
C LYS B 58 13.06 30.32 35.45
N ALA B 59 13.49 31.25 36.29
CA ALA B 59 14.90 31.35 36.65
C ALA B 59 15.07 32.04 38.01
N PHE B 60 16.25 31.89 38.60
CA PHE B 60 16.59 32.64 39.78
C PHE B 60 18.05 33.07 39.75
N VAL B 61 18.38 34.16 40.44
CA VAL B 61 19.77 34.60 40.59
C VAL B 61 20.18 34.53 42.05
N PHE B 62 21.31 33.89 42.33
CA PHE B 62 21.84 33.83 43.69
C PHE B 62 23.04 34.76 43.87
N ASP B 63 22.97 35.62 44.88
CA ASP B 63 24.09 36.50 45.21
C ASP B 63 24.95 35.76 46.23
N LYS B 64 26.19 35.48 45.87
CA LYS B 64 27.09 34.71 46.74
C LYS B 64 27.58 35.52 47.96
N SER B 65 27.68 36.85 47.80
CA SER B 65 28.16 37.73 48.86
C SER B 65 27.11 38.05 49.94
N ARG B 66 26.02 38.71 49.53
CA ARG B 66 24.94 39.06 50.45
C ARG B 66 24.02 37.85 50.75
N LYS B 67 24.28 36.73 50.07
CA LYS B 67 23.52 35.49 50.24
C LYS B 67 22.01 35.69 50.05
N ARG B 68 21.67 36.60 49.14
CA ARG B 68 20.29 36.86 48.78
C ARG B 68 19.91 36.16 47.46
N CYS B 69 18.64 35.77 47.34
CA CYS B 69 18.15 35.10 46.15
C CYS B 69 17.10 35.97 45.46
N TYR B 70 16.86 35.73 44.17
CA TYR B 70 15.96 36.56 43.37
C TYR B 70 15.23 35.69 42.39
N TRP B 71 13.91 35.65 42.46
CA TRP B 71 13.09 34.80 41.57
C TRP B 71 12.41 35.54 40.44
N TYR B 72 12.81 35.22 39.21
CA TYR B 72 12.16 35.79 38.05
C TYR B 72 11.11 34.86 37.45
N PRO B 73 9.98 35.44 37.04
CA PRO B 73 8.91 34.69 36.36
C PRO B 73 9.24 34.46 34.87
N PHE B 74 10.50 34.69 34.49
CA PHE B 74 10.91 34.60 33.10
C PHE B 74 12.37 34.17 32.98
N ASN B 75 12.92 34.21 31.78
CA ASN B 75 14.34 33.87 31.61
C ASN B 75 14.98 34.61 30.44
N SER B 76 16.28 34.42 30.29
CA SER B 76 17.03 35.11 29.25
C SER B 76 16.39 34.99 27.86
N MET B 77 15.72 33.87 27.61
CA MET B 77 15.16 33.63 26.28
C MET B 77 13.79 34.27 26.05
N SER B 78 13.30 35.04 27.01
CA SER B 78 12.03 35.76 26.86
C SER B 78 12.23 37.09 26.12
N SER B 79 11.21 37.94 26.19
CA SER B 79 11.25 39.23 25.51
C SER B 79 11.28 40.40 26.48
N GLY B 80 12.17 41.36 26.23
CA GLY B 80 12.28 42.53 27.09
C GLY B 80 13.18 42.26 28.27
N VAL B 81 14.03 41.25 28.11
CA VAL B 81 14.87 40.78 29.18
C VAL B 81 16.30 40.83 28.69
N LYS B 82 17.16 41.59 29.36
CA LYS B 82 18.55 41.69 28.97
C LYS B 82 19.46 40.98 29.97
N LYS B 83 20.66 40.60 29.53
CA LYS B 83 21.62 39.89 30.38
C LYS B 83 22.49 40.88 31.17
N GLY B 84 22.91 40.50 32.37
CA GLY B 84 23.74 41.37 33.18
C GLY B 84 25.16 40.85 33.35
N PHE B 85 25.83 41.36 34.39
CA PHE B 85 27.07 40.76 34.85
C PHE B 85 27.25 41.13 36.31
N GLY B 86 28.26 40.53 36.96
CA GLY B 86 28.59 40.83 38.34
C GLY B 86 29.39 39.69 38.93
N HIS B 87 30.48 39.99 39.62
CA HIS B 87 31.36 38.94 40.14
C HIS B 87 30.75 38.15 41.30
N GLU B 88 29.51 38.44 41.66
CA GLU B 88 28.86 37.79 42.80
C GLU B 88 27.56 37.07 42.46
N PHE B 89 27.00 37.36 41.29
CA PHE B 89 25.78 36.68 40.91
C PHE B 89 26.05 35.46 40.08
N ASP B 90 25.22 34.45 40.29
CA ASP B 90 25.12 33.29 39.41
C ASP B 90 23.66 33.18 38.92
N LEU B 91 23.48 32.98 37.62
CA LEU B 91 22.14 32.81 37.04
C LEU B 91 21.78 31.33 36.90
N TYR B 92 20.56 30.97 37.29
CA TYR B 92 20.08 29.60 37.22
C TYR B 92 18.73 29.48 36.52
N GLU B 93 18.73 29.12 35.24
CA GLU B 93 17.48 28.98 34.50
C GLU B 93 17.05 27.53 34.44
N ASN B 94 15.77 27.29 34.69
CA ASN B 94 15.25 25.94 34.67
C ASN B 94 15.42 25.38 33.28
N LYS B 95 15.92 24.15 33.20
CA LYS B 95 16.17 23.50 31.90
C LYS B 95 14.88 23.27 31.10
N ASP B 96 13.78 23.02 31.82
CA ASP B 96 12.52 22.65 31.19
C ASP B 96 12.08 23.66 30.10
N TYR B 97 12.42 24.93 30.28
CA TYR B 97 12.01 25.97 29.32
C TYR B 97 13.03 26.23 28.21
N ILE B 98 14.30 25.88 28.43
CA ILE B 98 15.34 26.23 27.45
C ILE B 98 15.84 25.08 26.60
N ARG B 99 15.52 23.86 27.02
CA ARG B 99 16.23 22.64 26.64
C ARG B 99 16.36 22.27 25.17
N ASN B 100 15.26 22.32 24.42
CA ASN B 100 15.29 21.92 23.00
C ASN B 100 15.38 20.40 22.73
N CYS B 101 15.20 19.62 23.80
CA CYS B 101 15.11 18.15 23.71
C CYS B 101 14.40 17.56 24.94
N ILE B 102 14.24 16.25 24.91
CA ILE B 102 13.26 15.53 25.74
C ILE B 102 13.96 14.45 26.58
N ILE B 103 13.54 14.26 27.82
CA ILE B 103 13.97 13.02 28.49
C ILE B 103 12.86 11.99 28.42
N GLY B 104 13.02 11.04 27.51
CA GLY B 104 12.09 9.93 27.39
C GLY B 104 10.67 10.31 27.04
N LYS B 105 9.77 10.19 28.02
CA LYS B 105 8.34 10.40 27.81
C LYS B 105 8.06 11.88 27.51
N GLY B 106 8.97 12.72 27.97
CA GLY B 106 8.93 14.14 27.67
C GLY B 106 8.00 14.91 28.57
N GLY B 107 7.59 14.32 29.68
CA GLY B 107 6.58 14.91 30.53
C GLY B 107 6.83 16.38 30.78
N SER B 108 8.03 16.65 31.26
CA SER B 108 8.48 17.96 31.75
C SER B 108 8.77 19.00 30.66
N TYR B 109 8.60 18.65 29.39
CA TYR B 109 8.90 19.57 28.30
C TYR B 109 8.10 20.88 28.31
N LYS B 110 8.78 21.99 28.56
CA LYS B 110 8.17 23.30 28.38
C LYS B 110 8.99 24.16 27.39
N GLY B 111 9.47 23.54 26.33
CA GLY B 111 10.13 24.26 25.26
C GLY B 111 9.12 24.90 24.33
N THR B 112 9.51 25.31 23.14
CA THR B 112 8.63 26.16 22.34
C THR B 112 8.37 25.70 20.89
N VAL B 113 8.59 24.41 20.64
CA VAL B 113 8.25 23.84 19.34
C VAL B 113 6.73 23.80 19.21
N SER B 114 6.19 24.19 18.05
CA SER B 114 4.74 24.26 17.89
C SER B 114 4.21 23.72 16.55
N ILE B 115 4.88 22.70 16.02
CA ILE B 115 4.42 22.06 14.79
C ILE B 115 4.55 20.56 14.94
N THR B 116 3.53 19.83 14.49
CA THR B 116 3.52 18.37 14.65
C THR B 116 4.57 17.65 13.81
N LYS B 117 4.59 16.33 13.93
CA LYS B 117 5.58 15.53 13.22
C LYS B 117 5.33 15.74 11.76
N SER B 118 4.03 15.75 11.43
CA SER B 118 3.57 15.90 10.07
C SER B 118 3.77 17.32 9.56
N GLY B 119 4.04 18.25 10.48
CA GLY B 119 4.25 19.63 10.08
C GLY B 119 3.03 20.53 10.15
N ILE B 120 1.92 20.05 10.71
CA ILE B 120 0.74 20.92 10.90
C ILE B 120 0.96 21.94 12.03
N LYS B 121 0.54 23.19 11.83
CA LYS B 121 0.63 24.20 12.90
C LYS B 121 -0.22 23.80 14.10
N CYS B 122 0.23 24.12 15.29
CA CYS B 122 -0.53 23.79 16.50
C CYS B 122 -1.67 24.76 16.81
N GLN B 123 -2.77 24.17 17.23
CA GLN B 123 -3.86 24.90 17.81
C GLN B 123 -3.46 25.36 19.21
N PRO B 124 -3.73 26.64 19.53
CA PRO B 124 -3.53 27.16 20.88
C PRO B 124 -4.40 26.46 21.94
N TRP B 125 -3.86 26.24 23.13
CA TRP B 125 -4.58 25.54 24.20
C TRP B 125 -5.74 26.33 24.77
N ASN B 126 -5.76 27.65 24.55
CA ASN B 126 -6.88 28.43 25.05
C ASN B 126 -8.07 28.44 24.09
N SER B 127 -7.96 27.67 23.01
CA SER B 127 -9.00 27.65 21.99
C SER B 127 -9.74 26.32 21.86
N MET B 128 -10.98 26.41 21.38
CA MET B 128 -11.78 25.26 21.03
C MET B 128 -11.99 25.15 19.52
N ILE B 129 -11.19 25.88 18.76
CA ILE B 129 -11.29 25.89 17.30
C ILE B 129 -9.91 25.66 16.68
N PRO B 130 -9.76 24.64 15.80
CA PRO B 130 -10.82 23.76 15.32
C PRO B 130 -11.30 22.75 16.36
N HIS B 131 -10.47 22.39 17.33
CA HIS B 131 -10.82 21.26 18.17
C HIS B 131 -11.32 21.57 19.57
N GLU B 132 -12.55 21.21 19.87
CA GLU B 132 -13.00 21.29 21.25
C GLU B 132 -12.25 20.24 22.09
N HIS B 133 -11.88 20.61 23.32
CA HIS B 133 -11.11 19.71 24.19
C HIS B 133 -11.15 20.17 25.65
N SER B 134 -10.51 19.41 26.53
CA SER B 134 -10.58 19.68 27.97
C SER B 134 -9.27 20.16 28.63
N PHE B 135 -8.24 20.44 27.83
CA PHE B 135 -6.95 20.79 28.40
C PHE B 135 -6.79 22.29 28.63
N LEU B 136 -7.63 22.84 29.50
CA LEU B 136 -7.53 24.24 29.88
C LEU B 136 -6.33 24.42 30.79
N PRO B 137 -5.62 25.56 30.66
CA PRO B 137 -4.44 25.67 31.52
C PRO B 137 -4.84 25.88 32.97
N SER B 138 -6.04 26.39 33.20
CA SER B 138 -6.58 26.41 34.55
C SER B 138 -6.61 24.98 35.09
N SER B 139 -7.02 24.03 34.26
CA SER B 139 -7.07 22.62 34.68
C SER B 139 -5.67 22.03 34.87
N TYR B 140 -4.75 22.41 34.00
CA TYR B 140 -3.39 21.88 34.08
C TYR B 140 -2.38 22.98 34.46
N ARG B 141 -2.41 23.35 35.73
CA ARG B 141 -1.48 24.32 36.30
C ARG B 141 -0.06 23.75 36.33
N GLY B 142 0.93 24.64 36.17
CA GLY B 142 2.34 24.26 36.23
C GLY B 142 2.76 23.30 35.13
N LYS B 143 1.93 23.25 34.10
CA LYS B 143 2.12 22.36 32.96
C LYS B 143 2.48 23.22 31.77
N ASP B 144 2.19 24.51 31.89
CA ASP B 144 2.56 25.50 30.88
C ASP B 144 1.88 25.20 29.57
N LEU B 145 0.55 25.20 29.57
CA LEU B 145 -0.22 25.10 28.34
C LEU B 145 -0.40 26.47 27.75
N GLN B 146 0.71 27.07 27.32
CA GLN B 146 0.62 28.42 26.79
C GLN B 146 0.69 28.37 25.28
N GLU B 147 0.27 29.45 24.64
CA GLU B 147 0.36 29.59 23.19
C GLU B 147 -0.16 28.32 22.53
N ASN B 148 0.56 27.87 21.52
CA ASN B 148 0.26 26.59 20.90
C ASN B 148 1.47 25.66 21.01
N TYR B 149 2.12 25.65 22.15
CA TYR B 149 3.32 24.83 22.34
C TYR B 149 3.01 23.35 22.52
N CYS B 150 3.89 22.50 22.00
CA CYS B 150 3.77 21.08 22.21
C CYS B 150 4.01 20.85 23.68
N ARG B 151 3.27 19.91 24.27
CA ARG B 151 3.35 19.58 25.68
C ARG B 151 2.88 18.14 25.92
N ASN B 152 3.30 17.57 27.05
CA ASN B 152 2.78 16.30 27.49
C ASN B 152 2.19 16.37 28.89
N PRO B 153 1.04 17.04 29.02
CA PRO B 153 0.44 17.33 30.33
C PRO B 153 0.33 16.08 31.15
N ARG B 154 -0.39 15.09 30.64
CA ARG B 154 -0.69 13.87 31.38
C ARG B 154 0.50 12.90 31.48
N GLY B 155 1.64 13.30 30.94
CA GLY B 155 2.85 12.49 31.03
C GLY B 155 2.74 11.15 30.36
N GLU B 156 1.92 11.12 29.32
CA GLU B 156 1.60 9.91 28.61
C GLU B 156 2.73 9.46 27.69
N GLU B 157 2.54 8.28 27.11
CA GLU B 157 3.64 7.48 26.61
C GLU B 157 4.13 7.83 25.19
N GLY B 158 3.37 8.65 24.47
CA GLY B 158 3.77 8.99 23.11
C GLY B 158 4.45 10.33 22.84
N GLY B 159 4.89 11.05 23.86
CA GLY B 159 5.66 12.29 23.67
C GLY B 159 4.81 13.54 23.64
N PRO B 160 5.44 14.71 23.73
CA PRO B 160 4.77 16.01 23.65
C PRO B 160 3.88 16.07 22.42
N TRP B 161 2.68 16.61 22.56
CA TRP B 161 1.77 16.71 21.41
C TRP B 161 0.99 18.03 21.47
N CYS B 162 0.05 18.19 20.54
CA CYS B 162 -0.83 19.36 20.57
C CYS B 162 -2.10 19.14 19.75
N PHE B 163 -3.13 19.91 20.01
CA PHE B 163 -4.24 19.86 19.11
C PHE B 163 -3.80 20.59 17.85
N THR B 164 -4.28 20.11 16.72
CA THR B 164 -3.80 20.50 15.40
C THR B 164 -4.68 21.58 14.76
N SER B 165 -4.09 22.56 14.08
CA SER B 165 -4.88 23.65 13.49
C SER B 165 -5.63 23.24 12.24
N ASN B 166 -5.74 21.95 12.02
CA ASN B 166 -6.41 21.39 10.87
C ASN B 166 -7.64 20.56 11.32
N PRO B 167 -8.82 20.93 10.83
CA PRO B 167 -10.10 20.24 11.01
C PRO B 167 -10.08 18.70 10.93
N GLU B 168 -9.55 18.06 9.89
CA GLU B 168 -9.63 16.60 9.85
C GLU B 168 -8.65 15.95 10.87
N VAL B 169 -7.46 16.52 11.06
CA VAL B 169 -6.56 15.97 12.09
C VAL B 169 -6.68 16.66 13.48
N ARG B 170 -7.17 15.94 14.49
CA ARG B 170 -7.46 16.57 15.77
C ARG B 170 -6.22 16.78 16.63
N TYR B 171 -5.41 15.74 16.81
CA TYR B 171 -4.18 15.84 17.59
C TYR B 171 -3.07 15.03 16.93
N GLU B 172 -1.86 15.51 17.04
CA GLU B 172 -0.75 14.77 16.49
C GLU B 172 0.44 14.95 17.39
N VAL B 173 1.32 13.95 17.48
CA VAL B 173 2.55 14.14 18.25
C VAL B 173 3.47 15.19 17.59
N CYS B 174 4.43 15.70 18.36
CA CYS B 174 5.42 16.61 17.82
C CYS B 174 6.78 15.91 17.69
N ASP B 175 7.62 16.39 16.78
CA ASP B 175 8.90 15.73 16.52
C ASP B 175 10.05 16.30 17.35
N ILE B 176 10.17 15.90 18.61
CA ILE B 176 11.21 16.45 19.49
C ILE B 176 12.19 15.38 19.94
N PRO B 177 13.48 15.59 19.64
CA PRO B 177 14.64 14.72 19.87
C PRO B 177 14.83 14.35 21.33
N GLN B 178 15.38 13.15 21.57
CA GLN B 178 15.76 12.73 22.91
C GLN B 178 17.06 13.46 23.28
N CYS B 179 17.30 13.71 24.56
CA CYS B 179 18.53 14.43 24.86
C CYS B 179 19.72 13.54 24.54
N SER B 180 19.44 12.26 24.30
CA SER B 180 20.46 11.26 24.03
C SER B 180 20.85 11.31 22.59
N GLU B 181 19.98 11.83 21.74
CA GLU B 181 20.27 11.84 20.32
C GLU B 181 20.50 13.21 19.66
N VAL B 182 20.13 14.28 20.34
CA VAL B 182 20.21 15.61 19.74
C VAL B 182 21.65 16.00 19.41
N GLU B 183 22.57 15.83 20.36
CA GLU B 183 23.97 15.78 20.01
C GLU B 183 24.35 14.33 20.13
N CYS B 184 25.18 13.87 19.21
CA CYS B 184 25.52 12.47 19.13
C CYS B 184 27.00 12.28 19.31
N MET B 185 27.40 11.06 19.67
CA MET B 185 28.76 10.87 20.09
C MET B 185 29.50 10.05 19.07
N THR B 186 30.83 10.18 19.07
CA THR B 186 31.72 9.31 18.30
C THR B 186 32.94 8.93 19.11
N ALA B 187 33.60 7.85 18.68
CA ALA B 187 34.71 7.24 19.42
C ALA B 187 34.26 6.88 20.82
N ASN B 188 35.10 7.16 21.82
CA ASN B 188 34.74 6.94 23.21
C ASN B 188 34.01 8.14 23.79
N GLY B 189 33.87 9.19 22.98
CA GLY B 189 33.02 10.31 23.37
C GLY B 189 33.72 11.32 24.24
N GLU B 190 35.05 11.30 24.20
CA GLU B 190 35.87 12.31 24.82
C GLU B 190 35.60 13.70 24.27
N SER B 191 34.84 13.80 23.20
CA SER B 191 34.53 15.08 22.62
C SER B 191 33.06 15.45 22.81
N TYR B 192 32.27 14.53 23.39
CA TYR B 192 30.85 14.79 23.60
C TYR B 192 30.69 16.01 24.47
N ARG B 193 29.92 16.97 23.99
CA ARG B 193 29.71 18.16 24.77
C ARG B 193 28.23 18.56 24.65
N GLY B 194 27.37 17.56 24.82
CA GLY B 194 25.92 17.71 24.71
C GLY B 194 25.17 17.73 26.02
N PRO B 195 23.84 17.60 25.95
CA PRO B 195 22.96 17.98 27.05
C PRO B 195 22.36 16.85 27.86
N MET B 196 22.77 15.62 27.57
CA MET B 196 22.18 14.52 28.32
C MET B 196 22.62 14.66 29.77
N ASP B 197 21.67 14.51 30.69
CA ASP B 197 21.99 14.60 32.12
C ASP B 197 21.55 13.35 32.92
N HIS B 198 21.16 12.28 32.21
CA HIS B 198 20.72 11.05 32.87
C HIS B 198 21.56 9.85 32.47
N THR B 199 21.83 9.00 33.46
CA THR B 199 22.63 7.83 33.21
C THR B 199 21.77 6.72 32.62
N GLU B 200 22.43 5.71 32.08
CA GLU B 200 21.73 4.61 31.41
C GLU B 200 20.62 3.93 32.24
N SER B 201 20.70 4.00 33.58
CA SER B 201 19.68 3.43 34.47
C SER B 201 18.47 4.32 34.61
N GLY B 202 18.65 5.61 34.34
CA GLY B 202 17.59 6.58 34.60
C GLY B 202 17.93 7.47 35.79
N LYS B 203 19.08 7.21 36.40
CA LYS B 203 19.59 8.06 37.46
C LYS B 203 19.94 9.47 36.95
N THR B 204 19.79 10.47 37.83
CA THR B 204 20.19 11.85 37.57
C THR B 204 21.66 12.10 37.89
N CYS B 205 22.37 12.75 36.95
CA CYS B 205 23.76 13.12 37.18
C CYS B 205 23.88 14.19 38.26
N GLN B 206 24.91 14.07 39.10
CA GLN B 206 25.28 15.11 40.05
C GLN B 206 26.05 16.22 39.32
N ARG B 207 25.88 17.48 39.70
CA ARG B 207 26.66 18.53 39.03
C ARG B 207 28.12 18.40 39.43
N TRP B 208 29.01 18.59 38.46
CA TRP B 208 30.42 18.51 38.75
C TRP B 208 30.87 19.58 39.73
N ASP B 209 30.18 20.70 39.80
CA ASP B 209 30.64 21.74 40.69
C ASP B 209 30.28 21.39 42.13
N GLN B 210 29.52 20.33 42.29
CA GLN B 210 29.14 19.85 43.61
C GLN B 210 30.01 18.68 44.09
N GLN B 211 30.14 18.56 45.41
CA GLN B 211 30.92 17.48 45.99
C GLN B 211 30.03 16.53 46.78
N THR B 212 28.73 16.62 46.56
CA THR B 212 27.78 15.78 47.29
C THR B 212 26.62 15.37 46.39
N PRO B 213 26.19 14.11 46.49
CA PRO B 213 26.55 13.06 47.46
C PRO B 213 27.94 12.44 47.31
N HIS B 214 28.54 12.56 46.14
CA HIS B 214 29.84 11.95 45.95
C HIS B 214 30.93 12.97 45.77
N ARG B 215 32.00 12.81 46.55
CA ARG B 215 33.13 13.71 46.43
C ARG B 215 34.09 13.22 45.35
N HIS B 216 34.51 14.14 44.50
CA HIS B 216 35.31 13.77 43.36
C HIS B 216 36.33 14.84 43.05
N LYS B 217 37.14 14.58 42.03
CA LYS B 217 38.34 15.37 41.83
C LYS B 217 38.22 16.33 40.68
N PHE B 218 37.16 16.16 39.89
CA PHE B 218 37.07 16.91 38.66
C PHE B 218 36.43 18.27 38.88
N LEU B 219 37.15 19.17 39.54
CA LEU B 219 36.62 20.51 39.75
C LEU B 219 36.64 21.23 38.42
N PRO B 220 35.54 21.91 38.10
CA PRO B 220 35.44 22.58 36.79
C PRO B 220 36.51 23.64 36.58
N GLU B 221 36.99 24.20 37.69
CA GLU B 221 38.06 25.19 37.65
C GLU B 221 39.33 24.54 37.12
N ARG B 222 39.60 23.31 37.55
CA ARG B 222 40.87 22.68 37.23
C ARG B 222 40.85 22.12 35.82
N TYR B 223 39.66 22.06 35.25
CA TYR B 223 39.43 21.29 34.04
C TYR B 223 38.70 22.09 32.92
N PRO B 224 39.30 23.22 32.50
CA PRO B 224 38.66 24.11 31.52
C PRO B 224 38.50 23.46 30.16
N ASP B 225 39.13 22.30 29.98
CA ASP B 225 39.22 21.63 28.69
C ASP B 225 38.10 20.59 28.55
N LYS B 226 37.33 20.38 29.61
CA LYS B 226 36.51 19.18 29.68
C LYS B 226 34.98 19.34 29.50
N GLY B 227 34.47 20.56 29.52
CA GLY B 227 33.03 20.74 29.38
C GLY B 227 32.21 20.44 30.63
N PHE B 228 32.82 20.59 31.81
CA PHE B 228 32.14 20.32 33.08
C PHE B 228 31.13 21.39 33.46
N ASP B 229 30.09 21.54 32.66
CA ASP B 229 29.06 22.51 32.98
C ASP B 229 27.83 21.76 33.50
N ASP B 230 27.19 22.30 34.52
CA ASP B 230 25.98 21.71 35.02
C ASP B 230 26.19 20.24 35.40
N ASN B 231 25.34 19.32 34.92
CA ASN B 231 25.53 17.90 35.20
C ASN B 231 25.44 17.03 33.94
N TYR B 232 26.13 17.44 32.90
CA TYR B 232 26.05 16.68 31.67
C TYR B 232 27.05 15.55 31.65
N CYS B 233 26.56 14.38 31.23
CA CYS B 233 27.38 13.25 30.86
C CYS B 233 28.62 13.67 30.08
N ARG B 234 29.79 13.35 30.61
CA ARG B 234 31.04 13.68 29.93
C ARG B 234 32.03 12.51 30.13
N ASN B 235 33.24 12.64 29.61
CA ASN B 235 34.22 11.56 29.63
C ASN B 235 35.59 12.13 29.73
N PRO B 236 35.92 12.69 30.87
CA PRO B 236 37.22 13.37 31.04
C PRO B 236 38.39 12.40 31.03
N ASP B 237 38.14 11.17 31.44
CA ASP B 237 39.22 10.23 31.71
C ASP B 237 39.35 9.14 30.67
N GLY B 238 38.51 9.16 29.65
CA GLY B 238 38.65 8.22 28.57
C GLY B 238 38.06 6.84 28.75
N LYS B 239 37.00 6.74 29.53
CA LYS B 239 36.25 5.50 29.56
C LYS B 239 35.74 5.18 28.14
N PRO B 240 35.11 4.00 27.96
CA PRO B 240 34.49 3.69 26.67
C PRO B 240 33.43 4.69 26.19
N ARG B 241 32.87 5.47 27.10
CA ARG B 241 31.78 6.37 26.74
C ARG B 241 31.51 7.37 27.89
N PRO B 242 30.80 8.47 27.60
CA PRO B 242 30.58 9.47 28.64
C PRO B 242 29.83 8.94 29.86
N TRP B 243 30.19 9.44 31.03
CA TRP B 243 29.56 9.00 32.27
C TRP B 243 29.30 10.22 33.09
N CYS B 244 28.89 10.01 34.34
CA CYS B 244 28.72 11.12 35.27
C CYS B 244 28.48 10.53 36.65
N TYR B 245 28.63 11.35 37.69
CA TYR B 245 28.32 10.95 39.04
C TYR B 245 26.82 11.02 39.26
N THR B 246 26.28 10.14 40.08
CA THR B 246 24.83 10.11 40.22
C THR B 246 24.34 10.74 41.51
N LEU B 247 23.05 11.04 41.58
CA LEU B 247 22.50 11.57 42.80
C LEU B 247 22.22 10.50 43.85
N ASP B 248 22.08 9.26 43.40
CA ASP B 248 21.95 8.09 44.30
C ASP B 248 23.29 7.90 45.00
N PRO B 249 23.28 7.88 46.34
CA PRO B 249 24.54 7.76 47.08
C PRO B 249 25.14 6.36 47.01
N ASP B 250 24.31 5.36 46.70
CA ASP B 250 24.73 3.96 46.68
C ASP B 250 25.45 3.60 45.40
N THR B 251 25.55 4.58 44.50
CA THR B 251 26.10 4.40 43.17
C THR B 251 26.78 5.70 42.69
N PRO B 252 28.09 5.84 42.95
CA PRO B 252 28.90 7.02 42.65
C PRO B 252 28.79 7.50 41.20
N TRP B 253 29.38 6.76 40.27
CA TRP B 253 29.25 7.08 38.86
C TRP B 253 28.66 5.92 38.10
N GLU B 254 28.34 6.17 36.83
CA GLU B 254 27.62 5.24 35.97
C GLU B 254 27.68 5.74 34.55
N TYR B 255 27.69 4.83 33.57
CA TYR B 255 27.74 5.25 32.17
C TYR B 255 26.45 5.89 31.69
N CYS B 256 26.62 6.74 30.70
CA CYS B 256 25.50 7.33 30.01
C CYS B 256 25.35 6.66 28.65
N ALA B 257 24.15 6.69 28.12
CA ALA B 257 23.88 6.03 26.86
C ALA B 257 23.64 7.04 25.76
N ILE B 258 24.68 7.74 25.34
CA ILE B 258 24.52 8.73 24.28
C ILE B 258 24.54 8.09 22.89
N LYS B 259 23.54 8.40 22.08
CA LYS B 259 23.49 7.89 20.70
C LYS B 259 24.70 8.23 19.85
N THR B 260 25.11 7.33 18.96
CA THR B 260 26.27 7.60 18.09
C THR B 260 25.91 8.13 16.71
N CYS B 261 26.91 8.74 16.07
CA CYS B 261 26.70 9.50 14.83
C CYS B 261 26.80 8.56 13.64
N ALA B 262 25.67 7.94 13.31
CA ALA B 262 25.67 6.98 12.23
C ALA B 262 25.39 7.69 10.90
N ARG C 9 38.86 42.00 3.33
CA ARG C 9 38.35 40.71 3.73
C ARG C 9 37.48 40.81 4.99
N ASN C 10 36.38 40.08 4.99
CA ASN C 10 35.63 39.87 6.23
C ASN C 10 36.16 38.61 6.89
N THR C 11 36.32 38.63 8.21
CA THR C 11 36.84 37.47 8.94
C THR C 11 36.17 37.20 10.27
N LEU C 12 35.49 38.21 10.81
CA LEU C 12 34.90 38.09 12.14
C LEU C 12 33.98 36.88 12.23
N HIS C 13 33.43 36.48 11.11
CA HIS C 13 32.59 35.29 11.04
C HIS C 13 33.31 34.00 11.48
N GLU C 14 34.63 34.06 11.56
CA GLU C 14 35.45 32.92 11.91
C GLU C 14 35.59 32.81 13.43
N PHE C 15 34.88 33.64 14.16
CA PHE C 15 35.01 33.64 15.61
C PHE C 15 33.68 33.35 16.30
N LYS C 16 33.76 32.70 17.47
CA LYS C 16 32.62 32.46 18.30
C LYS C 16 32.58 33.50 19.41
N LYS C 17 31.65 34.43 19.29
CA LYS C 17 31.55 35.59 20.19
C LYS C 17 31.05 35.20 21.56
N SER C 18 31.58 35.84 22.59
CA SER C 18 31.10 35.64 23.96
C SER C 18 31.08 37.01 24.61
N ALA C 19 30.04 37.79 24.29
CA ALA C 19 29.91 39.18 24.75
C ALA C 19 30.10 39.42 26.25
N LYS C 20 30.47 40.66 26.58
CA LYS C 20 30.68 41.10 27.97
C LYS C 20 31.52 40.09 28.79
N THR C 21 32.64 39.67 28.21
CA THR C 21 33.51 38.63 28.78
C THR C 21 35.00 38.86 28.42
N THR C 22 35.91 38.43 29.31
CA THR C 22 37.36 38.52 29.05
C THR C 22 38.18 37.31 29.50
N LEU C 23 39.50 37.46 29.55
CA LEU C 23 40.38 36.32 29.83
C LEU C 23 41.62 36.64 30.66
N THR C 24 42.16 35.64 31.35
CA THR C 24 43.43 35.79 32.09
C THR C 24 44.12 34.49 32.48
N LYS C 25 45.37 34.34 32.07
CA LYS C 25 46.18 33.18 32.50
C LYS C 25 46.83 33.55 33.83
N GLU C 26 47.82 32.78 34.25
CA GLU C 26 48.70 33.21 35.35
C GLU C 26 50.19 33.12 35.02
N ASP C 27 50.84 34.28 35.16
CA ASP C 27 52.24 34.48 34.80
C ASP C 27 52.59 35.88 35.29
N PRO C 28 53.89 36.21 35.36
CA PRO C 28 54.26 37.62 35.51
C PRO C 28 53.68 38.46 34.37
N LEU C 29 52.37 38.72 34.45
CA LEU C 29 51.55 39.29 33.35
C LEU C 29 51.86 38.84 31.90
N LEU C 30 53.15 38.87 31.50
CA LEU C 30 53.62 38.46 30.16
C LEU C 30 53.20 39.41 29.04
N LYS C 31 53.45 38.99 27.80
CA LYS C 31 53.29 39.80 26.60
C LYS C 31 51.85 39.79 26.05
N ILE C 32 51.05 40.76 26.52
CA ILE C 32 49.65 40.92 26.15
C ILE C 32 49.50 41.91 25.00
N LYS C 33 49.87 41.51 23.79
CA LYS C 33 49.91 42.45 22.68
C LYS C 33 48.56 43.16 22.45
N THR C 34 48.61 44.49 22.52
CA THR C 34 47.45 45.32 22.27
C THR C 34 47.82 46.53 21.44
N LYS C 35 46.83 47.05 20.72
CA LYS C 35 46.97 48.23 19.87
C LYS C 35 45.56 48.79 19.68
N LYS C 36 45.42 49.83 18.86
CA LYS C 36 44.13 50.49 18.66
C LYS C 36 43.76 50.51 17.17
N VAL C 37 42.65 49.88 16.80
CA VAL C 37 42.22 49.81 15.40
C VAL C 37 40.72 50.01 15.29
N ASN C 38 40.19 50.23 14.09
CA ASN C 38 38.79 50.57 13.93
C ASN C 38 37.78 49.49 14.33
N SER C 39 37.35 48.68 13.36
CA SER C 39 36.35 47.64 13.61
C SER C 39 36.91 46.37 14.25
N ALA C 40 36.01 45.54 14.76
CA ALA C 40 36.42 44.28 15.34
C ALA C 40 36.94 43.45 14.20
N ASP C 41 36.38 43.69 13.01
CA ASP C 41 36.68 42.95 11.78
C ASP C 41 38.19 42.91 11.41
N GLU C 42 38.96 43.82 11.98
CA GLU C 42 40.40 43.86 11.70
C GLU C 42 41.14 43.17 12.81
N CYS C 43 40.65 43.32 14.02
CA CYS C 43 41.16 42.54 15.14
C CYS C 43 40.98 41.08 14.79
N ALA C 44 39.90 40.77 14.08
CA ALA C 44 39.77 39.48 13.42
C ALA C 44 40.91 39.30 12.41
N ASN C 45 41.00 40.19 11.42
CA ASN C 45 42.07 40.12 10.43
C ASN C 45 43.47 40.05 11.05
N ARG C 46 43.70 40.87 12.07
CA ARG C 46 44.96 40.85 12.78
C ARG C 46 45.10 39.50 13.46
N CYS C 47 44.03 39.00 14.06
CA CYS C 47 44.08 37.70 14.73
C CYS C 47 44.39 36.59 13.75
N ILE C 48 43.82 36.59 12.55
CA ILE C 48 44.08 35.46 11.66
C ILE C 48 45.41 35.53 10.87
N ARG C 49 45.81 36.71 10.38
CA ARG C 49 47.10 36.82 9.69
C ARG C 49 48.27 36.74 10.68
N ASN C 50 47.99 37.11 11.93
CA ASN C 50 48.94 37.03 13.04
C ASN C 50 50.18 37.90 12.85
N ARG C 51 50.16 38.78 11.85
CA ARG C 51 51.39 39.49 11.48
C ARG C 51 51.95 40.34 12.61
N GLY C 52 53.28 40.29 12.77
CA GLY C 52 53.98 41.09 13.74
C GLY C 52 53.95 40.53 15.16
N PHE C 53 52.99 39.65 15.42
CA PHE C 53 52.91 39.01 16.73
C PHE C 53 54.10 38.12 16.93
N THR C 54 54.34 37.74 18.17
CA THR C 54 55.39 36.81 18.48
C THR C 54 54.69 35.53 18.95
N PHE C 55 53.39 35.47 18.72
CA PHE C 55 52.63 34.29 19.05
C PHE C 55 51.53 34.16 18.03
N THR C 56 51.06 32.94 17.86
CA THR C 56 49.92 32.69 17.00
C THR C 56 48.66 32.79 17.87
N CYS C 57 47.75 33.65 17.42
CA CYS C 57 46.63 34.09 18.22
C CYS C 57 45.49 33.09 18.14
N LYS C 58 44.77 32.94 19.25
CA LYS C 58 43.67 31.98 19.38
C LYS C 58 42.31 32.65 19.64
N ALA C 59 42.37 33.86 20.17
CA ALA C 59 41.22 34.61 20.62
C ALA C 59 41.68 36.02 20.86
N PHE C 60 40.74 36.94 20.81
CA PHE C 60 41.02 38.34 21.10
C PHE C 60 39.81 38.94 21.76
N VAL C 61 40.02 40.09 22.41
CA VAL C 61 38.94 40.92 22.91
C VAL C 61 38.99 42.28 22.24
N PHE C 62 37.83 42.81 21.89
CA PHE C 62 37.74 44.09 21.15
C PHE C 62 36.99 45.06 22.04
N ASP C 63 37.53 46.27 22.19
CA ASP C 63 36.85 47.30 22.95
C ASP C 63 35.92 48.13 22.05
N LYS C 64 34.62 48.01 22.30
CA LYS C 64 33.59 48.78 21.58
C LYS C 64 33.73 50.28 21.79
N SER C 65 34.20 50.68 22.97
CA SER C 65 34.43 52.10 23.20
C SER C 65 35.80 52.59 22.66
N ARG C 66 36.90 52.12 23.22
CA ARG C 66 38.20 52.71 22.86
C ARG C 66 38.89 52.09 21.65
N LYS C 67 38.10 51.46 20.76
CA LYS C 67 38.62 50.79 19.56
C LYS C 67 39.96 50.12 19.83
N ARG C 68 39.94 49.21 20.81
CA ARG C 68 41.15 48.61 21.34
C ARG C 68 41.04 47.07 21.28
N CYS C 69 42.05 46.42 20.71
CA CYS C 69 42.04 44.98 20.59
C CYS C 69 43.09 44.34 21.51
N TYR C 70 42.69 43.27 22.19
CA TYR C 70 43.57 42.53 23.11
C TYR C 70 43.75 41.12 22.55
N TRP C 71 44.96 40.77 22.12
CA TRP C 71 45.20 39.49 21.44
C TRP C 71 45.87 38.47 22.35
N TYR C 72 45.28 37.27 22.39
CA TYR C 72 45.69 36.21 23.31
C TYR C 72 46.25 35.02 22.56
N PRO C 73 47.33 34.41 23.10
CA PRO C 73 47.93 33.20 22.55
C PRO C 73 47.22 31.92 23.04
N PHE C 74 46.12 32.11 23.75
CA PHE C 74 45.36 31.03 24.33
C PHE C 74 43.87 31.35 24.27
N ASN C 75 43.03 30.39 24.63
CA ASN C 75 41.62 30.71 24.78
C ASN C 75 41.06 30.27 26.12
N SER C 76 39.73 30.22 26.21
CA SER C 76 39.07 29.93 27.48
C SER C 76 39.35 28.54 27.96
N MET C 77 39.62 27.62 27.04
CA MET C 77 39.79 26.25 27.43
C MET C 77 41.26 25.99 27.68
N SER C 78 42.08 26.97 27.36
CA SER C 78 43.52 26.83 27.54
C SER C 78 43.91 26.67 29.00
N SER C 79 45.08 26.07 29.20
CA SER C 79 45.63 25.75 30.50
C SER C 79 45.54 26.92 31.49
N GLY C 80 44.75 26.71 32.53
CA GLY C 80 44.70 27.64 33.66
C GLY C 80 44.42 29.09 33.31
N VAL C 81 43.28 29.34 32.69
CA VAL C 81 42.83 30.71 32.46
C VAL C 81 41.38 30.90 32.95
N LYS C 82 40.99 32.13 33.25
CA LYS C 82 39.60 32.38 33.63
C LYS C 82 38.98 33.62 32.97
N LYS C 83 37.65 33.67 33.01
CA LYS C 83 36.89 34.74 32.37
C LYS C 83 36.49 35.90 33.30
N GLY C 84 36.37 37.08 32.74
CA GLY C 84 35.78 38.20 33.43
C GLY C 84 34.65 38.79 32.59
N PHE C 85 34.39 40.08 32.79
CA PHE C 85 33.21 40.72 32.20
C PHE C 85 33.43 42.21 32.04
N GLY C 86 32.35 42.98 31.99
CA GLY C 86 32.42 44.41 31.68
C GLY C 86 31.88 44.71 30.29
N HIS C 87 30.90 45.60 30.22
CA HIS C 87 30.13 45.90 29.00
C HIS C 87 30.92 45.98 27.69
N GLU C 88 31.92 46.86 27.64
CA GLU C 88 32.66 47.11 26.42
C GLU C 88 33.54 45.94 25.97
N PHE C 89 33.59 44.88 26.77
CA PHE C 89 34.55 43.79 26.53
C PHE C 89 33.92 42.53 25.98
N ASP C 90 34.09 42.33 24.69
CA ASP C 90 33.53 41.20 23.98
C ASP C 90 34.61 40.19 23.55
N LEU C 91 34.67 39.04 24.23
CA LEU C 91 35.52 37.93 23.80
C LEU C 91 35.15 37.36 22.43
N TYR C 92 36.17 37.09 21.61
CA TYR C 92 35.99 36.35 20.36
C TYR C 92 37.04 35.23 20.21
N GLU C 93 36.61 33.98 20.36
CA GLU C 93 37.50 32.83 20.21
C GLU C 93 37.46 32.28 18.79
N ASN C 94 38.65 32.10 18.20
CA ASN C 94 38.78 31.54 16.85
C ASN C 94 38.24 30.12 16.78
N LYS C 95 37.25 29.90 15.92
CA LYS C 95 36.44 28.67 15.98
C LYS C 95 37.22 27.41 15.76
N ASP C 96 38.28 27.50 14.96
CA ASP C 96 39.07 26.33 14.62
C ASP C 96 39.62 25.54 15.81
N TYR C 97 39.76 26.19 16.95
CA TYR C 97 40.34 25.55 18.10
C TYR C 97 39.30 24.97 19.04
N ILE C 98 38.04 25.37 18.89
CA ILE C 98 37.07 25.08 19.94
C ILE C 98 35.83 24.31 19.49
N ARG C 99 35.79 23.96 18.20
CA ARG C 99 34.56 23.50 17.54
C ARG C 99 33.96 22.16 17.93
N ASN C 100 34.78 21.16 18.24
CA ASN C 100 34.23 19.80 18.49
C ASN C 100 33.50 19.09 17.33
N CYS C 101 33.40 19.76 16.19
CA CYS C 101 32.95 19.12 14.97
C CYS C 101 33.84 19.58 13.79
N ILE C 102 33.71 18.92 12.65
CA ILE C 102 34.64 19.08 11.54
C ILE C 102 33.83 19.56 10.35
N ILE C 103 34.44 20.38 9.48
CA ILE C 103 33.80 20.78 8.21
C ILE C 103 34.55 20.12 7.07
N GLY C 104 33.86 19.31 6.29
CA GLY C 104 34.50 18.68 5.14
C GLY C 104 35.51 17.63 5.53
N LYS C 105 36.76 17.79 5.09
CA LYS C 105 37.80 16.81 5.37
C LYS C 105 38.54 17.22 6.62
N GLY C 106 38.06 18.25 7.29
CA GLY C 106 38.68 18.71 8.52
C GLY C 106 40.07 19.32 8.35
N GLY C 107 40.35 19.82 7.16
CA GLY C 107 41.66 20.35 6.85
C GLY C 107 42.13 21.45 7.78
N SER C 108 41.22 22.12 8.46
CA SER C 108 41.60 23.28 9.27
C SER C 108 41.26 23.12 10.74
N TYR C 109 40.93 21.89 11.12
CA TYR C 109 40.60 21.57 12.50
C TYR C 109 41.83 21.71 13.37
N LYS C 110 41.72 22.53 14.41
CA LYS C 110 42.80 22.71 15.37
C LYS C 110 42.27 22.53 16.78
N GLY C 111 41.30 21.61 16.92
CA GLY C 111 40.70 21.26 18.19
C GLY C 111 41.45 20.20 18.97
N THR C 112 40.90 19.84 20.10
CA THR C 112 41.70 19.13 21.10
C THR C 112 41.49 17.63 21.20
N VAL C 113 40.69 17.04 20.31
CA VAL C 113 40.57 15.58 20.32
C VAL C 113 41.97 14.95 20.22
N SER C 114 42.18 13.88 20.98
CA SER C 114 43.45 13.15 20.94
C SER C 114 43.25 11.63 21.04
N ILE C 115 42.07 11.16 20.64
CA ILE C 115 41.78 9.73 20.62
C ILE C 115 41.34 9.29 19.23
N THR C 116 41.86 8.15 18.76
CA THR C 116 41.47 7.59 17.47
C THR C 116 40.08 6.90 17.40
N LYS C 117 39.70 6.50 16.19
CA LYS C 117 38.39 5.86 16.00
C LYS C 117 38.26 4.59 16.85
N SER C 118 39.36 3.87 17.01
CA SER C 118 39.37 2.67 17.83
C SER C 118 39.72 2.97 19.29
N GLY C 119 39.67 4.26 19.65
CA GLY C 119 39.84 4.69 21.04
C GLY C 119 41.25 4.57 21.57
N ILE C 120 42.24 4.66 20.68
CA ILE C 120 43.62 4.69 21.14
C ILE C 120 44.11 6.12 21.42
N LYS C 121 44.79 6.31 22.55
CA LYS C 121 45.37 7.61 22.86
C LYS C 121 46.43 7.98 21.81
N CYS C 122 46.50 9.24 21.39
CA CYS C 122 47.43 9.60 20.32
C CYS C 122 48.85 9.80 20.78
N GLN C 123 49.80 9.42 19.92
CA GLN C 123 51.22 9.71 20.12
C GLN C 123 51.51 11.16 19.74
N PRO C 124 52.08 11.94 20.68
CA PRO C 124 52.48 13.34 20.48
C PRO C 124 53.20 13.51 19.18
N TRP C 125 52.86 14.49 18.35
CA TRP C 125 53.60 14.68 17.10
C TRP C 125 55.07 14.98 17.31
N ASN C 126 55.44 15.41 18.51
CA ASN C 126 56.81 15.79 18.73
C ASN C 126 57.68 14.57 19.00
N SER C 127 57.02 13.46 19.29
CA SER C 127 57.73 12.26 19.69
C SER C 127 58.00 11.42 18.46
N MET C 128 59.07 10.65 18.50
CA MET C 128 59.33 9.65 17.47
C MET C 128 59.17 8.22 17.99
N ILE C 129 58.80 8.10 19.26
CA ILE C 129 58.46 6.82 19.89
C ILE C 129 56.97 6.79 20.16
N PRO C 130 56.28 5.66 19.90
CA PRO C 130 56.78 4.41 19.34
C PRO C 130 57.02 4.54 17.85
N HIS C 131 56.24 5.41 17.19
CA HIS C 131 56.28 5.51 15.74
C HIS C 131 57.14 6.68 15.25
N GLU C 132 58.10 6.36 14.40
CA GLU C 132 58.96 7.39 13.84
C GLU C 132 58.28 7.97 12.62
N HIS C 133 58.48 9.26 12.38
CA HIS C 133 57.77 9.95 11.30
C HIS C 133 58.40 11.27 10.87
N SER C 134 57.81 11.88 9.85
CA SER C 134 58.36 13.06 9.24
C SER C 134 57.47 14.31 9.44
N PHE C 135 56.35 14.16 10.13
CA PHE C 135 55.43 15.27 10.30
C PHE C 135 55.90 16.17 11.41
N LEU C 136 56.95 16.91 11.08
CA LEU C 136 57.47 17.94 11.93
C LEU C 136 56.59 19.17 11.76
N PRO C 137 56.40 19.88 12.87
CA PRO C 137 55.67 21.14 12.90
C PRO C 137 56.24 22.06 11.87
N SER C 138 57.58 22.12 11.89
CA SER C 138 58.38 22.93 10.97
C SER C 138 58.02 22.64 9.53
N SER C 139 57.72 21.37 9.24
CA SER C 139 57.34 21.00 7.87
C SER C 139 55.91 21.38 7.52
N TYR C 140 55.05 21.52 8.53
CA TYR C 140 53.63 21.68 8.26
C TYR C 140 53.04 22.88 9.01
N ARG C 141 53.64 24.05 8.78
CA ARG C 141 53.24 25.27 9.45
C ARG C 141 51.86 25.73 9.00
N GLY C 142 51.02 26.07 9.97
CA GLY C 142 49.66 26.50 9.73
C GLY C 142 48.69 25.41 10.17
N LYS C 143 49.23 24.22 10.33
CA LYS C 143 48.41 23.02 10.47
C LYS C 143 48.43 22.53 11.89
N ASP C 144 49.15 23.26 12.72
CA ASP C 144 49.07 23.11 14.17
C ASP C 144 49.33 21.70 14.62
N LEU C 145 50.50 21.16 14.33
CA LEU C 145 50.75 19.84 14.88
C LEU C 145 51.33 20.00 16.28
N GLN C 146 50.45 20.21 17.26
CA GLN C 146 50.87 20.40 18.64
C GLN C 146 50.34 19.30 19.55
N GLU C 147 50.91 19.15 20.74
CA GLU C 147 50.52 18.09 21.66
C GLU C 147 50.36 16.77 20.95
N ASN C 148 49.23 16.11 21.18
CA ASN C 148 48.90 14.89 20.45
C ASN C 148 47.52 14.98 19.78
N TYR C 149 47.29 16.10 19.11
CA TYR C 149 45.96 16.38 18.64
C TYR C 149 45.71 15.77 17.27
N CYS C 150 44.49 15.31 17.07
CA CYS C 150 44.07 14.79 15.77
C CYS C 150 44.16 15.89 14.71
N ARG C 151 44.93 15.66 13.66
CA ARG C 151 45.11 16.70 12.65
C ARG C 151 45.04 16.18 11.19
N ASN C 152 44.56 17.00 10.25
CA ASN C 152 44.71 16.66 8.83
C ASN C 152 45.66 17.58 8.01
N PRO C 153 46.97 17.41 8.19
CA PRO C 153 47.96 18.33 7.61
C PRO C 153 47.97 18.36 6.09
N ARG C 154 47.45 17.33 5.45
CA ARG C 154 47.56 17.23 4.00
C ARG C 154 46.20 17.31 3.36
N GLY C 155 45.19 17.59 4.18
CA GLY C 155 43.85 17.78 3.68
C GLY C 155 43.34 16.58 2.93
N GLU C 156 43.77 15.40 3.39
CA GLU C 156 43.46 14.12 2.75
C GLU C 156 42.03 13.71 3.04
N GLU C 157 41.42 12.94 2.13
CA GLU C 157 40.02 12.52 2.27
C GLU C 157 39.65 11.92 3.63
N GLY C 158 40.59 11.19 4.21
CA GLY C 158 40.31 10.44 5.41
C GLY C 158 39.91 11.23 6.64
N GLY C 159 40.22 12.53 6.65
CA GLY C 159 39.95 13.37 7.79
C GLY C 159 41.17 13.40 8.69
N PRO C 160 41.06 14.07 9.83
CA PRO C 160 42.14 14.14 10.82
C PRO C 160 42.45 12.75 11.36
N TRP C 161 43.70 12.60 11.76
CA TRP C 161 44.24 11.33 12.21
C TRP C 161 45.45 11.66 13.10
N CYS C 162 46.08 10.64 13.66
CA CYS C 162 47.32 10.89 14.42
C CYS C 162 48.10 9.61 14.54
N PHE C 163 49.29 9.70 15.12
CA PHE C 163 50.03 8.49 15.43
C PHE C 163 49.53 7.91 16.75
N THR C 164 49.68 6.59 16.89
CA THR C 164 49.06 5.86 17.98
C THR C 164 50.05 5.61 19.09
N SER C 165 49.60 5.74 20.33
CA SER C 165 50.45 5.50 21.49
C SER C 165 50.75 4.02 21.71
N ASN C 166 49.98 3.16 21.04
CA ASN C 166 50.21 1.73 21.03
C ASN C 166 51.13 1.34 19.88
N PRO C 167 52.31 0.80 20.21
CA PRO C 167 53.37 0.44 19.26
C PRO C 167 53.00 -0.50 18.10
N GLU C 168 51.88 -1.21 18.19
CA GLU C 168 51.50 -2.13 17.12
C GLU C 168 50.43 -1.54 16.19
N VAL C 169 50.18 -0.24 16.31
CA VAL C 169 49.28 0.46 15.42
C VAL C 169 49.93 1.79 15.07
N ARG C 170 50.32 1.98 13.80
CA ARG C 170 51.14 3.14 13.47
C ARG C 170 50.33 4.41 13.57
N TYR C 171 49.16 4.40 12.95
CA TYR C 171 48.33 5.60 12.88
C TYR C 171 46.90 5.14 12.74
N GLU C 172 45.96 6.02 13.00
CA GLU C 172 44.59 5.72 12.68
C GLU C 172 43.83 7.03 12.52
N VAL C 173 42.75 7.01 11.74
CA VAL C 173 41.88 8.17 11.64
C VAL C 173 41.31 8.45 13.01
N CYS C 174 41.00 9.72 13.26
CA CYS C 174 40.12 10.05 14.37
C CYS C 174 38.71 10.08 13.81
N ASP C 175 37.72 10.01 14.70
CA ASP C 175 36.33 10.05 14.28
C ASP C 175 35.67 11.30 14.86
N ILE C 176 35.76 12.41 14.12
CA ILE C 176 35.10 13.63 14.55
C ILE C 176 33.95 13.91 13.61
N PRO C 177 32.77 14.25 14.18
CA PRO C 177 31.55 14.44 13.40
C PRO C 177 31.60 15.64 12.51
N GLN C 178 30.77 15.61 11.48
CA GLN C 178 30.54 16.77 10.67
C GLN C 178 29.68 17.76 11.45
N CYS C 179 30.07 19.02 11.39
CA CYS C 179 29.21 20.10 11.86
C CYS C 179 27.76 19.95 11.37
N SER C 180 27.56 19.29 10.23
CA SER C 180 26.21 19.13 9.71
C SER C 180 25.46 18.04 10.45
N GLU C 181 26.16 17.26 11.25
CA GLU C 181 25.52 16.11 11.87
C GLU C 181 25.67 16.04 13.37
N VAL C 182 26.58 16.81 13.91
CA VAL C 182 26.77 16.79 15.36
C VAL C 182 25.49 17.12 16.12
N GLU C 183 24.77 18.15 15.70
CA GLU C 183 23.41 18.33 16.23
C GLU C 183 22.43 18.16 15.09
N CYS C 184 21.46 17.27 15.26
CA CYS C 184 20.51 16.96 14.22
C CYS C 184 19.30 17.85 14.37
N MET C 185 18.59 18.07 13.27
CA MET C 185 17.39 18.90 13.33
C MET C 185 16.16 18.04 13.30
N THR C 186 15.03 18.66 13.58
CA THR C 186 13.79 17.93 13.75
C THR C 186 12.69 18.88 13.28
N ALA C 187 11.58 18.33 12.80
CA ALA C 187 10.57 19.14 12.12
C ALA C 187 11.25 20.05 11.10
N ASN C 188 10.98 21.35 11.24
CA ASN C 188 11.56 22.36 10.34
C ASN C 188 12.85 23.01 10.88
N GLY C 189 13.19 22.76 12.15
CA GLY C 189 14.43 23.27 12.69
C GLY C 189 14.40 24.68 13.25
N GLU C 190 13.20 25.16 13.60
CA GLU C 190 13.08 26.41 14.35
C GLU C 190 13.70 26.24 15.73
N SER C 191 13.62 25.02 16.25
CA SER C 191 14.27 24.69 17.50
C SER C 191 15.77 24.41 17.35
N TYR C 192 16.29 24.36 16.11
CA TYR C 192 17.72 24.05 15.90
C TYR C 192 18.61 25.15 16.40
N ARG C 193 19.63 24.73 17.14
CA ARG C 193 20.62 25.64 17.72
C ARG C 193 22.01 25.03 17.65
N GLY C 194 22.23 24.18 16.66
CA GLY C 194 23.54 23.60 16.42
C GLY C 194 24.50 24.60 15.80
N PRO C 195 25.69 24.12 15.37
CA PRO C 195 26.86 24.95 15.09
C PRO C 195 27.20 25.09 13.63
N MET C 196 26.29 24.71 12.75
CA MET C 196 26.57 24.74 11.31
C MET C 196 26.67 26.17 10.82
N ASP C 197 27.79 26.51 10.16
CA ASP C 197 27.96 27.88 9.63
C ASP C 197 28.14 27.95 8.10
N HIS C 198 27.85 26.86 7.41
CA HIS C 198 27.92 26.82 5.94
C HIS C 198 26.60 26.40 5.30
N THR C 199 26.39 26.84 4.06
CA THR C 199 25.13 26.60 3.36
C THR C 199 25.21 25.36 2.46
N GLU C 200 24.06 24.87 2.01
CA GLU C 200 24.02 23.64 1.21
C GLU C 200 25.02 23.67 0.06
N SER C 201 25.21 24.85 -0.55
CA SER C 201 26.22 25.03 -1.57
C SER C 201 27.62 24.96 -0.97
N GLY C 202 27.87 25.78 0.04
CA GLY C 202 29.17 25.84 0.68
C GLY C 202 29.61 27.27 0.93
N LYS C 203 28.74 28.23 0.65
CA LYS C 203 29.03 29.62 0.97
C LYS C 203 28.98 29.85 2.48
N THR C 204 29.53 30.98 2.93
CA THR C 204 29.69 31.18 4.37
C THR C 204 28.70 32.18 4.98
N CYS C 205 27.97 31.72 5.99
CA CYS C 205 26.94 32.55 6.64
C CYS C 205 27.56 33.77 7.32
N GLN C 206 26.96 34.93 7.13
CA GLN C 206 27.45 36.14 7.77
C GLN C 206 26.77 36.24 9.11
N ARG C 207 27.46 36.81 10.08
CA ARG C 207 26.92 36.87 11.44
C ARG C 207 25.62 37.67 11.52
N TRP C 208 24.70 37.26 12.38
CA TRP C 208 23.41 37.96 12.49
C TRP C 208 23.59 39.40 12.93
N ASP C 209 24.61 39.66 13.74
CA ASP C 209 24.85 41.03 14.22
C ASP C 209 25.54 41.93 13.18
N GLN C 210 25.68 41.43 11.97
CA GLN C 210 26.33 42.17 10.90
C GLN C 210 25.29 42.57 9.87
N GLN C 211 25.07 43.87 9.72
CA GLN C 211 24.08 44.32 8.76
C GLN C 211 24.70 44.37 7.37
N THR C 212 25.97 43.97 7.30
CA THR C 212 26.71 43.92 6.05
C THR C 212 27.39 42.56 5.87
N PRO C 213 27.43 42.03 4.62
CA PRO C 213 26.92 42.59 3.37
C PRO C 213 25.40 42.73 3.30
N HIS C 214 24.68 41.63 3.06
CA HIS C 214 23.27 41.74 2.72
C HIS C 214 22.44 42.40 3.81
N ARG C 215 21.53 43.27 3.37
CA ARG C 215 20.66 44.02 4.26
C ARG C 215 19.57 43.09 4.80
N HIS C 216 19.44 43.01 6.12
CA HIS C 216 18.50 42.08 6.76
C HIS C 216 17.88 42.59 8.07
N LYS C 217 16.73 42.05 8.40
CA LYS C 217 15.90 42.60 9.48
C LYS C 217 15.89 41.75 10.74
N PHE C 218 16.97 41.02 11.01
CA PHE C 218 17.02 40.15 12.17
C PHE C 218 18.15 40.51 13.13
N LEU C 219 17.93 41.47 14.03
CA LEU C 219 18.99 41.78 14.99
C LEU C 219 18.72 41.10 16.33
N PRO C 220 19.74 40.41 16.86
CA PRO C 220 19.77 39.65 18.11
C PRO C 220 18.94 40.25 19.28
N GLU C 221 19.15 41.52 19.57
CA GLU C 221 18.55 42.18 20.74
C GLU C 221 17.02 42.26 20.69
N ARG C 222 16.48 42.25 19.47
CA ARG C 222 15.04 42.32 19.27
C ARG C 222 14.46 40.96 18.85
N TYR C 223 15.31 39.96 18.77
CA TYR C 223 14.87 38.59 18.55
C TYR C 223 15.64 37.67 19.49
N PRO C 224 15.55 37.91 20.81
CA PRO C 224 16.42 37.19 21.75
C PRO C 224 16.11 35.69 21.91
N ASP C 225 15.00 35.22 21.35
CA ASP C 225 14.62 33.81 21.47
C ASP C 225 15.22 32.92 20.37
N LYS C 226 15.42 33.50 19.19
CA LYS C 226 15.74 32.74 17.97
C LYS C 226 17.17 32.16 17.88
N GLY C 227 18.00 32.42 18.88
CA GLY C 227 19.32 31.82 18.92
C GLY C 227 20.32 32.47 17.98
N PHE C 228 20.30 33.79 17.98
CA PHE C 228 21.06 34.59 17.01
C PHE C 228 22.52 34.87 17.36
N ASP C 229 23.27 33.82 17.72
CA ASP C 229 24.69 33.96 18.02
C ASP C 229 25.56 33.71 16.80
N ASP C 230 26.64 34.49 16.65
CA ASP C 230 27.61 34.28 15.57
C ASP C 230 26.97 34.23 14.19
N ASN C 231 27.29 33.20 13.40
CA ASN C 231 26.75 33.07 12.04
C ASN C 231 26.24 31.65 11.79
N TYR C 232 25.69 31.04 12.82
CA TYR C 232 25.16 29.68 12.71
C TYR C 232 23.87 29.68 11.95
N CYS C 233 23.61 28.59 11.24
CA CYS C 233 22.38 28.48 10.48
C CYS C 233 21.22 28.49 11.44
N ARG C 234 20.18 29.23 11.09
CA ARG C 234 18.99 29.32 11.91
C ARG C 234 17.75 29.40 11.04
N ASN C 235 16.61 29.44 11.69
CA ASN C 235 15.34 29.49 11.00
C ASN C 235 14.31 30.16 11.91
N PRO C 236 14.36 31.49 12.01
CA PRO C 236 13.43 32.18 12.90
C PRO C 236 12.05 32.41 12.25
N ASP C 237 11.94 32.17 10.94
CA ASP C 237 10.79 32.64 10.18
C ASP C 237 9.91 31.53 9.57
N GLY C 238 10.23 30.28 9.86
CA GLY C 238 9.36 29.18 9.47
C GLY C 238 9.54 28.65 8.06
N LYS C 239 10.69 28.95 7.45
CA LYS C 239 11.07 28.29 6.20
C LYS C 239 11.19 26.79 6.47
N PRO C 240 11.11 25.95 5.43
CA PRO C 240 11.17 24.50 5.60
C PRO C 240 12.38 24.01 6.40
N ARG C 241 13.49 24.75 6.34
CA ARG C 241 14.76 24.33 6.95
C ARG C 241 15.58 25.54 7.41
N PRO C 242 16.60 25.31 8.25
CA PRO C 242 17.42 26.44 8.70
C PRO C 242 18.25 27.06 7.56
N TRP C 243 18.57 28.34 7.69
CA TRP C 243 19.19 29.10 6.61
C TRP C 243 20.01 30.26 7.17
N CYS C 244 20.58 31.07 6.29
CA CYS C 244 21.36 32.25 6.70
C CYS C 244 21.66 33.11 5.49
N TYR C 245 22.39 34.21 5.69
CA TYR C 245 22.84 35.06 4.57
C TYR C 245 24.30 34.78 4.23
N THR C 246 24.65 34.86 2.96
CA THR C 246 25.96 34.38 2.54
C THR C 246 27.02 35.46 2.48
N LEU C 247 28.28 35.02 2.40
CA LEU C 247 29.40 35.91 2.06
C LEU C 247 29.15 36.47 0.66
N ASP C 248 28.81 35.56 -0.26
CA ASP C 248 28.53 35.85 -1.67
C ASP C 248 27.64 37.08 -1.82
N PRO C 249 28.20 38.20 -2.32
CA PRO C 249 27.39 39.42 -2.34
C PRO C 249 26.22 39.32 -3.33
N ASP C 250 26.31 38.40 -4.29
CA ASP C 250 25.26 38.21 -5.30
C ASP C 250 24.14 37.24 -4.85
N THR C 251 24.41 36.49 -3.78
CA THR C 251 23.49 35.46 -3.30
C THR C 251 22.99 35.78 -1.89
N PRO C 252 21.87 36.52 -1.79
CA PRO C 252 21.30 37.05 -0.55
C PRO C 252 21.22 36.06 0.62
N TRP C 253 20.70 34.86 0.36
CA TRP C 253 20.56 33.86 1.41
C TRP C 253 20.37 32.48 0.81
N GLU C 254 20.72 31.44 1.56
CA GLU C 254 20.55 30.07 1.09
C GLU C 254 20.16 29.15 2.25
N TYR C 255 19.64 27.98 1.94
CA TYR C 255 19.36 27.02 2.99
C TYR C 255 20.67 26.37 3.38
N CYS C 256 20.74 25.99 4.66
CA CYS C 256 21.80 25.10 5.11
C CYS C 256 21.29 23.67 4.93
N ALA C 257 22.13 22.72 5.29
CA ALA C 257 21.81 21.30 5.11
C ALA C 257 22.16 20.52 6.36
N ILE C 258 21.27 20.53 7.34
CA ILE C 258 21.52 19.84 8.61
C ILE C 258 20.91 18.43 8.58
N LYS C 259 21.59 17.46 9.15
CA LYS C 259 21.09 16.08 9.12
C LYS C 259 19.85 16.00 9.99
N THR C 260 18.81 15.35 9.50
CA THR C 260 17.62 15.21 10.34
C THR C 260 17.88 14.10 11.36
N CYS C 261 17.19 14.15 12.48
CA CYS C 261 17.45 13.17 13.52
C CYS C 261 17.11 11.75 13.09
N ALA C 262 18.18 11.01 12.83
CA ALA C 262 18.13 9.60 12.54
C ALA C 262 17.46 8.88 13.70
N ARG D 9 -1.29 -19.92 -26.25
CA ARG D 9 -1.35 -21.13 -27.08
C ARG D 9 -2.40 -22.11 -26.56
N ASN D 10 -3.55 -21.58 -26.16
CA ASN D 10 -4.73 -22.39 -25.89
C ASN D 10 -5.84 -22.14 -26.91
N THR D 11 -6.42 -23.23 -27.41
CA THR D 11 -7.40 -23.14 -28.47
C THR D 11 -8.66 -23.92 -28.15
N LEU D 12 -8.59 -24.73 -27.09
CA LEU D 12 -9.71 -25.52 -26.62
C LEU D 12 -11.03 -24.74 -26.58
N HIS D 13 -10.97 -23.49 -26.14
CA HIS D 13 -12.16 -22.64 -26.08
C HIS D 13 -12.86 -22.39 -27.43
N GLU D 14 -12.16 -22.57 -28.54
CA GLU D 14 -12.82 -22.39 -29.83
C GLU D 14 -13.90 -23.42 -30.08
N PHE D 15 -14.03 -24.39 -29.18
CA PHE D 15 -14.82 -25.58 -29.45
C PHE D 15 -16.02 -25.75 -28.54
N LYS D 16 -17.13 -26.17 -29.13
CA LYS D 16 -18.36 -26.51 -28.42
C LYS D 16 -18.33 -27.98 -27.98
N LYS D 17 -18.28 -28.18 -26.66
CA LYS D 17 -18.13 -29.52 -26.08
C LYS D 17 -19.43 -30.32 -26.00
N SER D 18 -19.35 -31.60 -26.39
CA SER D 18 -20.45 -32.53 -26.34
C SER D 18 -19.92 -33.77 -25.66
N ALA D 19 -20.03 -33.83 -24.33
CA ALA D 19 -19.51 -34.96 -23.57
C ALA D 19 -20.27 -36.28 -23.78
N LYS D 20 -19.57 -37.39 -23.52
CA LYS D 20 -20.09 -38.74 -23.73
C LYS D 20 -20.67 -38.85 -25.12
N THR D 21 -19.91 -38.38 -26.12
CA THR D 21 -20.32 -38.43 -27.52
C THR D 21 -19.14 -38.86 -28.39
N THR D 22 -19.45 -39.40 -29.57
CA THR D 22 -18.47 -39.69 -30.62
C THR D 22 -19.14 -39.49 -31.98
N LEU D 23 -18.37 -39.55 -33.05
CA LEU D 23 -18.94 -39.42 -34.40
C LEU D 23 -18.54 -40.61 -35.26
N THR D 24 -19.49 -41.11 -36.05
CA THR D 24 -19.23 -42.24 -36.94
C THR D 24 -19.83 -41.97 -38.31
N LYS D 25 -19.06 -42.22 -39.36
CA LYS D 25 -19.62 -42.14 -40.70
C LYS D 25 -20.08 -43.54 -41.02
N GLU D 26 -19.85 -43.98 -42.24
CA GLU D 26 -20.15 -45.38 -42.61
C GLU D 26 -19.25 -45.87 -43.73
N ASP D 27 -18.26 -45.06 -44.10
CA ASP D 27 -17.31 -45.42 -45.16
C ASP D 27 -16.43 -46.60 -44.71
N PRO D 28 -15.96 -47.45 -45.65
CA PRO D 28 -15.13 -48.61 -45.31
C PRO D 28 -13.82 -48.20 -44.64
N LEU D 29 -13.75 -48.39 -43.32
CA LEU D 29 -12.75 -47.76 -42.45
C LEU D 29 -12.85 -46.24 -42.55
N LEU D 30 -12.63 -45.74 -43.77
CA LEU D 30 -12.43 -44.33 -44.05
C LEU D 30 -11.14 -43.88 -43.37
N LYS D 31 -10.38 -43.05 -44.07
CA LYS D 31 -9.23 -42.41 -43.46
C LYS D 31 -9.67 -41.63 -42.22
N ILE D 32 -9.29 -42.12 -41.04
CA ILE D 32 -9.49 -41.37 -39.80
C ILE D 32 -8.18 -41.24 -39.04
N LYS D 33 -7.68 -40.00 -38.97
CA LYS D 33 -6.38 -39.76 -38.39
C LYS D 33 -6.43 -39.85 -36.87
N THR D 34 -5.47 -40.56 -36.30
CA THR D 34 -5.34 -40.65 -34.86
C THR D 34 -3.89 -40.62 -34.41
N LYS D 35 -3.55 -39.56 -33.67
CA LYS D 35 -2.29 -39.50 -32.96
C LYS D 35 -2.59 -39.83 -31.50
N LYS D 36 -1.55 -40.09 -30.73
CA LYS D 36 -1.70 -40.47 -29.35
C LYS D 36 -1.31 -39.26 -28.51
N VAL D 37 -2.20 -38.78 -27.64
CA VAL D 37 -1.87 -37.63 -26.81
C VAL D 37 -2.25 -37.76 -25.33
N ASN D 38 -2.28 -36.62 -24.66
CA ASN D 38 -2.36 -36.60 -23.19
C ASN D 38 -3.43 -35.68 -22.58
N SER D 39 -3.63 -34.51 -23.17
CA SER D 39 -4.70 -33.61 -22.72
C SER D 39 -5.49 -33.10 -23.93
N ALA D 40 -6.76 -32.79 -23.69
CA ALA D 40 -7.63 -32.33 -24.78
C ALA D 40 -7.10 -31.11 -25.51
N ASP D 41 -6.43 -30.21 -24.79
CA ASP D 41 -5.93 -28.97 -25.41
C ASP D 41 -5.00 -29.22 -26.61
N GLU D 42 -4.19 -30.28 -26.56
CA GLU D 42 -3.35 -30.65 -27.70
C GLU D 42 -4.20 -31.01 -28.91
N CYS D 43 -5.28 -31.74 -28.65
CA CYS D 43 -6.15 -32.17 -29.73
C CYS D 43 -6.82 -30.98 -30.42
N ALA D 44 -6.89 -29.86 -29.71
CA ALA D 44 -7.56 -28.68 -30.24
C ALA D 44 -6.65 -27.79 -31.08
N ASN D 45 -5.36 -27.73 -30.72
CA ASN D 45 -4.39 -26.94 -31.48
C ASN D 45 -4.30 -27.47 -32.89
N ARG D 46 -3.85 -28.74 -32.96
CA ARG D 46 -3.71 -29.49 -34.20
C ARG D 46 -4.92 -29.35 -35.11
N CYS D 47 -6.11 -29.36 -34.50
CA CYS D 47 -7.36 -29.30 -35.24
C CYS D 47 -7.56 -27.98 -35.94
N ILE D 48 -6.93 -26.92 -35.45
CA ILE D 48 -7.18 -25.61 -36.06
C ILE D 48 -6.00 -25.02 -36.83
N ARG D 49 -4.88 -25.73 -36.82
CA ARG D 49 -3.75 -25.30 -37.63
C ARG D 49 -3.65 -26.17 -38.87
N ASN D 50 -4.20 -27.37 -38.77
CA ASN D 50 -4.20 -28.34 -39.88
C ASN D 50 -2.82 -28.73 -40.37
N ARG D 51 -1.81 -28.41 -39.58
CA ARG D 51 -0.47 -28.87 -39.89
C ARG D 51 -0.42 -30.33 -39.47
N GLY D 52 0.03 -31.18 -40.39
CA GLY D 52 0.07 -32.62 -40.17
C GLY D 52 -1.15 -33.31 -40.74
N PHE D 53 -1.98 -32.55 -41.44
CA PHE D 53 -3.27 -33.02 -41.95
C PHE D 53 -3.39 -32.88 -43.47
N THR D 54 -4.32 -33.64 -44.04
CA THR D 54 -4.63 -33.56 -45.46
C THR D 54 -5.93 -32.78 -45.65
N PHE D 55 -6.95 -33.18 -44.89
CA PHE D 55 -8.25 -32.51 -44.80
C PHE D 55 -8.20 -31.22 -43.98
N THR D 56 -9.38 -30.63 -43.76
CA THR D 56 -9.53 -29.62 -42.71
C THR D 56 -10.40 -30.17 -41.58
N CYS D 57 -9.98 -29.88 -40.35
CA CYS D 57 -10.61 -30.47 -39.20
C CYS D 57 -11.67 -29.53 -38.66
N LYS D 58 -12.91 -30.03 -38.70
CA LYS D 58 -14.07 -29.31 -38.20
C LYS D 58 -14.42 -29.78 -36.80
N ALA D 59 -13.93 -30.97 -36.44
CA ALA D 59 -14.24 -31.58 -35.13
C ALA D 59 -13.26 -32.68 -34.71
N PHE D 60 -13.15 -32.91 -33.40
CA PHE D 60 -12.33 -34.01 -32.87
C PHE D 60 -12.96 -34.68 -31.64
N VAL D 61 -12.39 -35.82 -31.22
CA VAL D 61 -12.80 -36.48 -29.97
C VAL D 61 -11.56 -36.77 -29.14
N PHE D 62 -11.66 -36.59 -27.83
CA PHE D 62 -10.56 -36.92 -26.95
C PHE D 62 -10.92 -38.13 -26.08
N ASP D 63 -10.01 -39.10 -26.01
CA ASP D 63 -10.28 -40.27 -25.18
C ASP D 63 -9.80 -40.07 -23.75
N LYS D 64 -10.70 -40.23 -22.80
CA LYS D 64 -10.35 -40.10 -21.40
C LYS D 64 -9.57 -41.32 -20.87
N SER D 65 -9.86 -42.50 -21.40
CA SER D 65 -9.13 -43.71 -21.01
C SER D 65 -7.84 -43.94 -21.84
N ARG D 66 -8.02 -44.28 -23.11
CA ARG D 66 -6.88 -44.59 -24.00
C ARG D 66 -5.92 -43.40 -24.21
N LYS D 67 -6.46 -42.18 -24.12
CA LYS D 67 -5.73 -40.92 -24.28
C LYS D 67 -5.43 -40.50 -25.74
N ARG D 68 -5.79 -41.34 -26.70
CA ARG D 68 -5.66 -41.04 -28.13
C ARG D 68 -6.63 -39.92 -28.56
N CYS D 69 -6.41 -39.41 -29.76
CA CYS D 69 -7.21 -38.31 -30.26
C CYS D 69 -7.61 -38.58 -31.70
N TYR D 70 -8.91 -38.48 -31.99
CA TYR D 70 -9.42 -38.74 -33.32
C TYR D 70 -9.86 -37.43 -33.97
N TRP D 71 -9.38 -37.18 -35.19
CA TRP D 71 -9.68 -35.94 -35.94
C TRP D 71 -10.55 -36.16 -37.19
N TYR D 72 -11.70 -35.48 -37.26
CA TYR D 72 -12.62 -35.60 -38.42
C TYR D 72 -12.75 -34.31 -39.25
N PRO D 73 -13.04 -34.45 -40.55
CA PRO D 73 -13.34 -33.31 -41.41
C PRO D 73 -14.85 -33.11 -41.58
N PHE D 74 -15.62 -33.53 -40.59
CA PHE D 74 -17.07 -33.36 -40.59
C PHE D 74 -17.52 -33.11 -39.16
N ASN D 75 -18.78 -32.74 -38.96
CA ASN D 75 -19.28 -32.58 -37.60
C ASN D 75 -20.54 -33.41 -37.34
N SER D 76 -21.54 -32.85 -36.68
CA SER D 76 -22.78 -33.58 -36.43
C SER D 76 -23.76 -33.30 -37.54
N MET D 77 -23.44 -32.29 -38.34
CA MET D 77 -24.42 -31.73 -39.25
C MET D 77 -24.02 -31.99 -40.69
N SER D 78 -22.77 -32.45 -40.89
CA SER D 78 -22.33 -32.86 -42.22
C SER D 78 -23.04 -34.18 -42.53
N SER D 79 -23.73 -34.20 -43.67
CA SER D 79 -24.65 -35.29 -44.00
C SER D 79 -23.97 -36.66 -44.11
N GLY D 80 -24.50 -37.64 -43.40
CA GLY D 80 -24.01 -38.99 -43.48
C GLY D 80 -23.27 -39.41 -42.24
N VAL D 81 -23.31 -38.57 -41.21
CA VAL D 81 -22.67 -38.91 -39.96
C VAL D 81 -23.70 -39.19 -38.87
N LYS D 82 -23.45 -40.24 -38.10
CA LYS D 82 -24.26 -40.52 -36.93
C LYS D 82 -23.43 -40.25 -35.69
N LYS D 83 -24.11 -40.12 -34.56
CA LYS D 83 -23.43 -39.70 -33.34
C LYS D 83 -23.00 -40.91 -32.50
N GLY D 84 -23.82 -41.30 -31.54
CA GLY D 84 -23.43 -42.32 -30.61
C GLY D 84 -22.68 -41.71 -29.44
N PHE D 85 -21.85 -42.50 -28.77
CA PHE D 85 -21.32 -42.09 -27.47
C PHE D 85 -20.30 -43.07 -26.85
N GLY D 86 -19.95 -42.80 -25.61
CA GLY D 86 -19.00 -43.61 -24.87
C GLY D 86 -18.63 -42.81 -23.64
N HIS D 87 -18.37 -43.47 -22.52
CA HIS D 87 -18.09 -42.76 -21.27
C HIS D 87 -16.74 -42.02 -21.32
N GLU D 88 -15.82 -42.58 -22.08
CA GLU D 88 -14.45 -42.06 -22.16
C GLU D 88 -14.34 -40.93 -23.17
N PHE D 89 -15.37 -40.77 -23.99
CA PHE D 89 -15.31 -39.87 -25.12
C PHE D 89 -15.98 -38.52 -24.84
N ASP D 90 -15.41 -37.46 -25.42
CA ASP D 90 -15.98 -36.12 -25.42
C ASP D 90 -15.80 -35.53 -26.82
N LEU D 91 -16.90 -35.22 -27.50
CA LEU D 91 -16.83 -34.58 -28.83
C LEU D 91 -16.64 -33.06 -28.76
N TYR D 92 -15.69 -32.55 -29.53
CA TYR D 92 -15.39 -31.14 -29.60
C TYR D 92 -15.58 -30.64 -31.02
N GLU D 93 -16.56 -29.75 -31.22
CA GLU D 93 -16.82 -29.22 -32.56
C GLU D 93 -16.38 -27.78 -32.67
N ASN D 94 -15.64 -27.44 -33.72
CA ASN D 94 -15.20 -26.05 -33.94
C ASN D 94 -16.42 -25.17 -34.11
N LYS D 95 -16.62 -24.23 -33.18
CA LYS D 95 -17.84 -23.41 -33.17
C LYS D 95 -18.13 -22.76 -34.51
N ASP D 96 -17.09 -22.33 -35.23
CA ASP D 96 -17.24 -21.56 -36.45
C ASP D 96 -18.17 -22.19 -37.49
N TYR D 97 -18.16 -23.51 -37.56
CA TYR D 97 -18.97 -24.28 -38.53
C TYR D 97 -20.42 -24.38 -38.11
N ILE D 98 -20.69 -24.37 -36.81
CA ILE D 98 -22.03 -24.64 -36.34
C ILE D 98 -22.75 -23.44 -35.76
N ARG D 99 -22.12 -22.27 -35.82
CA ARG D 99 -22.57 -21.13 -35.04
C ARG D 99 -23.96 -20.60 -35.33
N ASN D 100 -24.12 -19.82 -36.41
CA ASN D 100 -25.37 -19.10 -36.78
C ASN D 100 -25.40 -17.62 -36.36
N CYS D 101 -24.30 -17.18 -35.79
CA CYS D 101 -24.15 -15.77 -35.47
C CYS D 101 -22.68 -15.39 -35.65
N ILE D 102 -22.38 -14.12 -35.42
CA ILE D 102 -21.12 -13.57 -35.87
C ILE D 102 -20.39 -12.68 -34.81
N ILE D 103 -19.07 -12.70 -34.79
CA ILE D 103 -18.30 -11.84 -33.88
C ILE D 103 -17.63 -10.70 -34.65
N GLY D 104 -18.17 -9.50 -34.52
CA GLY D 104 -17.60 -8.36 -35.22
C GLY D 104 -17.62 -8.47 -36.74
N LYS D 105 -16.46 -8.30 -37.36
CA LYS D 105 -16.33 -8.41 -38.82
C LYS D 105 -16.73 -9.83 -39.28
N GLY D 106 -16.54 -10.79 -38.39
CA GLY D 106 -16.91 -12.16 -38.61
C GLY D 106 -16.23 -12.88 -39.74
N GLY D 107 -14.94 -12.65 -39.91
CA GLY D 107 -14.19 -13.36 -40.93
C GLY D 107 -14.03 -14.83 -40.69
N SER D 108 -14.27 -15.27 -39.46
CA SER D 108 -14.14 -16.69 -39.12
C SER D 108 -15.46 -17.45 -39.28
N TYR D 109 -16.46 -16.78 -39.85
CA TYR D 109 -17.80 -17.36 -40.01
C TYR D 109 -17.85 -18.47 -41.05
N LYS D 110 -18.36 -19.64 -40.64
CA LYS D 110 -18.52 -20.77 -41.57
C LYS D 110 -19.89 -21.45 -41.44
N GLY D 111 -20.89 -20.64 -41.10
CA GLY D 111 -22.27 -21.10 -41.01
C GLY D 111 -22.88 -21.30 -42.38
N THR D 112 -24.21 -21.33 -42.48
CA THR D 112 -24.84 -21.75 -43.73
C THR D 112 -25.78 -20.75 -44.40
N VAL D 113 -25.76 -19.50 -43.95
CA VAL D 113 -26.50 -18.44 -44.61
C VAL D 113 -26.03 -18.29 -46.07
N SER D 114 -26.95 -18.26 -47.02
CA SER D 114 -26.59 -18.10 -48.43
C SER D 114 -27.56 -17.13 -49.12
N ILE D 115 -27.86 -16.03 -48.43
CA ILE D 115 -28.79 -15.02 -48.91
C ILE D 115 -28.27 -13.64 -48.51
N THR D 116 -28.35 -12.66 -49.42
CA THR D 116 -27.88 -11.30 -49.14
C THR D 116 -28.86 -10.47 -48.31
N LYS D 117 -28.40 -9.35 -47.75
CA LYS D 117 -29.26 -8.52 -46.88
C LYS D 117 -30.53 -8.06 -47.62
N SER D 118 -30.40 -7.82 -48.92
CA SER D 118 -31.56 -7.51 -49.74
C SER D 118 -32.41 -8.76 -49.99
N GLY D 119 -31.74 -9.89 -50.16
CA GLY D 119 -32.44 -11.16 -50.31
C GLY D 119 -32.23 -11.84 -51.65
N ILE D 120 -31.09 -11.64 -52.28
CA ILE D 120 -30.74 -12.38 -53.49
C ILE D 120 -30.02 -13.68 -53.12
N LYS D 121 -30.28 -14.75 -53.88
CA LYS D 121 -29.58 -16.02 -53.69
C LYS D 121 -28.11 -15.85 -54.10
N CYS D 122 -27.20 -16.42 -53.31
CA CYS D 122 -25.78 -16.27 -53.56
C CYS D 122 -25.28 -17.16 -54.70
N GLN D 123 -24.37 -16.63 -55.51
CA GLN D 123 -23.67 -17.43 -56.51
C GLN D 123 -22.65 -18.36 -55.84
N PRO D 124 -22.57 -19.61 -56.31
CA PRO D 124 -21.62 -20.56 -55.74
C PRO D 124 -20.17 -20.17 -56.02
N TRP D 125 -19.31 -20.33 -55.02
CA TRP D 125 -17.91 -19.95 -55.16
C TRP D 125 -17.16 -20.65 -56.30
N ASN D 126 -17.56 -21.89 -56.63
CA ASN D 126 -16.92 -22.63 -57.72
C ASN D 126 -17.54 -22.27 -59.04
N SER D 127 -18.19 -21.12 -59.12
CA SER D 127 -18.87 -20.73 -60.34
C SER D 127 -18.36 -19.39 -60.85
N MET D 128 -18.39 -19.22 -62.17
CA MET D 128 -17.98 -17.97 -62.79
C MET D 128 -19.17 -17.35 -63.51
N ILE D 129 -20.35 -17.74 -63.07
CA ILE D 129 -21.59 -17.33 -63.70
C ILE D 129 -22.49 -17.03 -62.54
N PRO D 130 -23.07 -15.83 -62.48
CA PRO D 130 -22.91 -14.69 -63.39
C PRO D 130 -21.52 -14.05 -63.35
N HIS D 131 -20.83 -14.10 -62.22
CA HIS D 131 -19.63 -13.31 -62.06
C HIS D 131 -18.33 -14.10 -62.07
N GLU D 132 -17.36 -13.64 -62.86
CA GLU D 132 -16.04 -14.22 -62.81
C GLU D 132 -15.30 -13.62 -61.63
N HIS D 133 -14.56 -14.46 -60.91
CA HIS D 133 -13.76 -14.00 -59.78
C HIS D 133 -12.60 -14.95 -59.54
N SER D 134 -11.77 -14.61 -58.58
CA SER D 134 -10.61 -15.43 -58.28
C SER D 134 -10.58 -15.90 -56.82
N PHE D 135 -11.76 -15.96 -56.21
CA PHE D 135 -11.90 -16.43 -54.84
C PHE D 135 -12.08 -17.92 -54.85
N LEU D 136 -10.97 -18.62 -55.08
CA LEU D 136 -11.03 -20.06 -55.17
C LEU D 136 -10.22 -20.71 -54.08
N PRO D 137 -10.84 -21.63 -53.31
CA PRO D 137 -10.36 -22.27 -52.08
C PRO D 137 -8.88 -22.67 -52.11
N SER D 138 -8.35 -22.96 -53.30
CA SER D 138 -6.91 -23.07 -53.50
C SER D 138 -6.14 -21.90 -52.86
N SER D 139 -6.64 -20.68 -53.06
CA SER D 139 -5.99 -19.46 -52.58
C SER D 139 -6.36 -19.06 -51.17
N TYR D 140 -7.49 -19.59 -50.68
CA TYR D 140 -7.98 -19.28 -49.34
C TYR D 140 -8.34 -20.56 -48.57
N ARG D 141 -7.36 -21.44 -48.33
CA ARG D 141 -7.66 -22.71 -47.68
C ARG D 141 -8.10 -22.46 -46.23
N GLY D 142 -8.93 -23.38 -45.70
CA GLY D 142 -9.44 -23.28 -44.34
C GLY D 142 -10.51 -22.21 -44.13
N LYS D 143 -10.73 -21.41 -45.17
CA LYS D 143 -11.70 -20.33 -45.15
C LYS D 143 -13.09 -20.79 -45.59
N ASP D 144 -13.20 -22.08 -45.96
CA ASP D 144 -14.49 -22.70 -46.28
C ASP D 144 -15.27 -21.95 -47.38
N LEU D 145 -14.64 -21.74 -48.54
CA LEU D 145 -15.35 -21.17 -49.69
C LEU D 145 -16.12 -22.28 -50.42
N GLN D 146 -17.13 -22.81 -49.73
CA GLN D 146 -17.94 -23.91 -50.26
C GLN D 146 -19.37 -23.49 -50.54
N GLU D 147 -20.01 -24.25 -51.41
CA GLU D 147 -21.39 -24.01 -51.79
C GLU D 147 -21.55 -22.56 -52.21
N ASN D 148 -22.62 -21.92 -51.75
CA ASN D 148 -22.82 -20.50 -52.01
C ASN D 148 -22.99 -19.80 -50.68
N TYR D 149 -22.20 -20.22 -49.70
CA TYR D 149 -22.33 -19.70 -48.33
C TYR D 149 -21.62 -18.37 -48.16
N CYS D 150 -22.19 -17.49 -47.35
CA CYS D 150 -21.59 -16.20 -47.07
C CYS D 150 -20.28 -16.38 -46.31
N ARG D 151 -19.22 -15.72 -46.76
CA ARG D 151 -17.92 -15.80 -46.06
C ARG D 151 -17.21 -14.44 -45.99
N ASN D 152 -16.21 -14.34 -45.13
CA ASN D 152 -15.39 -13.15 -45.12
C ASN D 152 -13.91 -13.51 -45.16
N PRO D 153 -13.47 -13.99 -46.32
CA PRO D 153 -12.11 -14.49 -46.54
C PRO D 153 -11.03 -13.45 -46.21
N ARG D 154 -11.21 -12.18 -46.60
CA ARG D 154 -10.13 -11.22 -46.44
C ARG D 154 -10.13 -10.48 -45.08
N GLY D 155 -11.09 -10.81 -44.21
CA GLY D 155 -11.22 -10.15 -42.93
C GLY D 155 -11.63 -8.68 -43.00
N GLU D 156 -12.60 -8.37 -43.84
CA GLU D 156 -13.00 -6.99 -44.12
C GLU D 156 -14.22 -6.49 -43.33
N GLU D 157 -14.49 -5.19 -43.44
CA GLU D 157 -15.39 -4.49 -42.53
C GLU D 157 -16.86 -4.91 -42.58
N GLY D 158 -17.36 -5.17 -43.79
CA GLY D 158 -18.78 -5.31 -44.00
C GLY D 158 -19.39 -6.59 -43.49
N GLY D 159 -18.58 -7.42 -42.84
CA GLY D 159 -19.02 -8.75 -42.45
C GLY D 159 -18.91 -9.67 -43.65
N PRO D 160 -19.46 -10.88 -43.56
CA PRO D 160 -19.44 -11.77 -44.72
C PRO D 160 -20.38 -11.28 -45.81
N TRP D 161 -20.21 -11.82 -47.00
CA TRP D 161 -20.83 -11.36 -48.21
C TRP D 161 -20.74 -12.52 -49.21
N CYS D 162 -21.14 -12.27 -50.45
CA CYS D 162 -21.04 -13.29 -51.50
C CYS D 162 -21.32 -12.70 -52.87
N PHE D 163 -20.85 -13.34 -53.93
CA PHE D 163 -21.25 -12.96 -55.27
C PHE D 163 -22.70 -13.39 -55.47
N THR D 164 -23.41 -12.68 -56.34
CA THR D 164 -24.89 -12.73 -56.39
C THR D 164 -25.47 -13.39 -57.65
N SER D 165 -26.51 -14.20 -57.47
CA SER D 165 -27.17 -14.92 -58.58
C SER D 165 -27.69 -13.98 -59.67
N ASN D 166 -27.89 -12.72 -59.27
CA ASN D 166 -28.37 -11.61 -60.10
C ASN D 166 -27.20 -10.95 -60.82
N PRO D 167 -27.26 -10.90 -62.16
CA PRO D 167 -26.10 -10.40 -62.91
C PRO D 167 -25.88 -8.92 -62.66
N GLU D 168 -26.91 -8.23 -62.16
CA GLU D 168 -26.81 -6.78 -61.94
C GLU D 168 -26.01 -6.44 -60.70
N VAL D 169 -26.28 -7.14 -59.59
CA VAL D 169 -25.49 -6.95 -58.38
C VAL D 169 -24.35 -7.95 -58.32
N ARG D 170 -23.11 -7.48 -58.48
CA ARG D 170 -21.95 -8.37 -58.42
C ARG D 170 -21.76 -8.99 -57.02
N TYR D 171 -21.85 -8.18 -55.97
CA TYR D 171 -21.69 -8.70 -54.61
C TYR D 171 -22.52 -7.88 -53.64
N GLU D 172 -23.17 -8.56 -52.71
CA GLU D 172 -23.79 -7.88 -51.60
C GLU D 172 -23.49 -8.63 -50.31
N VAL D 173 -23.23 -7.88 -49.24
CA VAL D 173 -23.04 -8.44 -47.91
C VAL D 173 -24.26 -9.22 -47.42
N CYS D 174 -24.02 -10.07 -46.43
CA CYS D 174 -25.07 -10.94 -45.92
C CYS D 174 -25.57 -10.44 -44.59
N ASP D 175 -26.81 -10.74 -44.24
CA ASP D 175 -27.30 -10.32 -42.94
C ASP D 175 -27.32 -11.42 -41.88
N ILE D 176 -26.28 -11.44 -41.04
CA ILE D 176 -26.12 -12.42 -39.96
C ILE D 176 -26.04 -11.71 -38.63
N PRO D 177 -26.83 -12.18 -37.66
CA PRO D 177 -26.91 -11.44 -36.40
C PRO D 177 -25.59 -11.57 -35.67
N GLN D 178 -25.30 -10.55 -34.85
CA GLN D 178 -24.16 -10.60 -33.94
C GLN D 178 -24.39 -11.58 -32.78
N CYS D 179 -23.32 -12.25 -32.34
CA CYS D 179 -23.43 -13.23 -31.26
C CYS D 179 -23.87 -12.58 -29.95
N SER D 180 -23.74 -11.26 -29.91
CA SER D 180 -24.13 -10.46 -28.76
C SER D 180 -25.61 -10.09 -28.82
N GLU D 181 -26.28 -10.43 -29.91
CA GLU D 181 -27.67 -10.02 -30.08
C GLU D 181 -28.64 -11.15 -30.47
N VAL D 182 -28.12 -12.22 -31.06
CA VAL D 182 -28.96 -13.33 -31.53
C VAL D 182 -29.92 -13.85 -30.44
N GLU D 183 -29.41 -14.15 -29.25
CA GLU D 183 -30.29 -14.29 -28.10
C GLU D 183 -30.19 -12.98 -27.35
N CYS D 184 -31.34 -12.35 -27.12
CA CYS D 184 -31.38 -11.15 -26.32
C CYS D 184 -31.58 -11.49 -24.84
N MET D 185 -31.18 -10.58 -23.95
CA MET D 185 -31.39 -10.81 -22.51
C MET D 185 -32.42 -9.87 -21.93
N THR D 186 -32.91 -10.20 -20.74
CA THR D 186 -33.84 -9.33 -20.00
C THR D 186 -33.44 -9.29 -18.54
N ALA D 187 -33.95 -8.29 -17.80
CA ALA D 187 -33.53 -8.01 -16.42
C ALA D 187 -32.01 -8.01 -16.24
N ASN D 188 -31.53 -8.90 -15.37
CA ASN D 188 -30.11 -8.96 -15.06
C ASN D 188 -29.35 -10.08 -15.78
N GLY D 189 -30.06 -10.85 -16.58
CA GLY D 189 -29.46 -11.90 -17.38
C GLY D 189 -29.24 -13.24 -16.68
N GLU D 190 -29.89 -13.44 -15.54
CA GLU D 190 -29.73 -14.69 -14.85
C GLU D 190 -30.31 -15.78 -15.74
N SER D 191 -31.27 -15.39 -16.57
CA SER D 191 -31.88 -16.31 -17.54
C SER D 191 -31.07 -16.51 -18.83
N TYR D 192 -30.03 -15.72 -19.05
CA TYR D 192 -29.29 -15.73 -20.33
C TYR D 192 -28.62 -17.06 -20.60
N ARG D 193 -28.95 -17.69 -21.74
CA ARG D 193 -28.29 -18.92 -22.18
C ARG D 193 -27.87 -18.88 -23.66
N GLY D 194 -27.58 -17.68 -24.16
CA GLY D 194 -27.10 -17.48 -25.52
C GLY D 194 -25.63 -17.78 -25.72
N PRO D 195 -25.16 -17.65 -26.99
CA PRO D 195 -23.88 -18.16 -27.48
C PRO D 195 -22.70 -17.17 -27.43
N MET D 196 -22.84 -16.07 -26.69
CA MET D 196 -21.83 -15.02 -26.69
C MET D 196 -20.59 -15.46 -25.92
N ASP D 197 -19.43 -15.44 -26.57
CA ASP D 197 -18.25 -15.97 -25.90
C ASP D 197 -17.13 -14.96 -25.69
N HIS D 198 -17.43 -13.67 -25.89
CA HIS D 198 -16.43 -12.61 -25.72
C HIS D 198 -16.93 -11.51 -24.82
N THR D 199 -16.01 -10.93 -24.05
CA THR D 199 -16.37 -9.90 -23.07
C THR D 199 -16.66 -8.57 -23.74
N GLU D 200 -17.13 -7.62 -22.94
CA GLU D 200 -17.36 -6.26 -23.41
C GLU D 200 -16.07 -5.59 -23.93
N SER D 201 -14.91 -6.01 -23.45
CA SER D 201 -13.66 -5.41 -23.93
C SER D 201 -12.97 -6.26 -25.00
N GLY D 202 -13.69 -7.28 -25.48
CA GLY D 202 -13.21 -8.11 -26.58
C GLY D 202 -12.28 -9.23 -26.14
N LYS D 203 -12.16 -9.43 -24.83
CA LYS D 203 -11.39 -10.54 -24.32
C LYS D 203 -12.14 -11.86 -24.55
N THR D 204 -11.40 -12.95 -24.63
CA THR D 204 -11.99 -14.25 -24.88
C THR D 204 -12.36 -14.87 -23.55
N CYS D 205 -13.51 -15.53 -23.50
CA CYS D 205 -13.98 -16.13 -22.25
C CYS D 205 -13.31 -17.47 -21.99
N GLN D 206 -12.75 -17.63 -20.79
CA GLN D 206 -12.27 -18.93 -20.31
C GLN D 206 -13.46 -19.90 -20.20
N ARG D 207 -13.19 -21.20 -20.38
CA ARG D 207 -14.27 -22.17 -20.25
C ARG D 207 -14.50 -22.47 -18.76
N TRP D 208 -15.74 -22.77 -18.39
CA TRP D 208 -16.09 -22.95 -16.98
C TRP D 208 -15.54 -24.25 -16.42
N ASP D 209 -15.24 -25.20 -17.30
CA ASP D 209 -14.66 -26.49 -16.91
C ASP D 209 -13.14 -26.41 -16.87
N GLN D 210 -12.62 -25.18 -16.76
CA GLN D 210 -11.20 -24.95 -16.68
C GLN D 210 -10.94 -24.19 -15.39
N GLN D 211 -9.79 -24.46 -14.78
CA GLN D 211 -9.38 -23.71 -13.59
C GLN D 211 -8.09 -22.96 -13.89
N THR D 212 -7.78 -22.88 -15.18
CA THR D 212 -6.68 -22.09 -15.68
C THR D 212 -7.23 -21.22 -16.82
N PRO D 213 -6.76 -19.96 -16.96
CA PRO D 213 -5.71 -19.29 -16.17
C PRO D 213 -6.20 -18.76 -14.83
N HIS D 214 -7.49 -18.88 -14.55
CA HIS D 214 -8.05 -18.45 -13.28
C HIS D 214 -8.83 -19.58 -12.64
N ARG D 215 -8.42 -20.00 -11.43
CA ARG D 215 -9.18 -20.95 -10.64
C ARG D 215 -10.44 -20.26 -10.12
N HIS D 216 -11.55 -21.00 -10.09
CA HIS D 216 -12.82 -20.45 -9.63
C HIS D 216 -13.73 -21.55 -9.12
N LYS D 217 -14.73 -21.17 -8.33
CA LYS D 217 -15.61 -22.12 -7.65
C LYS D 217 -16.69 -22.70 -8.56
N PHE D 218 -16.89 -22.07 -9.71
CA PHE D 218 -17.99 -22.46 -10.60
C PHE D 218 -17.74 -23.72 -11.41
N LEU D 219 -17.56 -24.83 -10.69
CA LEU D 219 -17.47 -26.11 -11.33
C LEU D 219 -18.82 -26.44 -11.93
N PRO D 220 -18.85 -26.81 -13.21
CA PRO D 220 -20.13 -27.00 -13.91
C PRO D 220 -20.94 -28.16 -13.34
N GLU D 221 -20.27 -29.07 -12.64
CA GLU D 221 -20.89 -30.23 -12.02
C GLU D 221 -21.74 -29.83 -10.79
N ARG D 222 -21.28 -28.79 -10.10
CA ARG D 222 -21.96 -28.33 -8.90
C ARG D 222 -23.13 -27.40 -9.21
N TYR D 223 -23.18 -26.92 -10.45
CA TYR D 223 -24.18 -25.95 -10.86
C TYR D 223 -24.94 -26.33 -12.14
N PRO D 224 -25.90 -27.26 -12.02
CA PRO D 224 -26.70 -27.73 -13.16
C PRO D 224 -27.72 -26.69 -13.64
N ASP D 225 -27.95 -25.68 -12.81
CA ASP D 225 -29.02 -24.71 -13.02
C ASP D 225 -28.59 -23.46 -13.82
N LYS D 226 -27.29 -23.29 -14.00
CA LYS D 226 -26.77 -22.01 -14.48
C LYS D 226 -26.38 -22.03 -15.96
N GLY D 227 -26.33 -23.22 -16.55
CA GLY D 227 -25.98 -23.37 -17.96
C GLY D 227 -24.51 -23.13 -18.29
N PHE D 228 -23.62 -23.60 -17.42
CA PHE D 228 -22.17 -23.45 -17.61
C PHE D 228 -21.62 -24.34 -18.71
N ASP D 229 -22.17 -24.27 -19.92
CA ASP D 229 -21.65 -25.07 -21.02
C ASP D 229 -20.59 -24.27 -21.72
N ASP D 230 -19.52 -24.93 -22.14
CA ASP D 230 -18.43 -24.26 -22.86
C ASP D 230 -17.90 -23.03 -22.14
N ASN D 231 -17.86 -21.90 -22.85
CA ASN D 231 -17.25 -20.67 -22.32
C ASN D 231 -18.12 -19.43 -22.46
N TYR D 232 -19.44 -19.63 -22.52
CA TYR D 232 -20.34 -18.52 -22.75
C TYR D 232 -20.56 -17.62 -21.53
N CYS D 233 -20.71 -16.32 -21.78
CA CYS D 233 -21.14 -15.34 -20.80
C CYS D 233 -22.37 -15.86 -20.05
N ARG D 234 -22.35 -15.68 -18.74
CA ARG D 234 -23.42 -16.15 -17.87
C ARG D 234 -23.47 -15.25 -16.62
N ASN D 235 -24.55 -15.41 -15.86
CA ASN D 235 -24.73 -14.67 -14.62
C ASN D 235 -25.36 -15.57 -13.58
N PRO D 236 -24.52 -16.36 -12.89
CA PRO D 236 -24.98 -17.35 -11.89
C PRO D 236 -25.27 -16.72 -10.54
N ASP D 237 -24.54 -15.65 -10.20
CA ASP D 237 -24.56 -15.04 -8.88
C ASP D 237 -25.59 -13.91 -8.73
N GLY D 238 -25.73 -13.08 -9.76
CA GLY D 238 -26.77 -12.07 -9.77
C GLY D 238 -26.35 -10.66 -10.12
N LYS D 239 -25.12 -10.52 -10.65
CA LYS D 239 -24.62 -9.23 -11.14
C LYS D 239 -25.63 -8.54 -12.09
N PRO D 240 -25.44 -7.23 -12.35
CA PRO D 240 -26.40 -6.55 -13.23
C PRO D 240 -26.52 -7.13 -14.65
N ARG D 241 -25.52 -7.90 -15.08
CA ARG D 241 -25.44 -8.42 -16.45
C ARG D 241 -24.50 -9.63 -16.50
N PRO D 242 -24.62 -10.50 -17.53
CA PRO D 242 -23.82 -11.72 -17.62
C PRO D 242 -22.33 -11.46 -17.84
N TRP D 243 -21.49 -12.37 -17.35
CA TRP D 243 -20.04 -12.18 -17.37
C TRP D 243 -19.38 -13.50 -17.62
N CYS D 244 -18.04 -13.52 -17.49
CA CYS D 244 -17.29 -14.75 -17.63
C CYS D 244 -15.85 -14.50 -17.22
N TYR D 245 -15.12 -15.55 -16.88
CA TYR D 245 -13.70 -15.44 -16.62
C TYR D 245 -12.94 -15.33 -17.92
N THR D 246 -11.88 -14.54 -17.94
CA THR D 246 -11.17 -14.25 -19.17
C THR D 246 -9.82 -14.98 -19.27
N LEU D 247 -9.32 -15.09 -20.50
CA LEU D 247 -8.03 -15.72 -20.76
C LEU D 247 -6.90 -14.71 -20.64
N ASP D 248 -7.19 -13.56 -20.04
CA ASP D 248 -6.16 -12.56 -19.79
C ASP D 248 -5.89 -12.65 -18.31
N PRO D 249 -4.72 -13.18 -17.94
CA PRO D 249 -4.37 -13.44 -16.53
C PRO D 249 -4.36 -12.17 -15.64
N ASP D 250 -4.25 -11.00 -16.26
CA ASP D 250 -4.29 -9.72 -15.55
C ASP D 250 -5.73 -9.21 -15.43
N THR D 251 -6.68 -10.12 -15.63
CA THR D 251 -8.09 -9.77 -15.68
C THR D 251 -8.90 -11.05 -15.48
N PRO D 252 -9.09 -11.45 -14.22
CA PRO D 252 -9.90 -12.64 -13.92
C PRO D 252 -11.20 -12.66 -14.71
N TRP D 253 -12.15 -11.80 -14.37
CA TRP D 253 -13.44 -11.84 -15.03
C TRP D 253 -13.88 -10.48 -15.55
N GLU D 254 -14.88 -10.48 -16.41
CA GLU D 254 -15.35 -9.25 -17.00
C GLU D 254 -16.78 -9.39 -17.51
N TYR D 255 -17.53 -8.29 -17.41
CA TYR D 255 -18.89 -8.24 -17.93
C TYR D 255 -18.94 -8.42 -19.46
N CYS D 256 -20.05 -9.00 -19.94
CA CYS D 256 -20.28 -9.11 -21.38
C CYS D 256 -21.31 -8.05 -21.85
N ALA D 257 -21.48 -7.90 -23.16
CA ALA D 257 -22.39 -6.88 -23.66
C ALA D 257 -23.48 -7.45 -24.57
N ILE D 258 -24.45 -8.12 -23.96
CA ILE D 258 -25.56 -8.74 -24.69
C ILE D 258 -26.72 -7.78 -24.90
N LYS D 259 -27.14 -7.61 -26.16
CA LYS D 259 -28.31 -6.77 -26.49
C LYS D 259 -29.56 -7.07 -25.64
N THR D 260 -30.32 -6.03 -25.32
CA THR D 260 -31.50 -6.18 -24.49
C THR D 260 -32.73 -6.41 -25.36
N CYS D 261 -33.66 -7.20 -24.86
CA CYS D 261 -34.87 -7.51 -25.60
C CYS D 261 -35.79 -6.31 -25.67
N ALA D 262 -35.79 -5.62 -26.81
CA ALA D 262 -36.70 -4.53 -27.04
C ALA D 262 -37.58 -4.79 -28.28
N ARG E 9 1.95 28.10 -4.65
CA ARG E 9 0.87 27.21 -4.21
C ARG E 9 -0.44 27.49 -4.98
N ASN E 10 -0.37 27.53 -6.30
CA ASN E 10 -1.52 27.87 -7.16
C ASN E 10 -2.53 26.73 -7.23
N THR E 11 -3.78 26.99 -6.83
CA THR E 11 -4.73 25.88 -6.63
C THR E 11 -6.17 26.04 -7.12
N LEU E 12 -6.47 27.04 -7.93
CA LEU E 12 -7.87 27.23 -8.33
C LEU E 12 -8.31 26.15 -9.32
N HIS E 13 -7.33 25.43 -9.86
CA HIS E 13 -7.56 24.47 -10.93
C HIS E 13 -8.28 23.19 -10.47
N GLU E 14 -8.36 23.00 -9.16
CA GLU E 14 -8.97 21.83 -8.53
C GLU E 14 -10.48 22.01 -8.43
N PHE E 15 -10.97 23.15 -8.91
CA PHE E 15 -12.37 23.53 -8.71
C PHE E 15 -13.22 23.60 -9.98
N LYS E 16 -14.54 23.51 -9.78
CA LYS E 16 -15.53 23.57 -10.84
C LYS E 16 -16.47 24.80 -10.73
N LYS E 17 -16.20 25.77 -11.60
CA LYS E 17 -16.91 27.05 -11.64
C LYS E 17 -18.35 26.89 -12.14
N SER E 18 -19.28 27.45 -11.37
CA SER E 18 -20.68 27.56 -11.76
C SER E 18 -21.05 28.95 -11.37
N ALA E 19 -20.83 29.89 -12.30
CA ALA E 19 -20.91 31.33 -12.02
C ALA E 19 -22.33 31.84 -11.76
N LYS E 20 -22.43 33.08 -11.26
CA LYS E 20 -23.70 33.74 -10.97
C LYS E 20 -24.62 32.87 -10.10
N THR E 21 -24.02 32.09 -9.20
CA THR E 21 -24.75 31.14 -8.35
C THR E 21 -24.32 31.27 -6.90
N THR E 22 -25.01 30.57 -6.00
CA THR E 22 -24.76 30.66 -4.58
C THR E 22 -25.44 29.51 -3.91
N LEU E 23 -24.72 28.78 -3.06
CA LEU E 23 -25.38 27.73 -2.33
C LEU E 23 -26.02 28.36 -1.11
N THR E 24 -27.10 27.74 -0.62
CA THR E 24 -27.71 28.09 0.67
C THR E 24 -28.42 26.86 1.20
N LYS E 25 -28.11 26.45 2.43
CA LYS E 25 -28.89 25.40 3.07
C LYS E 25 -30.10 26.08 3.71
N GLU E 26 -30.58 25.57 4.84
CA GLU E 26 -31.68 26.22 5.57
C GLU E 26 -31.48 26.07 7.07
N ASP E 27 -30.57 25.15 7.43
CA ASP E 27 -30.19 24.89 8.82
C ASP E 27 -30.06 26.19 9.63
N PRO E 28 -31.04 26.45 10.52
CA PRO E 28 -31.24 27.69 11.27
C PRO E 28 -29.96 28.31 11.82
N LEU E 29 -29.66 29.52 11.37
CA LEU E 29 -28.40 30.23 11.65
C LEU E 29 -27.14 29.48 11.15
N LEU E 30 -26.48 28.72 12.03
CA LEU E 30 -25.29 27.93 11.68
C LEU E 30 -24.05 28.78 11.31
N LYS E 31 -22.86 28.21 11.52
CA LYS E 31 -21.59 28.91 11.33
C LYS E 31 -21.04 28.94 9.89
N ILE E 32 -21.19 30.09 9.21
CA ILE E 32 -20.67 30.26 7.85
C ILE E 32 -19.42 31.14 7.78
N LYS E 33 -18.27 30.51 7.54
CA LYS E 33 -17.00 31.23 7.56
C LYS E 33 -16.90 32.28 6.42
N THR E 34 -16.32 33.45 6.72
CA THR E 34 -16.19 34.56 5.79
C THR E 34 -14.89 35.36 5.99
N LYS E 35 -14.38 35.97 4.92
CA LYS E 35 -13.27 36.93 5.01
C LYS E 35 -13.10 37.70 3.71
N LYS E 36 -12.85 38.99 3.82
CA LYS E 36 -12.42 39.75 2.65
C LYS E 36 -10.99 39.30 2.26
N VAL E 37 -10.74 39.15 0.96
CA VAL E 37 -9.43 38.72 0.47
C VAL E 37 -9.23 39.13 -1.01
N ASN E 38 -8.00 39.12 -1.52
CA ASN E 38 -7.72 39.71 -2.85
C ASN E 38 -8.06 38.88 -4.11
N SER E 39 -7.67 37.61 -4.17
CA SER E 39 -7.98 36.77 -5.34
C SER E 39 -8.78 35.51 -4.99
N ALA E 40 -9.48 34.98 -5.99
CA ALA E 40 -10.21 33.75 -5.81
C ALA E 40 -9.23 32.65 -5.43
N ASP E 41 -8.00 32.77 -5.89
CA ASP E 41 -6.97 31.76 -5.64
C ASP E 41 -6.60 31.64 -4.15
N GLU E 42 -6.85 32.69 -3.37
CA GLU E 42 -6.62 32.61 -1.92
C GLU E 42 -7.76 31.84 -1.22
N CYS E 43 -9.01 32.15 -1.53
CA CYS E 43 -10.14 31.37 -1.01
C CYS E 43 -9.97 29.92 -1.38
N ALA E 44 -9.39 29.69 -2.55
CA ALA E 44 -9.08 28.35 -3.06
C ALA E 44 -8.12 27.61 -2.15
N ASN E 45 -6.98 28.26 -1.87
CA ASN E 45 -5.97 27.73 -0.95
C ASN E 45 -6.59 27.34 0.36
N ARG E 46 -7.33 28.29 0.94
CA ARG E 46 -8.05 28.09 2.18
C ARG E 46 -9.01 26.91 2.11
N CYS E 47 -9.67 26.73 0.97
CA CYS E 47 -10.67 25.68 0.87
C CYS E 47 -10.05 24.30 0.86
N ILE E 48 -8.76 24.19 0.58
CA ILE E 48 -8.17 22.85 0.56
C ILE E 48 -7.28 22.52 1.76
N ARG E 49 -6.62 23.54 2.31
CA ARG E 49 -5.83 23.43 3.52
C ARG E 49 -6.75 23.39 4.73
N ASN E 50 -7.86 24.13 4.62
CA ASN E 50 -8.86 24.27 5.68
C ASN E 50 -8.31 24.76 7.00
N ARG E 51 -7.31 25.64 7.00
CA ARG E 51 -6.74 26.08 8.28
C ARG E 51 -7.62 27.11 8.98
N GLY E 52 -7.94 26.83 10.23
CA GLY E 52 -8.77 27.71 11.04
C GLY E 52 -10.20 27.23 11.08
N PHE E 53 -10.54 26.33 10.16
CA PHE E 53 -11.93 25.92 9.99
C PHE E 53 -12.31 24.95 11.08
N THR E 54 -13.60 24.63 11.14
CA THR E 54 -14.14 23.61 12.04
C THR E 54 -14.68 22.50 11.18
N PHE E 55 -14.56 22.68 9.87
CA PHE E 55 -15.10 21.72 8.94
C PHE E 55 -14.20 21.55 7.74
N THR E 56 -14.38 20.46 7.02
CA THR E 56 -13.65 20.29 5.79
C THR E 56 -14.48 21.00 4.71
N CYS E 57 -13.83 21.90 3.96
CA CYS E 57 -14.53 22.71 3.00
C CYS E 57 -14.73 21.96 1.67
N LYS E 58 -15.93 22.00 1.13
CA LYS E 58 -16.23 21.33 -0.14
C LYS E 58 -16.53 22.30 -1.29
N ALA E 59 -16.77 23.57 -0.95
CA ALA E 59 -17.11 24.58 -1.95
C ALA E 59 -17.07 25.97 -1.34
N PHE E 60 -16.84 26.99 -2.17
CA PHE E 60 -16.95 28.36 -1.70
C PHE E 60 -17.54 29.31 -2.74
N VAL E 61 -17.94 30.49 -2.28
CA VAL E 61 -18.25 31.58 -3.20
C VAL E 61 -17.08 32.56 -3.23
N PHE E 62 -17.07 33.47 -4.22
CA PHE E 62 -16.05 34.51 -4.28
C PHE E 62 -16.72 35.74 -4.84
N ASP E 63 -16.92 36.74 -3.99
CA ASP E 63 -17.47 38.01 -4.44
C ASP E 63 -16.37 38.75 -5.21
N LYS E 64 -16.69 39.26 -6.41
CA LYS E 64 -15.71 40.05 -7.17
C LYS E 64 -15.56 41.47 -6.63
N SER E 65 -16.68 42.12 -6.35
CA SER E 65 -16.67 43.46 -5.77
C SER E 65 -16.23 43.38 -4.32
N ARG E 66 -17.15 42.93 -3.47
CA ARG E 66 -17.02 42.99 -2.02
C ARG E 66 -15.74 42.35 -1.45
N LYS E 67 -15.08 41.54 -2.28
CA LYS E 67 -13.90 40.76 -1.90
C LYS E 67 -14.16 39.68 -0.84
N ARG E 68 -15.43 39.34 -0.61
CA ARG E 68 -15.78 38.35 0.41
C ARG E 68 -15.83 36.89 -0.10
N CYS E 69 -15.23 35.99 0.67
CA CYS E 69 -15.21 34.56 0.36
C CYS E 69 -16.13 33.85 1.36
N TYR E 70 -17.06 33.04 0.86
CA TYR E 70 -17.95 32.26 1.73
C TYR E 70 -17.64 30.76 1.66
N TRP E 71 -17.21 30.18 2.78
CA TRP E 71 -16.76 28.78 2.79
C TRP E 71 -17.79 27.76 3.27
N TYR E 72 -18.17 26.85 2.38
CA TYR E 72 -19.21 25.86 2.65
C TYR E 72 -18.66 24.48 3.01
N PRO E 73 -19.26 23.84 4.04
CA PRO E 73 -18.98 22.45 4.41
C PRO E 73 -19.80 21.44 3.59
N PHE E 74 -20.40 21.92 2.51
CA PHE E 74 -21.21 21.08 1.63
C PHE E 74 -21.19 21.65 0.22
N ASN E 75 -21.51 20.82 -0.76
CA ASN E 75 -21.58 21.28 -2.15
C ASN E 75 -23.03 21.30 -2.64
N SER E 76 -23.24 21.53 -3.93
CA SER E 76 -24.59 21.72 -4.44
C SER E 76 -25.40 20.45 -4.51
N MET E 77 -24.77 19.31 -4.24
CA MET E 77 -25.49 18.04 -4.29
C MET E 77 -25.64 17.45 -2.90
N SER E 78 -25.36 18.27 -1.89
CA SER E 78 -25.40 17.79 -0.52
C SER E 78 -26.82 17.80 0.01
N SER E 79 -27.01 17.11 1.14
CA SER E 79 -28.33 16.80 1.68
C SER E 79 -29.14 18.05 2.03
N GLY E 80 -29.80 18.61 1.01
CA GLY E 80 -30.76 19.68 1.24
C GLY E 80 -30.24 21.09 1.12
N VAL E 81 -29.77 21.47 -0.06
CA VAL E 81 -29.34 22.84 -0.33
C VAL E 81 -29.93 23.32 -1.67
N LYS E 82 -29.98 24.63 -1.88
CA LYS E 82 -30.52 25.20 -3.11
C LYS E 82 -29.53 26.17 -3.76
N LYS E 83 -29.78 26.61 -4.99
CA LYS E 83 -28.81 27.46 -5.67
C LYS E 83 -29.17 28.96 -5.68
N GLY E 84 -28.24 29.78 -6.18
CA GLY E 84 -28.32 31.23 -6.06
C GLY E 84 -28.14 32.03 -7.34
N PHE E 85 -27.84 33.32 -7.19
CA PHE E 85 -28.00 34.32 -8.25
C PHE E 85 -27.20 35.60 -7.93
N GLY E 86 -27.04 36.49 -8.90
CA GLY E 86 -26.42 37.78 -8.65
C GLY E 86 -25.04 37.96 -9.27
N HIS E 87 -24.95 38.85 -10.26
CA HIS E 87 -23.78 39.04 -11.14
C HIS E 87 -22.38 38.89 -10.54
N GLU E 88 -22.24 39.28 -9.28
CA GLU E 88 -20.93 39.35 -8.63
C GLU E 88 -20.46 38.00 -8.15
N PHE E 89 -21.41 37.08 -7.97
CA PHE E 89 -21.15 35.78 -7.32
C PHE E 89 -20.66 34.66 -8.23
N ASP E 90 -19.62 33.98 -7.78
CA ASP E 90 -19.11 32.79 -8.46
C ASP E 90 -18.99 31.63 -7.47
N LEU E 91 -19.85 30.63 -7.61
CA LEU E 91 -19.67 29.37 -6.89
C LEU E 91 -18.48 28.61 -7.45
N TYR E 92 -17.63 28.07 -6.56
CA TYR E 92 -16.61 27.12 -6.96
C TYR E 92 -16.75 25.86 -6.11
N GLU E 93 -16.69 24.68 -6.74
CA GLU E 93 -16.85 23.40 -6.02
C GLU E 93 -15.64 22.50 -6.20
N ASN E 94 -15.11 22.00 -5.09
CA ASN E 94 -14.02 21.05 -5.15
C ASN E 94 -14.34 19.84 -6.02
N LYS E 95 -13.51 19.61 -7.04
CA LYS E 95 -13.73 18.52 -8.00
C LYS E 95 -13.69 17.11 -7.40
N ASP E 96 -12.96 16.92 -6.30
CA ASP E 96 -12.87 15.61 -5.70
C ASP E 96 -14.24 15.08 -5.31
N TYR E 97 -15.12 15.97 -4.87
CA TYR E 97 -16.38 15.56 -4.32
C TYR E 97 -17.49 15.41 -5.34
N ILE E 98 -17.21 15.71 -6.61
CA ILE E 98 -18.31 15.74 -7.59
C ILE E 98 -17.99 15.15 -8.95
N ARG E 99 -16.82 14.56 -9.12
CA ARG E 99 -16.28 14.29 -10.45
C ARG E 99 -16.92 13.18 -11.28
N ASN E 100 -17.56 12.20 -10.63
CA ASN E 100 -18.12 11.02 -11.36
C ASN E 100 -17.08 10.17 -12.14
N CYS E 101 -15.80 10.48 -11.99
CA CYS E 101 -14.75 9.71 -12.63
C CYS E 101 -13.44 9.89 -11.84
N ILE E 102 -12.51 8.97 -12.09
CA ILE E 102 -11.33 8.77 -11.27
C ILE E 102 -10.18 9.23 -12.13
N ILE E 103 -9.11 9.80 -11.56
CA ILE E 103 -7.88 9.96 -12.35
C ILE E 103 -6.80 9.01 -11.84
N GLY E 104 -6.44 8.04 -12.67
CA GLY E 104 -5.49 7.02 -12.27
C GLY E 104 -6.06 6.09 -11.21
N LYS E 105 -5.39 6.03 -10.06
CA LYS E 105 -5.75 5.04 -9.06
C LYS E 105 -6.94 5.50 -8.23
N GLY E 106 -7.39 6.71 -8.51
CA GLY E 106 -8.49 7.30 -7.76
C GLY E 106 -8.16 7.61 -6.31
N GLY E 107 -6.90 7.95 -6.05
CA GLY E 107 -6.45 8.21 -4.70
C GLY E 107 -7.19 9.34 -4.04
N SER E 108 -7.55 10.36 -4.83
CA SER E 108 -8.21 11.51 -4.28
C SER E 108 -9.74 11.57 -4.48
N TYR E 109 -10.34 10.57 -5.13
CA TYR E 109 -11.80 10.50 -5.32
C TYR E 109 -12.59 10.59 -4.02
N LYS E 110 -13.52 11.54 -3.96
CA LYS E 110 -14.37 11.65 -2.79
C LYS E 110 -15.85 11.74 -3.19
N GLY E 111 -16.21 11.04 -4.26
CA GLY E 111 -17.56 11.04 -4.77
C GLY E 111 -18.51 10.10 -4.05
N THR E 112 -19.72 9.96 -4.59
CA THR E 112 -20.81 9.35 -3.84
C THR E 112 -21.21 7.97 -4.32
N VAL E 113 -20.35 7.32 -5.09
CA VAL E 113 -20.66 5.96 -5.50
C VAL E 113 -20.65 5.11 -4.25
N SER E 114 -21.62 4.21 -4.13
CA SER E 114 -21.65 3.27 -3.01
C SER E 114 -21.98 1.84 -3.51
N ILE E 115 -21.51 1.54 -4.71
CA ILE E 115 -21.84 0.28 -5.37
C ILE E 115 -20.59 -0.40 -5.92
N THR E 116 -20.40 -1.68 -5.54
CA THR E 116 -19.29 -2.48 -6.01
C THR E 116 -19.48 -2.85 -7.47
N LYS E 117 -18.42 -3.20 -8.18
CA LYS E 117 -18.57 -3.50 -9.60
C LYS E 117 -19.53 -4.67 -9.84
N SER E 118 -19.72 -5.53 -8.81
CA SER E 118 -20.72 -6.61 -8.86
C SER E 118 -22.14 -6.15 -8.47
N GLY E 119 -22.27 -4.92 -7.97
CA GLY E 119 -23.59 -4.35 -7.79
C GLY E 119 -23.99 -4.28 -6.34
N ILE E 120 -23.10 -4.72 -5.45
CA ILE E 120 -23.43 -4.72 -4.02
C ILE E 120 -23.33 -3.33 -3.35
N LYS E 121 -24.35 -3.01 -2.55
CA LYS E 121 -24.38 -1.82 -1.70
C LYS E 121 -23.22 -1.94 -0.73
N CYS E 122 -22.46 -0.87 -0.55
CA CYS E 122 -21.30 -0.91 0.33
C CYS E 122 -21.62 -0.88 1.82
N GLN E 123 -20.88 -1.68 2.59
CA GLN E 123 -20.87 -1.56 4.04
C GLN E 123 -20.32 -0.18 4.43
N PRO E 124 -21.01 0.51 5.35
CA PRO E 124 -20.59 1.84 5.78
C PRO E 124 -19.24 1.79 6.49
N TRP E 125 -18.33 2.71 6.16
CA TRP E 125 -16.96 2.67 6.71
C TRP E 125 -16.87 2.66 8.23
N ASN E 126 -17.97 3.00 8.87
CA ASN E 126 -17.92 3.16 10.29
C ASN E 126 -18.55 1.99 11.02
N SER E 127 -19.05 1.04 10.25
CA SER E 127 -19.59 -0.18 10.86
C SER E 127 -18.59 -1.32 10.76
N MET E 128 -18.70 -2.27 11.68
CA MET E 128 -17.87 -3.47 11.64
C MET E 128 -18.73 -4.70 11.38
N ILE E 129 -20.01 -4.46 11.13
CA ILE E 129 -20.95 -5.51 10.73
C ILE E 129 -21.40 -5.16 9.34
N PRO E 130 -21.33 -6.12 8.40
CA PRO E 130 -20.97 -7.51 8.62
C PRO E 130 -19.49 -7.85 8.40
N HIS E 131 -18.63 -6.86 8.18
CA HIS E 131 -17.19 -7.14 8.11
C HIS E 131 -16.39 -6.22 9.05
N GLU E 132 -15.61 -6.78 9.98
CA GLU E 132 -14.83 -5.90 10.83
C GLU E 132 -13.52 -5.53 10.13
N HIS E 133 -13.01 -4.33 10.39
CA HIS E 133 -11.83 -3.84 9.69
C HIS E 133 -11.08 -2.80 10.51
N SER E 134 -9.97 -2.32 9.96
CA SER E 134 -9.09 -1.35 10.60
C SER E 134 -9.18 0.02 9.96
N PHE E 135 -10.00 0.13 8.92
CA PHE E 135 -10.13 1.37 8.16
C PHE E 135 -11.04 2.42 8.83
N LEU E 136 -10.51 2.98 9.91
CA LEU E 136 -11.17 3.98 10.71
C LEU E 136 -10.81 5.31 10.08
N PRO E 137 -11.75 6.28 10.12
CA PRO E 137 -11.44 7.63 9.61
C PRO E 137 -10.21 8.23 10.30
N SER E 138 -10.11 8.08 11.62
CA SER E 138 -8.95 8.61 12.34
C SER E 138 -7.61 8.02 11.91
N SER E 139 -7.66 6.89 11.22
CA SER E 139 -6.43 6.25 10.76
C SER E 139 -6.14 6.66 9.33
N TYR E 140 -7.14 7.17 8.65
CA TYR E 140 -6.97 7.53 7.25
C TYR E 140 -7.49 8.95 6.97
N ARG E 141 -6.95 9.91 7.71
CA ARG E 141 -7.46 11.27 7.67
C ARG E 141 -7.02 11.98 6.42
N GLY E 142 -8.01 12.53 5.70
CA GLY E 142 -7.78 13.20 4.43
C GLY E 142 -8.24 12.34 3.27
N LYS E 143 -8.83 11.21 3.60
CA LYS E 143 -9.18 10.23 2.59
C LYS E 143 -10.67 10.01 2.60
N ASP E 144 -11.34 10.78 3.46
CA ASP E 144 -12.79 10.86 3.50
C ASP E 144 -13.51 9.52 3.57
N LEU E 145 -13.11 8.65 4.51
CA LEU E 145 -13.86 7.42 4.73
C LEU E 145 -15.17 7.74 5.44
N GLN E 146 -16.12 8.27 4.70
CA GLN E 146 -17.39 8.63 5.31
C GLN E 146 -18.52 7.89 4.63
N GLU E 147 -19.67 7.89 5.27
CA GLU E 147 -20.82 7.14 4.77
C GLU E 147 -20.43 5.73 4.34
N ASN E 148 -20.77 5.38 3.09
CA ASN E 148 -20.30 4.13 2.49
C ASN E 148 -19.80 4.37 1.08
N TYR E 149 -19.15 5.52 0.92
CA TYR E 149 -18.62 5.93 -0.36
C TYR E 149 -17.32 5.19 -0.69
N CYS E 150 -17.27 4.51 -1.84
CA CYS E 150 -16.04 3.93 -2.38
C CYS E 150 -14.85 4.88 -2.24
N ARG E 151 -13.73 4.38 -1.73
CA ARG E 151 -12.53 5.20 -1.54
C ARG E 151 -11.28 4.38 -1.85
N ASN E 152 -10.15 5.08 -2.04
CA ASN E 152 -8.89 4.38 -2.14
C ASN E 152 -7.88 4.85 -1.10
N PRO E 153 -8.10 4.51 0.17
CA PRO E 153 -7.29 4.99 1.29
C PRO E 153 -5.82 4.71 1.10
N ARG E 154 -5.46 3.56 0.52
CA ARG E 154 -4.06 3.18 0.44
C ARG E 154 -3.47 3.44 -0.96
N GLY E 155 -4.26 4.10 -1.81
CA GLY E 155 -3.82 4.38 -3.16
C GLY E 155 -3.37 3.14 -3.92
N GLU E 156 -4.11 2.06 -3.77
CA GLU E 156 -3.72 0.76 -4.32
C GLU E 156 -4.11 0.67 -5.80
N GLU E 157 -3.42 -0.21 -6.54
CA GLU E 157 -3.65 -0.29 -7.99
C GLU E 157 -5.07 -0.68 -8.42
N GLY E 158 -5.81 -1.30 -7.51
CA GLY E 158 -7.15 -1.74 -7.85
C GLY E 158 -8.15 -0.64 -8.07
N GLY E 159 -7.98 0.49 -7.39
CA GLY E 159 -8.93 1.59 -7.48
C GLY E 159 -9.86 1.61 -6.29
N PRO E 160 -10.68 2.65 -6.19
CA PRO E 160 -11.72 2.80 -5.15
C PRO E 160 -12.46 1.50 -4.88
N TRP E 161 -12.69 1.22 -3.61
CA TRP E 161 -13.34 -0.02 -3.19
C TRP E 161 -14.09 0.22 -1.90
N CYS E 162 -14.81 -0.79 -1.43
CA CYS E 162 -15.45 -0.70 -0.13
C CYS E 162 -15.69 -2.08 0.38
N PHE E 163 -16.07 -2.15 1.66
CA PHE E 163 -16.59 -3.40 2.19
C PHE E 163 -18.03 -3.52 1.76
N THR E 164 -18.55 -4.73 1.83
CA THR E 164 -19.73 -5.12 1.07
C THR E 164 -20.85 -5.44 2.02
N SER E 165 -22.05 -4.97 1.72
CA SER E 165 -23.18 -5.23 2.61
C SER E 165 -23.57 -6.71 2.65
N ASN E 166 -23.18 -7.45 1.62
CA ASN E 166 -23.29 -8.92 1.59
C ASN E 166 -22.20 -9.61 2.39
N PRO E 167 -22.60 -10.32 3.46
CA PRO E 167 -21.71 -10.99 4.43
C PRO E 167 -20.84 -12.10 3.87
N GLU E 168 -21.04 -12.48 2.61
CA GLU E 168 -20.20 -13.50 2.01
C GLU E 168 -19.10 -12.84 1.19
N VAL E 169 -19.29 -11.58 0.85
CA VAL E 169 -18.25 -10.84 0.12
C VAL E 169 -17.65 -9.76 1.02
N ARG E 170 -16.39 -9.90 1.40
CA ARG E 170 -15.79 -8.93 2.29
C ARG E 170 -15.68 -7.54 1.62
N TYR E 171 -14.94 -7.48 0.52
CA TYR E 171 -14.73 -6.20 -0.14
C TYR E 171 -14.74 -6.48 -1.61
N GLU E 172 -14.99 -5.45 -2.40
CA GLU E 172 -14.84 -5.56 -3.84
C GLU E 172 -14.51 -4.19 -4.40
N VAL E 173 -13.95 -4.17 -5.60
CA VAL E 173 -13.65 -2.92 -6.28
C VAL E 173 -14.92 -2.31 -6.81
N CYS E 174 -14.98 -0.98 -6.78
CA CYS E 174 -16.05 -0.27 -7.44
C CYS E 174 -15.61 -0.12 -8.87
N ASP E 175 -16.53 0.24 -9.78
CA ASP E 175 -16.15 0.48 -11.17
C ASP E 175 -16.42 1.91 -11.59
N ILE E 176 -15.38 2.74 -11.50
CA ILE E 176 -15.55 4.13 -11.87
C ILE E 176 -14.63 4.47 -13.01
N PRO E 177 -15.20 4.99 -14.09
CA PRO E 177 -14.46 5.28 -15.32
C PRO E 177 -13.35 6.29 -15.07
N GLN E 178 -12.22 6.14 -15.76
CA GLN E 178 -11.23 7.20 -15.85
C GLN E 178 -11.87 8.43 -16.49
N CYS E 179 -11.32 9.61 -16.25
CA CYS E 179 -11.89 10.80 -16.86
C CYS E 179 -11.59 10.86 -18.35
N SER E 180 -10.52 10.15 -18.74
CA SER E 180 -10.10 10.07 -20.13
C SER E 180 -11.03 9.18 -20.91
N GLU E 181 -11.79 8.34 -20.21
CA GLU E 181 -12.69 7.42 -20.91
C GLU E 181 -14.20 7.71 -20.72
N VAL E 182 -14.56 8.48 -19.72
CA VAL E 182 -15.97 8.71 -19.45
C VAL E 182 -16.67 9.43 -20.62
N GLU E 183 -16.09 10.51 -21.14
CA GLU E 183 -16.54 11.01 -22.45
C GLU E 183 -15.54 10.57 -23.49
N CYS E 184 -16.03 9.89 -24.51
CA CYS E 184 -15.19 9.50 -25.63
C CYS E 184 -15.11 10.67 -26.61
N MET E 185 -14.01 10.77 -27.31
CA MET E 185 -13.90 11.85 -28.26
C MET E 185 -14.04 11.27 -29.64
N THR E 186 -14.41 12.13 -30.58
CA THR E 186 -14.64 11.68 -31.93
C THR E 186 -13.91 12.63 -32.83
N ALA E 187 -13.59 12.15 -34.02
CA ALA E 187 -12.67 12.84 -34.93
C ALA E 187 -11.47 13.29 -34.13
N ASN E 188 -11.26 14.61 -34.16
CA ASN E 188 -10.10 15.23 -33.55
C ASN E 188 -10.40 16.05 -32.29
N GLY E 189 -11.63 15.95 -31.78
CA GLY E 189 -11.95 16.53 -30.48
C GLY E 189 -12.50 17.94 -30.46
N GLU E 190 -12.64 18.57 -31.62
CA GLU E 190 -13.24 19.89 -31.66
C GLU E 190 -14.59 19.88 -30.92
N SER E 191 -15.25 18.73 -30.97
CA SER E 191 -16.56 18.59 -30.35
C SER E 191 -16.47 18.02 -28.93
N TYR E 192 -15.25 17.87 -28.40
CA TYR E 192 -15.11 17.32 -27.04
C TYR E 192 -15.53 18.33 -25.98
N ARG E 193 -16.21 17.84 -24.96
CA ARG E 193 -16.70 18.66 -23.88
C ARG E 193 -16.62 17.86 -22.59
N GLY E 194 -15.76 16.84 -22.58
CA GLY E 194 -15.59 15.98 -21.42
C GLY E 194 -14.75 16.62 -20.33
N PRO E 195 -14.60 15.93 -19.19
CA PRO E 195 -14.03 16.56 -17.98
C PRO E 195 -12.54 16.33 -17.73
N MET E 196 -11.75 15.90 -18.72
CA MET E 196 -10.33 15.61 -18.51
C MET E 196 -9.50 16.87 -18.27
N ASP E 197 -8.76 16.88 -17.17
CA ASP E 197 -7.88 18.02 -16.88
C ASP E 197 -6.43 17.62 -16.66
N HIS E 198 -6.02 16.54 -17.32
CA HIS E 198 -4.64 16.06 -17.28
C HIS E 198 -4.11 15.74 -18.66
N THR E 199 -2.79 15.83 -18.81
CA THR E 199 -2.15 15.66 -20.11
C THR E 199 -1.59 14.25 -20.29
N GLU E 200 -1.04 13.97 -21.48
CA GLU E 200 -0.47 12.66 -21.77
C GLU E 200 0.67 12.32 -20.82
N SER E 201 1.63 13.24 -20.68
CA SER E 201 2.63 13.11 -19.63
C SER E 201 1.89 13.07 -18.30
N GLY E 202 1.35 14.20 -17.87
CA GLY E 202 0.52 14.22 -16.68
C GLY E 202 0.41 15.52 -15.91
N LYS E 203 1.01 16.60 -16.41
CA LYS E 203 0.88 17.87 -15.70
C LYS E 203 -0.59 18.33 -15.78
N THR E 204 -1.03 19.10 -14.80
CA THR E 204 -2.42 19.50 -14.78
C THR E 204 -2.65 20.67 -15.72
N CYS E 205 -3.87 20.78 -16.23
CA CYS E 205 -4.25 21.86 -17.12
C CYS E 205 -4.57 23.11 -16.33
N GLN E 206 -4.11 24.24 -16.82
CA GLN E 206 -4.43 25.51 -16.19
C GLN E 206 -5.76 25.97 -16.75
N ARG E 207 -6.51 26.71 -15.94
CA ARG E 207 -7.81 27.22 -16.34
C ARG E 207 -7.74 28.08 -17.63
N TRP E 208 -8.88 28.22 -18.30
CA TRP E 208 -8.93 29.04 -19.50
C TRP E 208 -9.29 30.49 -19.18
N ASP E 209 -9.51 30.78 -17.90
CA ASP E 209 -9.76 32.15 -17.48
C ASP E 209 -8.63 32.63 -16.59
N GLN E 210 -7.55 31.86 -16.59
CA GLN E 210 -6.33 32.21 -15.88
C GLN E 210 -5.22 32.52 -16.88
N GLN E 211 -4.38 33.50 -16.58
CA GLN E 211 -3.29 33.85 -17.50
C GLN E 211 -1.91 33.54 -16.94
N THR E 212 -1.86 32.70 -15.91
CA THR E 212 -0.61 32.32 -15.28
C THR E 212 -0.45 30.80 -15.27
N PRO E 213 0.78 30.28 -15.49
CA PRO E 213 2.02 31.01 -15.79
C PRO E 213 2.18 31.26 -17.28
N HIS E 214 1.23 30.78 -18.07
CA HIS E 214 1.28 30.90 -19.52
C HIS E 214 0.22 31.87 -20.03
N ARG E 215 0.63 32.79 -20.90
CA ARG E 215 -0.30 33.79 -21.44
C ARG E 215 -0.96 33.28 -22.72
N HIS E 216 -2.24 33.60 -22.92
CA HIS E 216 -2.96 33.13 -24.11
C HIS E 216 -4.14 34.02 -24.53
N LYS E 217 -4.57 33.84 -25.77
CA LYS E 217 -5.58 34.68 -26.41
C LYS E 217 -7.00 34.12 -26.26
N PHE E 218 -7.12 32.94 -25.66
CA PHE E 218 -8.41 32.22 -25.58
C PHE E 218 -9.31 32.67 -24.43
N LEU E 219 -9.66 33.96 -24.41
CA LEU E 219 -10.54 34.52 -23.40
C LEU E 219 -11.97 34.06 -23.66
N PRO E 220 -12.54 33.24 -22.75
CA PRO E 220 -13.85 32.58 -22.89
C PRO E 220 -15.00 33.51 -23.32
N GLU E 221 -14.86 34.82 -23.14
CA GLU E 221 -15.88 35.72 -23.64
C GLU E 221 -15.74 35.90 -25.15
N ARG E 222 -14.58 35.52 -25.69
CA ARG E 222 -14.35 35.50 -27.13
C ARG E 222 -14.81 34.19 -27.76
N TYR E 223 -14.71 33.09 -27.03
CA TYR E 223 -15.00 31.81 -27.64
C TYR E 223 -16.11 31.00 -26.94
N PRO E 224 -17.33 31.56 -26.88
CA PRO E 224 -18.40 30.82 -26.18
C PRO E 224 -19.00 29.67 -26.99
N ASP E 225 -18.33 29.24 -28.06
CA ASP E 225 -18.73 28.03 -28.77
C ASP E 225 -17.68 26.96 -28.56
N LYS E 226 -16.56 27.33 -27.95
CA LYS E 226 -15.41 26.43 -27.88
C LYS E 226 -15.34 25.71 -26.55
N GLY E 227 -16.23 26.08 -25.63
CA GLY E 227 -16.40 25.35 -24.39
C GLY E 227 -15.26 25.49 -23.41
N PHE E 228 -15.16 26.68 -22.82
CA PHE E 228 -13.97 27.03 -22.07
C PHE E 228 -14.24 27.12 -20.57
N ASP E 229 -14.90 26.13 -19.99
CA ASP E 229 -15.14 26.18 -18.56
C ASP E 229 -13.98 25.52 -17.81
N ASP E 230 -13.65 26.08 -16.65
CA ASP E 230 -12.60 25.52 -15.80
C ASP E 230 -11.29 25.28 -16.56
N ASN E 231 -10.80 24.04 -16.56
CA ASN E 231 -9.51 23.72 -17.17
C ASN E 231 -9.52 22.42 -17.96
N TYR E 232 -10.59 22.18 -18.70
CA TYR E 232 -10.71 20.90 -19.37
C TYR E 232 -9.94 20.90 -20.66
N CYS E 233 -9.45 19.72 -21.05
CA CYS E 233 -8.81 19.59 -22.36
C CYS E 233 -9.83 19.92 -23.48
N ARG E 234 -9.39 20.72 -24.44
CA ARG E 234 -10.27 21.17 -25.51
C ARG E 234 -9.50 21.28 -26.81
N ASN E 235 -10.22 21.34 -27.92
CA ASN E 235 -9.60 21.54 -29.23
C ASN E 235 -10.25 22.68 -30.02
N PRO E 236 -9.94 23.92 -29.63
CA PRO E 236 -10.51 25.11 -30.28
C PRO E 236 -9.85 25.45 -31.61
N ASP E 237 -8.53 25.30 -31.72
CA ASP E 237 -7.79 25.76 -32.89
C ASP E 237 -7.88 24.80 -34.08
N GLY E 238 -7.92 23.50 -33.79
CA GLY E 238 -8.03 22.49 -34.82
C GLY E 238 -6.85 21.55 -34.89
N LYS E 239 -6.18 21.33 -33.77
CA LYS E 239 -5.05 20.42 -33.70
C LYS E 239 -5.52 18.95 -33.81
N PRO E 240 -4.57 17.98 -33.94
CA PRO E 240 -4.97 16.56 -34.05
C PRO E 240 -5.87 16.02 -32.92
N ARG E 241 -5.59 16.36 -31.67
CA ARG E 241 -6.42 15.89 -30.56
C ARG E 241 -6.57 17.03 -29.56
N PRO E 242 -7.52 16.92 -28.60
CA PRO E 242 -7.65 17.99 -27.60
C PRO E 242 -6.39 18.21 -26.75
N TRP E 243 -6.37 19.30 -25.99
CA TRP E 243 -5.14 19.77 -25.36
C TRP E 243 -5.43 20.89 -24.34
N CYS E 244 -4.38 21.41 -23.71
CA CYS E 244 -4.51 22.52 -22.77
C CYS E 244 -3.17 23.18 -22.40
N TYR E 245 -3.25 24.33 -21.75
CA TYR E 245 -2.04 24.95 -21.22
C TYR E 245 -1.77 24.41 -19.82
N THR E 246 -0.52 24.03 -19.58
CA THR E 246 -0.14 23.32 -18.35
C THR E 246 0.29 24.26 -17.23
N LEU E 247 0.42 23.69 -16.03
CA LEU E 247 0.93 24.41 -14.87
C LEU E 247 2.45 24.52 -14.92
N ASP E 248 3.12 23.42 -15.24
CA ASP E 248 4.56 23.36 -15.56
C ASP E 248 5.02 24.61 -16.32
N PRO E 249 5.67 25.55 -15.63
CA PRO E 249 5.92 26.90 -16.16
C PRO E 249 6.90 26.93 -17.33
N ASP E 250 7.54 25.81 -17.63
CA ASP E 250 8.48 25.76 -18.73
C ASP E 250 7.87 25.13 -19.98
N THR E 251 6.81 24.35 -19.77
CA THR E 251 6.10 23.70 -20.87
C THR E 251 4.77 24.40 -21.16
N PRO E 252 4.64 24.93 -22.38
CA PRO E 252 3.49 25.79 -22.75
C PRO E 252 2.15 25.04 -22.84
N TRP E 253 1.97 24.30 -23.93
CA TRP E 253 0.74 23.54 -24.18
C TRP E 253 1.09 22.07 -24.34
N GLU E 254 0.11 21.19 -24.21
CA GLU E 254 0.39 19.77 -24.35
C GLU E 254 -0.91 18.98 -24.54
N TYR E 255 -0.86 17.96 -25.40
CA TYR E 255 -2.06 17.17 -25.71
C TYR E 255 -2.68 16.56 -24.45
N CYS E 256 -3.97 16.25 -24.53
CA CYS E 256 -4.61 15.44 -23.51
C CYS E 256 -4.83 14.07 -24.15
N ALA E 257 -4.88 13.02 -23.34
CA ALA E 257 -4.97 11.68 -23.91
C ALA E 257 -6.38 11.09 -23.78
N ILE E 258 -7.33 11.66 -24.51
CA ILE E 258 -8.72 11.23 -24.38
C ILE E 258 -9.03 10.01 -25.25
N LYS E 259 -9.76 9.05 -24.70
CA LYS E 259 -10.10 7.85 -25.46
C LYS E 259 -11.13 8.11 -26.57
N THR E 260 -10.76 7.77 -27.79
CA THR E 260 -11.67 7.94 -28.92
C THR E 260 -12.71 6.83 -28.90
N CYS E 261 -13.94 7.16 -29.30
CA CYS E 261 -15.03 6.19 -29.33
C CYS E 261 -14.70 5.01 -30.21
N ALA E 262 -15.07 3.82 -29.72
CA ALA E 262 -14.94 2.60 -30.49
C ALA E 262 -16.34 2.05 -30.66
N ARG F 9 26.62 -34.51 45.43
CA ARG F 9 27.50 -35.57 44.95
C ARG F 9 27.27 -35.88 43.47
N ASN F 10 26.25 -35.23 42.90
CA ASN F 10 26.07 -35.17 41.45
C ASN F 10 26.55 -33.79 41.01
N THR F 11 27.18 -33.73 39.84
CA THR F 11 27.77 -32.47 39.39
C THR F 11 27.82 -32.25 37.89
N LEU F 12 27.30 -33.20 37.12
CA LEU F 12 27.28 -33.07 35.67
C LEU F 12 26.58 -31.78 35.26
N HIS F 13 25.73 -31.27 36.13
CA HIS F 13 24.98 -30.07 35.82
C HIS F 13 25.88 -28.84 35.77
N GLU F 14 27.15 -29.01 36.12
CA GLU F 14 28.07 -27.88 36.14
C GLU F 14 28.85 -27.80 34.85
N PHE F 15 28.33 -28.46 33.81
CA PHE F 15 29.03 -28.51 32.54
C PHE F 15 28.13 -28.14 31.36
N LYS F 16 28.75 -27.68 30.28
CA LYS F 16 28.08 -27.38 29.05
C LYS F 16 28.46 -28.43 28.01
N LYS F 17 27.49 -29.25 27.62
CA LYS F 17 27.68 -30.33 26.64
C LYS F 17 27.82 -29.76 25.25
N SER F 18 28.64 -30.41 24.44
CA SER F 18 28.77 -30.09 23.04
C SER F 18 28.83 -31.42 22.31
N ALA F 19 27.68 -32.06 22.12
CA ALA F 19 27.65 -33.45 21.60
C ALA F 19 28.43 -33.68 20.30
N LYS F 20 28.83 -34.94 20.08
CA LYS F 20 29.50 -35.38 18.86
C LYS F 20 30.86 -34.69 18.62
N THR F 21 31.30 -33.96 19.64
CA THR F 21 32.53 -33.15 19.56
C THR F 21 33.58 -33.66 20.57
N THR F 22 34.86 -33.54 20.19
CA THR F 22 35.98 -33.84 21.08
C THR F 22 36.99 -32.69 21.09
N LEU F 23 38.14 -32.87 21.72
CA LEU F 23 39.15 -31.81 21.72
C LEU F 23 40.52 -32.34 21.36
N THR F 24 41.45 -31.43 21.10
CA THR F 24 42.81 -31.83 20.74
C THR F 24 43.77 -30.66 20.61
N LYS F 25 45.04 -30.92 20.92
CA LYS F 25 46.09 -29.94 20.71
C LYS F 25 47.07 -30.41 19.64
N GLU F 26 48.12 -29.63 19.41
CA GLU F 26 49.19 -30.03 18.48
C GLU F 26 50.18 -30.97 19.15
N ASP F 27 50.57 -30.58 20.37
CA ASP F 27 51.51 -31.30 21.24
C ASP F 27 51.54 -32.84 21.14
N PRO F 28 52.74 -33.42 20.96
CA PRO F 28 52.98 -34.85 21.20
C PRO F 28 53.13 -35.11 22.71
N LEU F 29 52.45 -36.14 23.21
CA LEU F 29 52.41 -36.50 24.64
C LEU F 29 51.56 -35.54 25.50
N LEU F 30 52.18 -34.93 26.51
CA LEU F 30 51.51 -34.19 27.58
C LEU F 30 50.46 -35.06 28.31
N LYS F 31 49.94 -34.56 29.43
CA LYS F 31 48.94 -35.33 30.16
C LYS F 31 47.56 -35.31 29.52
N ILE F 32 47.14 -36.50 29.09
CA ILE F 32 45.85 -36.75 28.49
C ILE F 32 45.27 -37.92 29.27
N LYS F 33 45.15 -37.70 30.58
CA LYS F 33 44.80 -38.76 31.51
C LYS F 33 43.45 -39.37 31.11
N THR F 34 43.36 -40.69 31.12
CA THR F 34 42.08 -41.36 30.93
C THR F 34 41.90 -42.56 31.84
N LYS F 35 40.66 -42.81 32.26
CA LYS F 35 40.31 -43.98 33.07
C LYS F 35 38.89 -44.45 32.71
N LYS F 36 38.58 -45.70 33.06
CA LYS F 36 37.24 -46.27 32.90
C LYS F 36 36.37 -45.90 34.10
N VAL F 37 35.09 -45.62 33.85
CA VAL F 37 34.20 -45.24 34.95
C VAL F 37 32.80 -45.85 34.93
N ASN F 38 31.90 -45.25 35.70
CA ASN F 38 30.53 -45.74 35.85
C ASN F 38 29.50 -44.88 35.09
N SER F 39 29.79 -43.59 34.98
CA SER F 39 28.95 -42.62 34.24
C SER F 39 29.67 -41.30 34.03
N ALA F 40 29.10 -40.46 33.16
CA ALA F 40 29.66 -39.14 32.91
C ALA F 40 29.55 -38.38 34.21
N ASP F 41 28.49 -38.69 34.96
CA ASP F 41 28.26 -38.07 36.26
C ASP F 41 29.43 -38.29 37.23
N GLU F 42 30.35 -39.19 36.88
CA GLU F 42 31.53 -39.42 37.69
C GLU F 42 32.76 -38.66 37.18
N CYS F 43 33.00 -38.71 35.88
CA CYS F 43 34.09 -37.96 35.26
C CYS F 43 33.99 -36.49 35.61
N ALA F 44 32.76 -36.01 35.81
CA ALA F 44 32.52 -34.66 36.27
C ALA F 44 33.00 -34.49 37.72
N ASN F 45 32.63 -35.43 38.57
CA ASN F 45 33.06 -35.42 39.98
C ASN F 45 34.57 -35.49 40.02
N ARG F 46 35.13 -36.35 39.16
CA ARG F 46 36.56 -36.48 39.02
C ARG F 46 37.13 -35.17 38.52
N CYS F 47 36.58 -34.67 37.42
CA CYS F 47 37.04 -33.43 36.80
C CYS F 47 37.13 -32.26 37.75
N ILE F 48 36.22 -32.15 38.71
CA ILE F 48 36.22 -30.91 39.50
C ILE F 48 37.01 -30.97 40.79
N ARG F 49 37.12 -32.18 41.36
CA ARG F 49 37.88 -32.38 42.58
C ARG F 49 39.36 -32.55 42.25
N ASN F 50 39.61 -33.11 41.05
CA ASN F 50 40.94 -33.23 40.48
C ASN F 50 41.89 -34.24 41.14
N ARG F 51 41.40 -35.06 42.06
CA ARG F 51 42.30 -35.99 42.75
C ARG F 51 42.88 -36.99 41.76
N GLY F 52 44.20 -37.17 41.82
CA GLY F 52 44.89 -38.03 40.88
C GLY F 52 45.63 -37.28 39.79
N PHE F 53 45.08 -36.13 39.37
CA PHE F 53 45.62 -35.41 38.22
C PHE F 53 46.90 -34.67 38.54
N THR F 54 47.60 -34.25 37.50
CA THR F 54 48.78 -33.41 37.65
C THR F 54 48.51 -32.10 36.94
N PHE F 55 47.23 -31.80 36.77
CA PHE F 55 46.80 -30.55 36.17
C PHE F 55 45.40 -30.36 36.67
N THR F 56 44.91 -29.14 36.57
CA THR F 56 43.53 -28.87 36.98
C THR F 56 42.65 -28.93 35.73
N CYS F 57 41.58 -29.73 35.83
CA CYS F 57 40.76 -30.10 34.68
C CYS F 57 39.68 -29.07 34.29
N LYS F 58 39.66 -28.67 33.02
CA LYS F 58 38.72 -27.63 32.59
C LYS F 58 37.58 -28.17 31.70
N ALA F 59 37.74 -29.40 31.23
CA ALA F 59 36.76 -30.06 30.37
C ALA F 59 37.14 -31.53 30.22
N PHE F 60 36.14 -32.35 29.94
CA PHE F 60 36.41 -33.74 29.64
C PHE F 60 35.56 -34.18 28.43
N VAL F 61 36.01 -35.21 27.73
CA VAL F 61 35.22 -35.90 26.71
C VAL F 61 34.80 -37.25 27.30
N PHE F 62 33.52 -37.59 27.20
CA PHE F 62 33.03 -38.82 27.82
C PHE F 62 32.70 -39.84 26.76
N ASP F 63 32.40 -41.06 27.18
CA ASP F 63 31.93 -42.09 26.25
C ASP F 63 30.91 -42.98 26.93
N LYS F 64 29.96 -43.51 26.14
CA LYS F 64 28.95 -44.47 26.62
C LYS F 64 29.38 -45.94 26.42
N SER F 65 29.94 -46.24 25.25
CA SER F 65 30.54 -47.55 25.03
C SER F 65 31.82 -47.72 25.86
N ARG F 66 32.99 -47.74 25.20
CA ARG F 66 34.26 -47.91 25.90
C ARG F 66 34.35 -46.87 27.01
N LYS F 67 33.89 -47.26 28.20
CA LYS F 67 33.69 -46.36 29.34
C LYS F 67 34.89 -45.47 29.70
N ARG F 68 35.54 -44.91 28.67
CA ARG F 68 36.77 -44.12 28.79
C ARG F 68 36.48 -42.60 28.81
N CYS F 69 36.80 -41.98 29.94
CA CYS F 69 36.66 -40.54 30.12
C CYS F 69 37.99 -39.87 29.76
N TYR F 70 37.93 -38.75 29.05
CA TYR F 70 39.16 -38.06 28.66
C TYR F 70 39.26 -36.68 29.32
N TRP F 71 40.16 -36.57 30.30
CA TRP F 71 40.31 -35.36 31.10
C TRP F 71 41.35 -34.39 30.53
N TYR F 72 40.90 -33.16 30.28
CA TYR F 72 41.70 -32.13 29.64
C TYR F 72 41.96 -30.96 30.56
N PRO F 73 43.20 -30.45 30.54
CA PRO F 73 43.66 -29.24 31.23
C PRO F 73 43.33 -27.95 30.47
N PHE F 74 42.43 -28.04 29.48
CA PHE F 74 42.07 -26.91 28.64
C PHE F 74 40.66 -27.06 28.08
N ASN F 75 40.06 -25.96 27.64
CA ASN F 75 38.80 -26.06 26.90
C ASN F 75 38.89 -25.63 25.45
N SER F 76 37.74 -25.50 24.80
CA SER F 76 37.68 -25.22 23.37
C SER F 76 37.84 -23.74 23.10
N MET F 77 38.61 -23.07 23.94
CA MET F 77 38.79 -21.65 23.81
C MET F 77 40.22 -21.36 24.21
N SER F 78 40.86 -22.37 24.80
CA SER F 78 42.27 -22.27 25.17
C SER F 78 43.11 -22.22 23.92
N SER F 79 44.26 -21.56 24.01
CA SER F 79 45.10 -21.29 22.82
C SER F 79 45.56 -22.52 22.05
N GLY F 80 45.15 -22.60 20.79
CA GLY F 80 45.65 -23.63 19.90
C GLY F 80 45.09 -25.02 20.11
N VAL F 81 43.81 -25.11 20.41
CA VAL F 81 43.16 -26.42 20.39
C VAL F 81 42.00 -26.35 19.40
N LYS F 82 41.73 -27.43 18.70
CA LYS F 82 40.60 -27.43 17.77
C LYS F 82 39.60 -28.51 18.13
N LYS F 83 38.33 -28.30 17.77
CA LYS F 83 37.29 -29.27 18.09
C LYS F 83 37.47 -30.53 17.23
N GLY F 84 36.73 -31.59 17.53
CA GLY F 84 36.94 -32.90 16.91
C GLY F 84 35.69 -33.61 16.46
N PHE F 85 35.68 -34.94 16.61
CA PHE F 85 34.60 -35.78 16.06
C PHE F 85 34.28 -37.11 16.76
N GLY F 86 33.17 -37.72 16.37
CA GLY F 86 32.79 -39.04 16.85
C GLY F 86 31.39 -39.11 17.44
N HIS F 87 30.62 -40.11 17.03
CA HIS F 87 29.20 -40.21 17.41
C HIS F 87 28.95 -40.36 18.92
N GLU F 88 29.53 -41.40 19.52
CA GLU F 88 29.25 -41.72 20.91
C GLU F 88 30.19 -40.97 21.87
N PHE F 89 30.97 -40.04 21.31
CA PHE F 89 31.95 -39.23 22.04
C PHE F 89 31.51 -37.76 22.19
N ASP F 90 31.18 -37.35 23.42
CA ASP F 90 30.63 -36.02 23.69
C ASP F 90 31.52 -35.13 24.62
N LEU F 91 31.57 -33.83 24.34
CA LEU F 91 32.38 -32.88 25.12
C LEU F 91 31.66 -32.13 26.25
N TYR F 92 32.25 -32.13 27.44
CA TYR F 92 31.70 -31.38 28.56
C TYR F 92 32.72 -30.35 29.04
N GLU F 93 32.36 -29.07 28.98
CA GLU F 93 33.24 -28.01 29.43
C GLU F 93 32.70 -27.46 30.73
N ASN F 94 33.58 -27.29 31.71
CA ASN F 94 33.19 -26.69 32.97
C ASN F 94 32.67 -25.26 32.77
N LYS F 95 31.46 -25.00 33.26
CA LYS F 95 30.81 -23.73 32.98
C LYS F 95 31.57 -22.53 33.52
N ASP F 96 32.31 -22.73 34.61
CA ASP F 96 32.91 -21.59 35.28
C ASP F 96 33.91 -20.87 34.39
N TYR F 97 34.43 -21.58 33.41
CA TYR F 97 35.50 -21.04 32.59
C TYR F 97 35.00 -20.40 31.31
N ILE F 98 33.76 -20.69 30.93
CA ILE F 98 33.30 -20.27 29.62
C ILE F 98 32.01 -19.46 29.63
N ARG F 99 31.56 -19.05 30.81
CA ARG F 99 30.23 -18.45 30.97
C ARG F 99 29.97 -17.09 30.32
N ASN F 100 30.91 -16.16 30.40
CA ASN F 100 30.69 -14.77 29.91
C ASN F 100 29.74 -13.92 30.75
N CYS F 101 29.16 -14.51 31.78
CA CYS F 101 28.36 -13.76 32.72
C CYS F 101 28.61 -14.37 34.10
N ILE F 102 27.95 -13.82 35.11
CA ILE F 102 28.35 -14.06 36.48
C ILE F 102 27.13 -14.37 37.35
N ILE F 103 27.32 -15.09 38.46
CA ILE F 103 26.17 -15.32 39.36
C ILE F 103 26.33 -14.62 40.72
N GLY F 104 25.53 -13.59 40.99
CA GLY F 104 25.71 -12.83 42.21
C GLY F 104 27.07 -12.16 42.29
N LYS F 105 27.85 -12.48 43.30
CA LYS F 105 29.15 -11.83 43.51
C LYS F 105 30.24 -12.45 42.66
N GLY F 106 29.86 -13.48 41.92
CA GLY F 106 30.76 -14.25 41.10
C GLY F 106 32.04 -14.72 41.75
N GLY F 107 31.94 -15.41 42.88
CA GLY F 107 33.14 -15.95 43.49
C GLY F 107 33.76 -16.92 42.50
N SER F 108 32.92 -17.78 41.94
CA SER F 108 33.37 -18.93 41.17
C SER F 108 33.82 -18.64 39.73
N TYR F 109 33.69 -17.39 39.29
CA TYR F 109 34.00 -17.01 37.90
C TYR F 109 35.46 -17.25 37.56
N LYS F 110 35.67 -18.04 36.53
CA LYS F 110 37.00 -18.27 36.02
C LYS F 110 36.97 -18.03 34.52
N GLY F 111 36.21 -17.01 34.11
CA GLY F 111 36.15 -16.59 32.73
C GLY F 111 37.37 -15.84 32.20
N THR F 112 37.22 -15.16 31.07
CA THR F 112 38.38 -14.58 30.39
C THR F 112 38.34 -13.07 30.16
N VAL F 113 37.45 -12.39 30.88
CA VAL F 113 37.38 -10.94 30.79
C VAL F 113 38.65 -10.40 31.39
N SER F 114 39.26 -9.43 30.70
CA SER F 114 40.58 -8.96 31.11
C SER F 114 40.62 -7.43 31.07
N ILE F 115 39.44 -6.82 31.11
CA ILE F 115 39.31 -5.38 31.01
C ILE F 115 38.55 -4.90 32.24
N THR F 116 38.84 -3.71 32.73
CA THR F 116 38.11 -3.20 33.91
C THR F 116 36.82 -2.49 33.50
N LYS F 117 36.04 -2.07 34.48
CA LYS F 117 34.77 -1.42 34.19
C LYS F 117 35.01 -0.19 33.35
N SER F 118 36.17 0.44 33.54
CA SER F 118 36.53 1.62 32.75
C SER F 118 37.35 1.29 31.51
N GLY F 119 37.51 0.00 31.23
CA GLY F 119 38.12 -0.42 29.99
C GLY F 119 39.62 -0.26 30.03
N ILE F 120 40.22 -0.63 31.14
CA ILE F 120 41.68 -0.69 31.26
C ILE F 120 42.18 -2.15 31.29
N LYS F 121 43.18 -2.46 30.47
CA LYS F 121 43.68 -3.83 30.40
C LYS F 121 44.17 -4.25 31.78
N CYS F 122 43.75 -5.42 32.25
CA CYS F 122 44.15 -5.87 33.58
C CYS F 122 45.64 -6.18 33.64
N GLN F 123 46.23 -5.95 34.80
CA GLN F 123 47.61 -6.33 35.03
C GLN F 123 47.67 -7.79 35.48
N PRO F 124 48.60 -8.56 34.89
CA PRO F 124 48.82 -10.00 35.10
C PRO F 124 49.03 -10.33 36.57
N TRP F 125 48.30 -11.29 37.12
CA TRP F 125 48.44 -11.58 38.55
C TRP F 125 49.86 -11.99 38.95
N ASN F 126 50.61 -12.53 37.99
CA ASN F 126 51.97 -13.03 38.25
C ASN F 126 53.01 -11.91 38.32
N SER F 127 52.57 -10.68 38.07
CA SER F 127 53.50 -9.57 37.95
C SER F 127 53.34 -8.64 39.14
N MET F 128 54.38 -7.87 39.45
CA MET F 128 54.30 -6.83 40.48
C MET F 128 54.39 -5.44 39.83
N ILE F 129 54.39 -5.42 38.50
CA ILE F 129 54.50 -4.20 37.71
C ILE F 129 53.15 -3.87 37.09
N PRO F 130 52.66 -2.64 37.25
CA PRO F 130 53.34 -1.55 37.98
C PRO F 130 52.82 -1.52 39.41
N HIS F 131 51.90 -2.44 39.71
CA HIS F 131 51.36 -2.54 41.06
C HIS F 131 51.85 -3.81 41.73
N GLU F 132 52.50 -3.62 42.88
CA GLU F 132 52.96 -4.74 43.66
C GLU F 132 51.81 -5.09 44.57
N HIS F 133 51.68 -6.37 44.88
CA HIS F 133 50.55 -6.79 45.66
C HIS F 133 50.81 -8.15 46.24
N SER F 134 49.87 -8.65 47.02
CA SER F 134 50.03 -9.97 47.59
C SER F 134 48.84 -10.86 47.28
N PHE F 135 48.65 -11.11 45.99
CA PHE F 135 47.74 -12.12 45.47
C PHE F 135 48.53 -12.94 44.45
N LEU F 136 49.41 -13.80 44.93
CA LEU F 136 50.12 -14.71 44.05
C LEU F 136 49.30 -15.98 44.10
N PRO F 137 49.22 -16.69 42.97
CA PRO F 137 48.38 -17.90 42.84
C PRO F 137 48.53 -18.86 44.01
N SER F 138 49.79 -19.06 44.40
CA SER F 138 50.24 -19.96 45.46
C SER F 138 49.78 -19.63 46.88
N SER F 139 48.55 -19.14 47.03
CA SER F 139 48.04 -18.74 48.33
C SER F 139 46.55 -18.50 48.19
N TYR F 140 46.15 -18.17 46.96
CA TYR F 140 44.74 -18.14 46.62
C TYR F 140 44.48 -19.31 45.67
N ARG F 141 44.88 -20.50 46.11
CA ARG F 141 44.71 -21.70 45.32
C ARG F 141 43.23 -22.10 45.27
N GLY F 142 42.74 -22.35 44.06
CA GLY F 142 41.37 -22.73 43.85
C GLY F 142 40.60 -21.59 43.22
N LYS F 143 41.26 -20.43 43.18
CA LYS F 143 40.64 -19.19 42.79
C LYS F 143 41.06 -18.71 41.39
N ASP F 144 42.03 -19.40 40.81
CA ASP F 144 42.35 -19.24 39.38
C ASP F 144 42.93 -17.88 39.03
N LEU F 145 43.96 -17.47 39.76
CA LEU F 145 44.53 -16.16 39.45
C LEU F 145 45.50 -16.30 38.29
N GLN F 146 44.94 -16.47 37.09
CA GLN F 146 45.76 -16.69 35.90
C GLN F 146 45.73 -15.55 34.87
N GLU F 147 46.85 -15.34 34.19
CA GLU F 147 46.95 -14.34 33.13
C GLU F 147 46.57 -12.99 33.71
N ASN F 148 45.55 -12.36 33.14
CA ASN F 148 45.02 -11.12 33.70
C ASN F 148 43.51 -11.11 33.70
N TYR F 149 42.90 -12.25 34.02
CA TYR F 149 41.46 -12.30 33.98
C TYR F 149 40.89 -11.78 35.28
N CYS F 150 39.81 -11.02 35.18
CA CYS F 150 39.11 -10.51 36.34
C CYS F 150 38.71 -11.64 37.24
N ARG F 151 38.91 -11.46 38.54
CA ARG F 151 38.66 -12.53 39.51
C ARG F 151 38.18 -11.96 40.85
N ASN F 152 37.65 -12.83 41.69
CA ASN F 152 37.15 -12.40 42.98
C ASN F 152 37.57 -13.44 43.99
N PRO F 153 38.85 -13.45 44.35
CA PRO F 153 39.42 -14.49 45.21
C PRO F 153 38.84 -14.51 46.61
N ARG F 154 38.06 -13.50 46.99
CA ARG F 154 37.61 -13.36 48.37
C ARG F 154 36.12 -13.20 48.46
N GLY F 155 35.43 -13.48 47.35
CA GLY F 155 33.98 -13.38 47.35
C GLY F 155 33.46 -12.08 47.91
N GLU F 156 34.24 -11.01 47.71
CA GLU F 156 33.85 -9.67 48.13
C GLU F 156 32.62 -9.28 47.32
N GLU F 157 31.68 -8.55 47.93
CA GLU F 157 30.40 -8.25 47.29
C GLU F 157 30.49 -7.37 46.05
N GLY F 158 31.65 -6.74 45.84
CA GLY F 158 31.83 -5.86 44.69
C GLY F 158 32.11 -6.62 43.40
N GLY F 159 32.43 -7.89 43.54
CA GLY F 159 32.58 -8.76 42.40
C GLY F 159 33.98 -8.74 41.85
N PRO F 160 34.20 -9.47 40.74
CA PRO F 160 35.50 -9.63 40.12
C PRO F 160 36.17 -8.31 39.78
N TRP F 161 37.50 -8.31 39.81
CA TRP F 161 38.30 -7.11 39.67
C TRP F 161 39.67 -7.56 39.30
N CYS F 162 40.58 -6.61 39.13
CA CYS F 162 41.95 -6.94 38.86
C CYS F 162 42.82 -5.71 39.06
N PHE F 163 44.13 -5.93 38.99
CA PHE F 163 45.07 -4.85 39.10
C PHE F 163 45.15 -4.25 37.71
N THR F 164 45.31 -2.94 37.68
CA THR F 164 45.21 -2.18 36.45
C THR F 164 46.58 -1.96 35.87
N SER F 165 46.69 -2.04 34.54
CA SER F 165 47.95 -1.77 33.87
C SER F 165 48.37 -0.29 33.86
N ASN F 166 47.41 0.61 34.00
CA ASN F 166 47.72 2.02 34.19
C ASN F 166 48.21 2.22 35.61
N PRO F 167 49.45 2.70 35.77
CA PRO F 167 50.07 2.88 37.10
C PRO F 167 49.40 3.92 38.00
N GLU F 168 48.47 4.71 37.45
CA GLU F 168 47.78 5.72 38.23
C GLU F 168 46.48 5.18 38.78
N VAL F 169 46.22 3.91 38.50
CA VAL F 169 45.06 3.24 39.10
C VAL F 169 45.46 1.84 39.55
N ARG F 170 45.41 1.60 40.85
CA ARG F 170 45.83 0.32 41.40
C ARG F 170 44.91 -0.78 40.91
N TYR F 171 43.61 -0.56 41.00
CA TYR F 171 42.70 -1.62 40.60
C TYR F 171 41.31 -1.05 40.36
N GLU F 172 40.49 -1.82 39.67
CA GLU F 172 39.13 -1.39 39.45
C GLU F 172 38.28 -2.64 39.30
N VAL F 173 37.01 -2.54 39.66
CA VAL F 173 36.10 -3.63 39.42
C VAL F 173 36.00 -3.85 37.91
N CYS F 174 35.65 -5.07 37.53
CA CYS F 174 35.26 -5.36 36.17
C CYS F 174 33.75 -5.49 36.15
N ASP F 175 33.15 -5.01 35.08
CA ASP F 175 31.70 -5.01 34.92
C ASP F 175 31.34 -6.29 34.17
N ILE F 176 30.66 -7.22 34.82
CA ILE F 176 30.23 -8.45 34.16
C ILE F 176 28.77 -8.76 34.49
N PRO F 177 27.96 -9.01 33.48
CA PRO F 177 26.53 -9.20 33.62
C PRO F 177 26.13 -10.37 34.52
N GLN F 178 25.09 -10.14 35.31
CA GLN F 178 24.37 -11.24 35.93
C GLN F 178 23.83 -12.17 34.83
N CYS F 179 23.95 -13.48 35.03
CA CYS F 179 23.42 -14.41 34.04
C CYS F 179 21.90 -14.24 33.96
N SER F 180 21.33 -13.68 35.03
CA SER F 180 19.91 -13.40 35.05
C SER F 180 19.54 -12.33 34.03
N GLU F 181 20.54 -11.55 33.58
CA GLU F 181 20.25 -10.43 32.68
C GLU F 181 20.93 -10.48 31.31
N VAL F 182 22.03 -11.19 31.20
CA VAL F 182 22.82 -11.16 29.98
C VAL F 182 22.00 -11.41 28.72
N GLU F 183 21.07 -12.37 28.77
CA GLU F 183 19.96 -12.38 27.81
C GLU F 183 18.72 -12.12 28.63
N CYS F 184 17.82 -11.30 28.08
CA CYS F 184 16.57 -10.98 28.72
C CYS F 184 15.43 -11.65 27.97
N MET F 185 14.23 -11.58 28.57
CA MET F 185 13.08 -12.28 28.02
C MET F 185 11.91 -11.37 27.72
N THR F 186 10.94 -11.93 27.00
CA THR F 186 9.81 -11.17 26.58
C THR F 186 8.55 -12.04 26.69
N ALA F 187 7.48 -11.44 27.22
CA ALA F 187 6.22 -12.14 27.44
C ALA F 187 6.32 -13.41 28.31
N ASN F 188 6.35 -14.60 27.71
CA ASN F 188 6.35 -15.83 28.51
C ASN F 188 7.69 -16.57 28.61
N GLY F 189 8.63 -16.27 27.71
CA GLY F 189 9.96 -16.83 27.80
C GLY F 189 10.15 -18.11 27.03
N GLU F 190 9.13 -18.49 26.26
CA GLU F 190 9.27 -19.64 25.39
C GLU F 190 10.45 -19.34 24.49
N SER F 191 10.49 -18.10 24.01
CA SER F 191 11.61 -17.65 23.17
C SER F 191 12.96 -17.53 23.92
N TYR F 192 12.95 -17.52 25.25
CA TYR F 192 14.19 -17.35 26.03
C TYR F 192 15.15 -18.51 25.86
N ARG F 193 16.41 -18.21 25.56
CA ARG F 193 17.43 -19.24 25.36
C ARG F 193 18.75 -18.93 26.04
N GLY F 194 18.68 -18.09 27.08
CA GLY F 194 19.86 -17.63 27.77
C GLY F 194 20.38 -18.65 28.75
N PRO F 195 21.43 -18.27 29.51
CA PRO F 195 22.19 -19.21 30.34
C PRO F 195 21.73 -19.43 31.76
N MET F 196 20.54 -18.98 32.16
CA MET F 196 20.16 -19.06 33.56
C MET F 196 20.05 -20.51 34.05
N ASP F 197 20.70 -20.83 35.17
CA ASP F 197 20.61 -22.19 35.71
C ASP F 197 20.38 -22.18 37.21
N HIS F 198 19.91 -21.05 37.72
CA HIS F 198 19.57 -20.94 39.13
C HIS F 198 18.15 -20.46 39.18
N THR F 199 17.36 -21.07 40.04
CA THR F 199 15.96 -20.71 40.19
C THR F 199 15.82 -19.50 41.10
N GLU F 200 14.62 -18.92 41.11
CA GLU F 200 14.32 -17.69 41.85
C GLU F 200 14.87 -17.70 43.26
N SER F 201 14.74 -18.84 43.94
CA SER F 201 15.27 -19.03 45.28
C SER F 201 16.77 -19.23 45.26
N GLY F 202 17.31 -19.70 44.15
CA GLY F 202 18.73 -20.00 44.05
C GLY F 202 19.11 -21.47 44.04
N LYS F 203 18.13 -22.38 44.06
CA LYS F 203 18.44 -23.81 43.96
C LYS F 203 18.99 -24.13 42.55
N THR F 204 19.61 -25.28 42.39
CA THR F 204 20.25 -25.62 41.13
C THR F 204 19.35 -26.39 40.16
N CYS F 205 19.31 -25.92 38.92
CA CYS F 205 18.54 -26.57 37.86
C CYS F 205 19.12 -27.94 37.53
N GLN F 206 18.23 -28.88 37.19
CA GLN F 206 18.63 -30.21 36.79
C GLN F 206 18.68 -30.29 35.27
N ARG F 207 19.72 -30.93 34.75
CA ARG F 207 19.83 -31.12 33.30
C ARG F 207 18.58 -31.79 32.74
N TRP F 208 18.19 -31.40 31.53
CA TRP F 208 17.00 -31.96 30.87
C TRP F 208 17.21 -33.39 30.36
N ASP F 209 18.42 -33.91 30.54
CA ASP F 209 18.74 -35.25 30.08
C ASP F 209 19.13 -36.14 31.25
N GLN F 210 18.74 -35.72 32.45
CA GLN F 210 18.93 -36.51 33.66
C GLN F 210 17.56 -36.71 34.30
N GLN F 211 17.18 -37.97 34.49
CA GLN F 211 15.85 -38.30 35.03
C GLN F 211 15.90 -38.46 36.54
N THR F 212 16.97 -37.98 37.14
CA THR F 212 17.10 -38.00 38.58
C THR F 212 17.69 -36.65 39.01
N PRO F 213 17.26 -36.14 40.17
CA PRO F 213 16.35 -36.74 41.14
C PRO F 213 14.88 -36.68 40.82
N HIS F 214 14.48 -36.11 39.70
CA HIS F 214 13.06 -36.09 39.36
C HIS F 214 12.82 -36.58 37.94
N ARG F 215 11.68 -37.23 37.72
CA ARG F 215 11.32 -37.72 36.39
C ARG F 215 10.55 -36.66 35.62
N HIS F 216 10.60 -36.74 34.30
CA HIS F 216 9.94 -35.77 33.45
C HIS F 216 9.81 -36.29 32.02
N LYS F 217 8.91 -35.67 31.25
CA LYS F 217 8.61 -36.18 29.92
C LYS F 217 9.39 -35.44 28.81
N PHE F 218 10.20 -34.47 29.20
CA PHE F 218 10.87 -33.63 28.22
C PHE F 218 12.29 -34.10 27.92
N LEU F 219 12.45 -35.31 27.39
CA LEU F 219 13.79 -35.68 26.93
C LEU F 219 13.96 -35.00 25.58
N PRO F 220 15.04 -34.21 25.43
CA PRO F 220 15.43 -33.45 24.24
C PRO F 220 15.02 -34.09 22.91
N GLU F 221 15.42 -35.33 22.67
CA GLU F 221 15.14 -36.05 21.41
C GLU F 221 13.66 -35.98 21.03
N ARG F 222 12.80 -35.99 22.04
CA ARG F 222 11.37 -35.81 21.82
C ARG F 222 10.98 -34.33 21.63
N TYR F 223 11.64 -33.41 22.33
CA TYR F 223 11.33 -32.00 22.17
C TYR F 223 12.53 -31.21 21.64
N PRO F 224 12.90 -31.42 20.37
CA PRO F 224 14.15 -30.86 19.83
C PRO F 224 13.98 -29.42 19.32
N ASP F 225 13.10 -28.67 19.96
CA ASP F 225 12.78 -27.32 19.51
C ASP F 225 12.91 -26.38 20.70
N LYS F 226 12.66 -26.93 21.88
CA LYS F 226 12.34 -26.13 23.07
C LYS F 226 13.55 -25.51 23.78
N GLY F 227 14.73 -25.66 23.19
CA GLY F 227 15.96 -25.13 23.75
C GLY F 227 16.43 -25.87 25.00
N PHE F 228 16.49 -27.19 24.92
CA PHE F 228 16.73 -28.04 26.08
C PHE F 228 18.19 -28.46 26.25
N ASP F 229 19.07 -27.51 26.53
CA ASP F 229 20.47 -27.86 26.68
C ASP F 229 20.90 -27.76 28.13
N ASP F 230 21.79 -28.66 28.53
CA ASP F 230 22.36 -28.60 29.87
C ASP F 230 21.24 -28.44 30.91
N ASN F 231 21.32 -27.41 31.73
CA ASN F 231 20.29 -27.19 32.72
C ASN F 231 19.78 -25.76 32.76
N TYR F 232 19.65 -25.15 31.59
CA TYR F 232 19.18 -23.77 31.55
C TYR F 232 17.68 -23.67 31.83
N CYS F 233 17.25 -22.51 32.33
CA CYS F 233 15.84 -22.25 32.57
C CYS F 233 15.13 -22.08 31.24
N ARG F 234 13.97 -22.71 31.12
CA ARG F 234 13.23 -22.70 29.86
C ARG F 234 11.72 -22.69 30.11
N ASN F 235 10.96 -22.69 29.02
CA ASN F 235 9.51 -22.70 29.12
C ASN F 235 8.92 -23.43 27.93
N PRO F 236 8.96 -24.76 27.97
CA PRO F 236 8.51 -25.57 26.84
C PRO F 236 7.01 -25.71 26.80
N ASP F 237 6.33 -25.19 27.83
CA ASP F 237 4.93 -25.52 28.07
C ASP F 237 4.03 -24.33 28.41
N GLY F 238 4.45 -23.13 28.00
CA GLY F 238 3.60 -21.96 28.13
C GLY F 238 3.17 -21.67 29.54
N LYS F 239 4.04 -21.99 30.49
CA LYS F 239 3.92 -21.46 31.85
C LYS F 239 4.15 -19.94 31.77
N PRO F 240 3.88 -19.21 32.87
CA PRO F 240 4.07 -17.76 32.82
C PRO F 240 5.49 -17.34 32.41
N ARG F 241 6.51 -17.98 32.95
CA ARG F 241 7.89 -17.60 32.67
C ARG F 241 8.76 -18.86 32.60
N PRO F 242 10.09 -18.71 32.37
CA PRO F 242 10.94 -19.90 32.41
C PRO F 242 11.02 -20.58 33.78
N TRP F 243 11.46 -21.83 33.77
CA TRP F 243 11.55 -22.66 34.97
C TRP F 243 12.47 -23.84 34.67
N CYS F 244 12.85 -24.58 35.70
CA CYS F 244 13.58 -25.82 35.49
C CYS F 244 13.21 -26.79 36.58
N TYR F 245 13.78 -27.99 36.49
CA TYR F 245 13.69 -28.93 37.61
C TYR F 245 14.80 -28.65 38.60
N THR F 246 14.45 -28.47 39.86
CA THR F 246 15.47 -28.21 40.87
C THR F 246 16.13 -29.49 41.34
N LEU F 247 17.25 -29.32 42.02
CA LEU F 247 18.10 -30.43 42.39
C LEU F 247 17.79 -30.86 43.81
N ASP F 248 17.19 -29.95 44.57
CA ASP F 248 16.65 -30.29 45.88
C ASP F 248 15.47 -31.25 45.72
N PRO F 249 15.61 -32.50 46.18
CA PRO F 249 14.58 -33.52 45.96
C PRO F 249 13.27 -33.19 46.68
N ASP F 250 13.30 -32.19 47.57
CA ASP F 250 12.09 -31.71 48.25
C ASP F 250 11.40 -30.61 47.45
N THR F 251 11.72 -30.53 46.16
CA THR F 251 11.06 -29.61 45.24
C THR F 251 11.21 -30.11 43.83
N PRO F 252 10.10 -30.52 43.21
CA PRO F 252 10.15 -31.10 41.87
C PRO F 252 10.64 -30.06 40.87
N TRP F 253 9.96 -28.91 40.81
CA TRP F 253 10.35 -27.85 39.89
C TRP F 253 10.07 -26.47 40.43
N GLU F 254 10.76 -25.48 39.87
CA GLU F 254 10.61 -24.10 40.30
C GLU F 254 10.97 -23.11 39.20
N TYR F 255 10.35 -21.93 39.27
CA TYR F 255 10.55 -20.84 38.32
C TYR F 255 11.92 -20.18 38.46
N CYS F 256 12.33 -19.40 37.46
CA CYS F 256 13.54 -18.58 37.57
C CYS F 256 13.20 -17.11 37.47
N ALA F 257 14.20 -16.25 37.63
CA ALA F 257 13.96 -14.81 37.66
C ALA F 257 14.74 -14.01 36.60
N ILE F 258 14.54 -14.40 35.33
CA ILE F 258 15.20 -13.75 34.19
C ILE F 258 14.69 -12.32 33.93
N LYS F 259 15.60 -11.37 33.74
CA LYS F 259 15.17 -9.99 33.54
C LYS F 259 14.40 -9.82 32.26
N THR F 260 13.41 -8.92 32.26
CA THR F 260 12.67 -8.64 31.06
C THR F 260 13.39 -7.60 30.23
N CYS F 261 13.09 -7.57 28.93
CA CYS F 261 13.76 -6.64 28.06
C CYS F 261 13.24 -5.23 28.29
N ALA F 262 14.17 -4.32 28.56
CA ALA F 262 13.83 -2.94 28.86
C ALA F 262 13.23 -2.27 27.63
N ASN G 10 -47.23 18.61 -27.41
CA ASN G 10 -46.32 19.18 -26.42
C ASN G 10 -44.86 18.85 -26.75
N THR G 11 -44.01 19.87 -26.77
CA THR G 11 -42.64 19.68 -27.21
C THR G 11 -41.60 19.95 -26.15
N LEU G 12 -42.06 20.07 -24.91
CA LEU G 12 -41.17 20.44 -23.83
C LEU G 12 -39.97 19.51 -23.78
N HIS G 13 -40.21 18.23 -24.03
CA HIS G 13 -39.18 17.18 -23.97
C HIS G 13 -37.96 17.39 -24.87
N GLU G 14 -38.09 18.21 -25.90
CA GLU G 14 -37.05 18.36 -26.92
C GLU G 14 -36.05 19.47 -26.60
N PHE G 15 -36.13 20.01 -25.39
CA PHE G 15 -35.29 21.13 -24.98
C PHE G 15 -34.44 20.85 -23.74
N LYS G 16 -33.30 21.53 -23.68
CA LYS G 16 -32.42 21.51 -22.53
C LYS G 16 -32.68 22.75 -21.68
N LYS G 17 -33.40 22.54 -20.58
CA LYS G 17 -33.79 23.63 -19.69
C LYS G 17 -32.59 24.26 -18.98
N SER G 18 -32.60 25.58 -18.88
CA SER G 18 -31.59 26.31 -18.11
C SER G 18 -32.28 27.28 -17.11
N ALA G 19 -32.37 26.86 -15.85
CA ALA G 19 -33.17 27.57 -14.83
C ALA G 19 -32.57 28.90 -14.37
N LYS G 20 -33.46 29.86 -14.11
CA LYS G 20 -33.07 31.20 -13.66
C LYS G 20 -32.13 31.90 -14.64
N THR G 21 -32.44 31.78 -15.94
CA THR G 21 -31.55 32.25 -17.01
C THR G 21 -32.29 33.03 -18.10
N THR G 22 -31.62 34.01 -18.70
CA THR G 22 -32.11 34.67 -19.90
C THR G 22 -31.03 34.73 -20.99
N LEU G 23 -31.41 35.18 -22.18
CA LEU G 23 -30.46 35.45 -23.23
C LEU G 23 -30.59 36.87 -23.73
N THR G 24 -29.46 37.51 -23.99
CA THR G 24 -29.45 38.89 -24.44
C THR G 24 -28.36 39.15 -25.48
N LYS G 25 -28.79 39.58 -26.66
CA LYS G 25 -27.87 39.89 -27.75
C LYS G 25 -27.20 41.24 -27.52
N ASP G 27 -27.71 44.03 -28.77
CA ASP G 27 -28.13 44.68 -30.00
C ASP G 27 -29.19 45.76 -29.73
N PRO G 28 -28.87 47.03 -30.08
CA PRO G 28 -29.88 48.10 -30.07
C PRO G 28 -31.05 47.79 -31.01
N LEU G 29 -30.74 47.17 -32.15
CA LEU G 29 -31.77 46.82 -33.13
C LEU G 29 -32.28 45.37 -33.01
N LEU G 30 -32.94 44.91 -34.08
CA LEU G 30 -33.67 43.64 -34.11
C LEU G 30 -34.76 43.52 -33.04
N LYS G 31 -36.00 43.39 -33.50
CA LYS G 31 -37.15 43.15 -32.63
C LYS G 31 -37.05 41.81 -31.91
N ILE G 32 -37.92 41.60 -30.92
CA ILE G 32 -37.92 40.36 -30.15
C ILE G 32 -39.35 39.88 -29.92
N LYS G 33 -39.77 38.90 -30.71
CA LYS G 33 -41.16 38.46 -30.67
C LYS G 33 -41.50 37.88 -29.31
N THR G 34 -42.63 38.31 -28.77
CA THR G 34 -43.10 37.89 -27.47
C THR G 34 -44.63 37.88 -27.52
N LYS G 35 -45.24 37.06 -26.68
CA LYS G 35 -46.70 36.88 -26.71
C LYS G 35 -47.09 36.20 -25.40
N LYS G 36 -48.26 36.55 -24.86
CA LYS G 36 -48.73 35.92 -23.62
C LYS G 36 -48.98 34.41 -23.84
N VAL G 37 -48.67 33.60 -22.84
CA VAL G 37 -49.00 32.16 -22.86
C VAL G 37 -49.31 31.68 -21.46
N ASN G 38 -49.94 30.51 -21.35
CA ASN G 38 -50.15 29.97 -20.02
C ASN G 38 -49.02 29.04 -19.58
N SER G 39 -48.52 28.24 -20.50
CA SER G 39 -47.43 27.31 -20.19
C SER G 39 -46.25 27.43 -21.15
N ALA G 40 -45.19 26.69 -20.85
CA ALA G 40 -43.97 26.72 -21.64
C ALA G 40 -44.09 25.95 -22.95
N ASP G 41 -44.64 24.74 -22.90
CA ASP G 41 -44.72 23.87 -24.08
C ASP G 41 -45.57 24.46 -25.21
N GLU G 42 -46.33 25.50 -24.90
CA GLU G 42 -47.06 26.26 -25.89
C GLU G 42 -46.06 27.08 -26.69
N CYS G 43 -45.09 27.64 -25.96
CA CYS G 43 -44.00 28.34 -26.59
C CYS G 43 -43.21 27.35 -27.44
N ALA G 44 -42.86 26.23 -26.82
CA ALA G 44 -42.05 25.18 -27.45
C ALA G 44 -42.61 24.65 -28.78
N ASN G 45 -43.92 24.38 -28.80
CA ASN G 45 -44.58 23.93 -30.03
C ASN G 45 -44.31 24.91 -31.15
N ARG G 46 -44.70 26.17 -30.91
CA ARG G 46 -44.50 27.29 -31.82
C ARG G 46 -43.06 27.31 -32.31
N CYS G 47 -42.15 27.25 -31.36
CA CYS G 47 -40.72 27.15 -31.64
C CYS G 47 -40.37 25.83 -32.31
N THR G 54 -41.27 33.90 -38.84
CA THR G 54 -40.50 34.88 -39.59
C THR G 54 -39.00 34.57 -39.52
N PHE G 55 -38.67 33.40 -38.98
CA PHE G 55 -37.30 32.99 -38.69
C PHE G 55 -37.27 31.60 -38.03
N THR G 56 -36.08 31.16 -37.61
CA THR G 56 -35.97 29.88 -36.90
C THR G 56 -35.57 30.05 -35.43
N CYS G 57 -36.41 29.50 -34.55
CA CYS G 57 -36.27 29.64 -33.12
C CYS G 57 -35.32 28.58 -32.51
N LYS G 58 -34.08 28.98 -32.27
CA LYS G 58 -33.07 28.09 -31.70
C LYS G 58 -33.20 27.89 -30.17
N ALA G 59 -33.88 28.81 -29.51
CA ALA G 59 -34.06 28.76 -28.06
C ALA G 59 -35.13 29.78 -27.67
N PHE G 60 -35.83 29.53 -26.56
CA PHE G 60 -36.78 30.52 -26.05
C PHE G 60 -36.68 30.70 -24.53
N VAL G 61 -37.23 31.82 -24.03
CA VAL G 61 -37.25 32.09 -22.59
C VAL G 61 -38.70 32.19 -22.13
N PHE G 62 -38.97 31.67 -20.95
CA PHE G 62 -40.30 31.73 -20.40
C PHE G 62 -40.32 32.47 -19.06
N ASP G 63 -41.32 33.31 -18.87
CA ASP G 63 -41.48 34.04 -17.62
C ASP G 63 -42.50 33.32 -16.73
N LYS G 64 -42.07 32.87 -15.57
CA LYS G 64 -42.97 32.18 -14.67
C LYS G 64 -44.00 33.14 -14.08
N SER G 65 -43.58 34.37 -13.78
CA SER G 65 -44.46 35.38 -13.20
C SER G 65 -45.39 36.05 -14.21
N ARG G 66 -44.80 36.73 -15.20
CA ARG G 66 -45.55 37.49 -16.19
C ARG G 66 -46.15 36.58 -17.28
N LYS G 67 -45.80 35.29 -17.24
CA LYS G 67 -46.33 34.29 -18.16
C LYS G 67 -46.25 34.63 -19.66
N ARG G 68 -45.42 35.60 -20.02
CA ARG G 68 -45.16 35.90 -21.43
C ARG G 68 -43.89 35.12 -21.83
N CYS G 69 -43.80 34.77 -23.11
CA CYS G 69 -42.71 33.94 -23.60
C CYS G 69 -41.92 34.73 -24.65
N TYR G 70 -40.62 34.48 -24.74
CA TYR G 70 -39.77 35.22 -25.69
C TYR G 70 -39.05 34.23 -26.61
N TRP G 71 -39.19 34.42 -27.93
CA TRP G 71 -38.60 33.48 -28.90
C TRP G 71 -37.40 34.04 -29.64
N TYR G 72 -36.28 33.33 -29.60
CA TYR G 72 -35.01 33.83 -30.15
C TYR G 72 -34.50 33.04 -31.37
N PRO G 73 -33.73 33.69 -32.26
CA PRO G 73 -33.07 33.01 -33.38
C PRO G 73 -31.68 32.50 -32.99
N PHE G 74 -31.37 32.52 -31.70
CA PHE G 74 -30.03 32.16 -31.27
C PHE G 74 -30.04 31.37 -29.94
N ASN G 75 -28.84 31.06 -29.46
CA ASN G 75 -28.67 30.43 -28.15
C ASN G 75 -27.41 30.93 -27.47
N SER G 76 -27.11 30.37 -26.29
CA SER G 76 -25.91 30.72 -25.54
C SER G 76 -24.64 30.52 -26.37
N MET G 77 -24.65 29.50 -27.22
CA MET G 77 -23.45 29.18 -27.99
C MET G 77 -23.22 30.19 -29.11
N SER G 78 -24.26 30.94 -29.48
CA SER G 78 -24.17 31.93 -30.56
C SER G 78 -23.24 33.10 -30.22
N SER G 79 -22.86 33.86 -31.23
CA SER G 79 -21.90 34.94 -31.06
C SER G 79 -22.51 36.13 -30.34
N GLY G 80 -21.81 36.63 -29.33
CA GLY G 80 -22.19 37.85 -28.63
C GLY G 80 -23.54 37.82 -27.95
N VAL G 81 -23.63 37.11 -26.83
CA VAL G 81 -24.89 36.96 -26.10
C VAL G 81 -24.63 36.51 -24.67
N LYS G 82 -24.85 37.41 -23.70
CA LYS G 82 -24.62 37.04 -22.30
C LYS G 82 -25.85 36.35 -21.72
N LYS G 83 -25.68 35.72 -20.56
CA LYS G 83 -26.78 35.04 -19.89
C LYS G 83 -27.53 35.96 -18.94
N GLY G 84 -26.94 36.20 -17.76
CA GLY G 84 -27.61 36.97 -16.74
C GLY G 84 -28.63 36.17 -15.95
N PHE G 85 -28.85 36.56 -14.70
CA PHE G 85 -29.77 35.87 -13.79
C PHE G 85 -31.26 36.13 -14.09
N GLY G 86 -32.12 35.97 -13.09
CA GLY G 86 -33.52 36.24 -13.26
C GLY G 86 -34.35 35.21 -12.53
N HIS G 87 -34.74 35.49 -11.29
CA HIS G 87 -35.47 34.52 -10.48
C HIS G 87 -36.94 34.38 -10.86
N GLU G 88 -37.22 34.37 -12.16
CA GLU G 88 -38.57 34.13 -12.66
C GLU G 88 -38.50 33.70 -14.14
N PHE G 89 -37.28 33.60 -14.64
CA PHE G 89 -37.00 33.17 -16.01
C PHE G 89 -36.58 31.70 -16.07
N ASP G 90 -36.84 31.07 -17.20
CA ASP G 90 -36.38 29.72 -17.48
C ASP G 90 -35.95 29.68 -18.95
N LEU G 91 -34.70 29.31 -19.18
CA LEU G 91 -34.17 29.19 -20.53
C LEU G 91 -34.34 27.78 -21.11
N TYR G 92 -34.96 27.72 -22.28
CA TYR G 92 -35.22 26.46 -22.96
C TYR G 92 -34.55 26.41 -24.33
N GLU G 93 -33.34 25.85 -24.42
CA GLU G 93 -32.65 25.73 -25.70
C GLU G 93 -33.01 24.44 -26.44
N ASN G 94 -33.03 24.50 -27.76
CA ASN G 94 -33.25 23.30 -28.56
C ASN G 94 -32.08 22.32 -28.49
N LYS G 95 -32.40 21.05 -28.28
CA LYS G 95 -31.37 20.03 -28.14
C LYS G 95 -30.57 19.88 -29.42
N ASP G 96 -31.27 19.96 -30.55
CA ASP G 96 -30.67 19.69 -31.86
C ASP G 96 -29.50 20.60 -32.18
N TYR G 97 -29.44 21.78 -31.55
CA TYR G 97 -28.42 22.74 -31.94
C TYR G 97 -27.17 22.70 -31.08
N ILE G 98 -27.10 21.78 -30.14
CA ILE G 98 -26.03 21.85 -29.17
C ILE G 98 -25.46 20.50 -28.78
N ARG G 99 -26.18 19.43 -29.14
CA ARG G 99 -25.95 18.12 -28.57
C ARG G 99 -24.52 17.56 -28.54
N ASN G 100 -23.76 17.70 -29.62
CA ASN G 100 -22.44 17.04 -29.78
C ASN G 100 -22.52 15.51 -30.01
N CYS G 101 -23.73 15.00 -30.03
CA CYS G 101 -23.93 13.59 -30.34
C CYS G 101 -25.15 13.43 -31.23
N ILE G 102 -25.54 12.19 -31.47
CA ILE G 102 -26.50 11.89 -32.51
C ILE G 102 -27.36 10.71 -32.13
N ILE G 103 -28.67 10.86 -32.30
CA ILE G 103 -29.61 9.77 -32.07
C ILE G 103 -29.91 9.09 -33.41
N GLY G 104 -29.49 7.85 -33.56
CA GLY G 104 -29.80 7.12 -34.76
C GLY G 104 -29.11 7.61 -36.04
N LYS G 105 -29.88 7.83 -37.10
CA LYS G 105 -29.33 8.19 -38.40
C LYS G 105 -28.81 9.64 -38.48
N GLY G 106 -28.69 10.31 -37.33
CA GLY G 106 -28.20 11.67 -37.29
C GLY G 106 -29.17 12.66 -37.88
N GLY G 107 -30.45 12.30 -37.85
CA GLY G 107 -31.47 13.08 -38.51
C GLY G 107 -31.43 14.56 -38.18
N SER G 108 -32.02 14.91 -37.05
CA SER G 108 -32.26 16.31 -36.74
C SER G 108 -31.00 17.05 -36.33
N TYR G 109 -29.86 16.37 -36.39
CA TYR G 109 -28.59 16.93 -35.94
C TYR G 109 -28.24 18.29 -36.55
N LYS G 110 -28.30 19.34 -35.74
CA LYS G 110 -27.97 20.67 -36.20
C LYS G 110 -26.82 21.21 -35.37
N GLY G 111 -25.83 20.34 -35.15
CA GLY G 111 -24.68 20.69 -34.35
C GLY G 111 -23.70 21.58 -35.09
N THR G 112 -22.43 21.55 -34.70
CA THR G 112 -21.46 22.47 -35.26
C THR G 112 -20.18 21.78 -35.73
N VAL G 113 -20.17 20.45 -35.67
CA VAL G 113 -19.07 19.66 -36.22
C VAL G 113 -18.88 20.05 -37.69
N SER G 114 -17.65 20.11 -38.17
CA SER G 114 -17.44 20.54 -39.54
C SER G 114 -16.24 19.89 -40.23
N ILE G 115 -16.05 18.59 -39.98
CA ILE G 115 -14.84 17.91 -40.42
C ILE G 115 -15.15 16.43 -40.58
N THR G 116 -14.52 15.79 -41.56
CA THR G 116 -14.86 14.42 -41.89
C THR G 116 -14.12 13.36 -41.07
N LYS G 117 -14.28 12.10 -41.45
CA LYS G 117 -13.54 11.00 -40.84
C LYS G 117 -12.14 10.93 -41.44
N SER G 118 -11.80 11.97 -42.20
CA SER G 118 -10.46 12.16 -42.71
C SER G 118 -10.05 13.57 -42.32
N GLY G 119 -10.98 14.26 -41.68
CA GLY G 119 -10.73 15.61 -41.22
C GLY G 119 -10.49 16.60 -42.34
N ILE G 120 -11.49 16.80 -43.19
CA ILE G 120 -11.42 17.84 -44.20
C ILE G 120 -12.39 18.95 -43.80
N LYS G 121 -12.00 20.20 -44.03
CA LYS G 121 -12.93 21.32 -43.85
C LYS G 121 -14.06 21.11 -44.85
N CYS G 122 -15.29 21.24 -44.41
CA CYS G 122 -16.39 21.00 -45.33
C CYS G 122 -16.60 22.18 -46.28
N GLN G 123 -16.84 21.87 -47.54
CA GLN G 123 -17.32 22.85 -48.49
C GLN G 123 -18.58 23.47 -47.91
N PRO G 124 -18.66 24.81 -47.87
CA PRO G 124 -19.90 25.45 -47.39
C PRO G 124 -21.11 25.10 -48.27
N TRP G 125 -22.29 25.08 -47.65
CA TRP G 125 -23.50 24.63 -48.33
C TRP G 125 -24.12 25.70 -49.23
N ASN G 126 -23.39 26.78 -49.47
CA ASN G 126 -23.80 27.75 -50.48
C ASN G 126 -22.78 27.86 -51.61
N SER G 127 -21.62 27.25 -51.40
CA SER G 127 -20.59 27.16 -52.45
C SER G 127 -20.89 25.99 -53.38
N MET G 128 -20.37 26.07 -54.59
CA MET G 128 -20.43 24.95 -55.52
C MET G 128 -19.03 24.63 -55.99
N ILE G 129 -18.05 24.88 -55.13
CA ILE G 129 -16.64 24.67 -55.47
C ILE G 129 -15.90 24.00 -54.34
N PRO G 130 -15.17 22.91 -54.64
CA PRO G 130 -15.07 22.29 -55.96
C PRO G 130 -16.11 21.18 -56.23
N HIS G 131 -17.30 21.29 -55.64
CA HIS G 131 -18.33 20.28 -55.85
C HIS G 131 -19.73 20.89 -56.00
N GLU G 132 -20.27 20.78 -57.21
CA GLU G 132 -21.64 21.16 -57.52
C GLU G 132 -22.65 20.22 -56.84
N HIS G 133 -23.79 20.77 -56.40
CA HIS G 133 -24.77 19.96 -55.67
C HIS G 133 -26.10 20.67 -55.58
N SER G 134 -27.19 19.91 -55.48
CA SER G 134 -28.51 20.53 -55.39
C SER G 134 -29.05 20.57 -53.96
N PHE G 135 -28.12 20.63 -53.01
CA PHE G 135 -28.46 20.75 -51.59
C PHE G 135 -28.33 22.19 -51.14
N LEU G 136 -29.33 23.00 -51.46
CA LEU G 136 -29.31 24.41 -51.10
C LEU G 136 -30.32 24.70 -50.01
N PRO G 137 -29.94 25.57 -49.06
CA PRO G 137 -30.76 25.86 -47.87
C PRO G 137 -32.16 26.36 -48.27
N SER G 138 -32.25 26.89 -49.49
CA SER G 138 -33.50 27.36 -50.07
C SER G 138 -34.51 26.24 -50.35
N SER G 139 -34.01 25.07 -50.74
CA SER G 139 -34.89 23.96 -51.06
C SER G 139 -35.07 23.01 -49.87
N TYR G 140 -34.12 23.05 -48.95
CA TYR G 140 -34.26 22.33 -47.70
C TYR G 140 -34.30 23.28 -46.52
N ARG G 141 -35.33 24.13 -46.48
CA ARG G 141 -35.53 24.98 -45.31
C ARG G 141 -35.77 24.08 -44.11
N GLY G 142 -35.18 24.44 -42.97
CA GLY G 142 -35.38 23.71 -41.74
C GLY G 142 -34.46 22.54 -41.52
N LYS G 143 -33.31 22.55 -42.19
CA LYS G 143 -32.35 21.46 -42.06
C LYS G 143 -30.98 22.03 -41.75
N ASP G 144 -30.90 23.37 -41.72
CA ASP G 144 -29.71 24.07 -41.24
C ASP G 144 -28.49 23.85 -42.12
N LEU G 145 -28.67 23.87 -43.44
CA LEU G 145 -27.53 23.77 -44.35
C LEU G 145 -26.78 25.09 -44.41
N GLN G 146 -26.13 25.44 -43.30
CA GLN G 146 -25.39 26.69 -43.18
C GLN G 146 -23.95 26.37 -42.85
N GLU G 147 -23.06 27.28 -43.21
CA GLU G 147 -21.63 27.09 -42.97
C GLU G 147 -21.14 25.79 -43.63
N ASN G 148 -20.33 25.03 -42.91
CA ASN G 148 -19.71 23.82 -43.43
C ASN G 148 -20.13 22.65 -42.56
N TYR G 149 -21.35 22.73 -42.04
CA TYR G 149 -21.80 21.86 -40.96
C TYR G 149 -22.23 20.45 -41.40
N CYS G 150 -21.60 19.43 -40.82
CA CYS G 150 -21.96 18.05 -41.08
C CYS G 150 -23.43 17.87 -40.79
N ARG G 151 -24.21 17.55 -41.83
CA ARG G 151 -25.65 17.40 -41.65
C ARG G 151 -26.17 16.13 -42.30
N ASN G 152 -27.35 15.70 -41.88
CA ASN G 152 -28.05 14.64 -42.60
C ASN G 152 -29.41 15.09 -43.13
N PRO G 153 -29.41 15.77 -44.28
CA PRO G 153 -30.64 16.37 -44.83
C PRO G 153 -31.72 15.33 -45.06
N ARG G 154 -31.42 14.24 -45.75
CA ARG G 154 -32.44 13.29 -46.20
C ARG G 154 -32.79 12.14 -45.24
N GLY G 155 -32.20 12.11 -44.05
CA GLY G 155 -32.49 11.03 -43.12
C GLY G 155 -31.83 9.70 -43.48
N GLU G 156 -30.93 9.76 -44.45
CA GLU G 156 -30.22 8.57 -44.91
C GLU G 156 -29.40 7.86 -43.82
N GLU G 157 -28.95 6.65 -44.12
CA GLU G 157 -28.41 5.77 -43.09
C GLU G 157 -26.97 6.11 -42.76
N GLY G 158 -26.29 6.75 -43.69
CA GLY G 158 -24.91 7.12 -43.46
C GLY G 158 -24.66 8.00 -42.26
N GLY G 159 -25.69 8.68 -41.75
CA GLY G 159 -25.49 9.70 -40.72
C GLY G 159 -25.08 11.02 -41.38
N PRO G 160 -24.78 12.06 -40.58
CA PRO G 160 -24.37 13.36 -41.11
C PRO G 160 -23.11 13.30 -41.95
N TRP G 161 -23.08 14.15 -42.96
CA TRP G 161 -22.05 14.13 -43.97
C TRP G 161 -21.98 15.55 -44.49
N CYS G 162 -21.02 15.79 -45.37
CA CYS G 162 -20.87 17.10 -45.97
C CYS G 162 -20.14 16.95 -47.30
N PHE G 163 -20.07 18.03 -48.05
CA PHE G 163 -19.23 17.99 -49.23
C PHE G 163 -17.88 18.42 -48.75
N THR G 164 -16.85 17.70 -49.18
CA THR G 164 -15.49 17.98 -48.72
C THR G 164 -14.87 19.21 -49.41
N SER G 165 -13.65 19.55 -49.01
CA SER G 165 -12.95 20.67 -49.63
C SER G 165 -11.97 20.16 -50.67
N ASN G 166 -11.79 18.85 -50.70
CA ASN G 166 -10.86 18.21 -51.61
C ASN G 166 -11.56 17.71 -52.89
N PRO G 167 -11.10 18.19 -54.05
CA PRO G 167 -11.70 17.88 -55.35
C PRO G 167 -11.53 16.44 -55.86
N GLU G 168 -10.90 15.56 -55.10
CA GLU G 168 -10.80 14.15 -55.51
C GLU G 168 -11.75 13.30 -54.71
N VAL G 169 -12.08 13.79 -53.52
CA VAL G 169 -13.09 13.19 -52.66
C VAL G 169 -14.27 14.16 -52.51
N ARG G 170 -15.38 13.82 -53.17
CA ARG G 170 -16.53 14.71 -53.29
C ARG G 170 -17.30 14.89 -52.00
N TYR G 171 -17.69 13.77 -51.39
CA TYR G 171 -18.47 13.81 -50.16
C TYR G 171 -18.00 12.77 -49.13
N GLU G 172 -18.16 13.08 -47.86
CA GLU G 172 -17.67 12.20 -46.81
C GLU G 172 -18.55 12.27 -45.57
N VAL G 173 -18.60 11.18 -44.84
CA VAL G 173 -19.36 11.10 -43.60
C VAL G 173 -18.64 11.85 -42.47
N CYS G 174 -19.34 12.07 -41.37
CA CYS G 174 -18.76 12.74 -40.20
C CYS G 174 -18.77 11.86 -38.96
N ASP G 175 -17.61 11.67 -38.35
CA ASP G 175 -17.52 10.85 -37.14
C ASP G 175 -18.16 11.59 -35.98
N ILE G 176 -19.43 11.31 -35.74
CA ILE G 176 -20.17 11.94 -34.65
C ILE G 176 -20.85 10.84 -33.85
N PRO G 177 -20.59 10.80 -32.54
CA PRO G 177 -20.94 9.65 -31.70
C PRO G 177 -22.40 9.59 -31.38
N GLN G 178 -22.87 8.39 -31.08
CA GLN G 178 -24.26 8.20 -30.71
C GLN G 178 -24.48 8.76 -29.32
N CYS G 179 -25.66 9.31 -29.05
CA CYS G 179 -25.97 9.87 -27.75
C CYS G 179 -26.14 8.76 -26.70
N SER G 180 -25.84 7.52 -27.07
CA SER G 180 -25.96 6.43 -26.11
C SER G 180 -24.57 5.89 -25.80
N GLU G 181 -23.56 6.52 -26.40
CA GLU G 181 -22.20 6.06 -26.21
C GLU G 181 -21.24 7.18 -25.80
N VAL G 182 -21.71 8.42 -25.87
CA VAL G 182 -20.81 9.54 -25.65
C VAL G 182 -20.40 9.67 -24.18
N GLU G 183 -21.34 9.50 -23.25
CA GLU G 183 -20.92 9.15 -21.89
C GLU G 183 -21.12 7.65 -21.77
N CYS G 184 -20.15 6.96 -21.19
CA CYS G 184 -20.26 5.52 -21.00
C CYS G 184 -20.72 5.21 -19.56
N MET G 185 -21.60 4.20 -19.43
CA MET G 185 -22.11 3.84 -18.11
C MET G 185 -21.26 2.73 -17.52
N THR G 186 -21.31 2.61 -16.20
CA THR G 186 -20.53 1.61 -15.51
C THR G 186 -21.31 1.08 -14.32
N ALA G 187 -21.10 -0.18 -13.97
CA ALA G 187 -21.93 -0.86 -12.96
C ALA G 187 -23.42 -0.71 -13.28
N ASN G 188 -24.24 -0.41 -12.27
CA ASN G 188 -25.67 -0.20 -12.49
C ASN G 188 -25.94 1.17 -13.13
N GLY G 189 -24.88 1.94 -13.29
CA GLY G 189 -24.99 3.25 -13.90
C GLY G 189 -25.65 4.28 -13.00
N GLU G 190 -25.52 4.10 -11.70
CA GLU G 190 -26.09 5.06 -10.76
C GLU G 190 -25.34 6.36 -10.90
N SER G 191 -24.12 6.26 -11.40
CA SER G 191 -23.25 7.40 -11.63
C SER G 191 -23.55 8.12 -12.94
N TYR G 192 -24.23 7.45 -13.87
CA TYR G 192 -24.42 8.00 -15.22
C TYR G 192 -25.07 9.37 -15.20
N ARG G 193 -24.63 10.23 -16.12
CA ARG G 193 -25.17 11.57 -16.19
C ARG G 193 -25.12 12.11 -17.60
N GLY G 194 -25.36 11.24 -18.58
CA GLY G 194 -25.19 11.60 -19.99
C GLY G 194 -26.45 12.07 -20.68
N PRO G 195 -26.37 12.24 -22.00
CA PRO G 195 -27.44 12.88 -22.78
C PRO G 195 -28.58 11.99 -23.21
N MET G 196 -28.49 10.68 -23.04
CA MET G 196 -29.50 9.80 -23.63
C MET G 196 -30.89 10.11 -23.12
N ASP G 197 -31.81 10.40 -24.05
CA ASP G 197 -33.18 10.76 -23.70
C ASP G 197 -34.17 9.81 -24.37
N HIS G 198 -33.67 8.67 -24.83
CA HIS G 198 -34.50 7.66 -25.47
C HIS G 198 -34.30 6.31 -24.82
N THR G 199 -35.39 5.55 -24.73
CA THR G 199 -35.37 4.24 -24.11
C THR G 199 -34.91 3.20 -25.11
N GLU G 200 -34.76 1.97 -24.63
CA GLU G 200 -34.24 0.88 -25.46
C GLU G 200 -35.14 0.56 -26.65
N SER G 201 -36.45 0.64 -26.47
CA SER G 201 -37.38 0.35 -27.56
C SER G 201 -37.50 1.50 -28.57
N GLY G 202 -36.89 2.64 -28.25
CA GLY G 202 -36.95 3.78 -29.15
C GLY G 202 -37.96 4.83 -28.71
N LYS G 203 -38.52 4.63 -27.52
CA LYS G 203 -39.47 5.58 -26.94
C LYS G 203 -38.77 6.83 -26.45
N THR G 204 -39.57 7.87 -26.20
CA THR G 204 -39.04 9.16 -25.77
C THR G 204 -39.28 9.39 -24.29
N CYS G 205 -38.26 9.90 -23.61
CA CYS G 205 -38.33 10.14 -22.18
C CYS G 205 -39.13 11.38 -21.84
N GLN G 206 -40.01 11.27 -20.85
CA GLN G 206 -40.73 12.45 -20.37
C GLN G 206 -39.80 13.24 -19.47
N ARG G 207 -40.03 14.54 -19.35
CA ARG G 207 -39.19 15.37 -18.47
C ARG G 207 -39.43 14.98 -17.00
N TRP G 208 -38.36 14.90 -16.22
CA TRP G 208 -38.45 14.46 -14.84
C TRP G 208 -39.33 15.40 -14.02
N ASP G 209 -39.35 16.66 -14.42
CA ASP G 209 -40.06 17.70 -13.70
C ASP G 209 -41.45 17.88 -14.29
N GLN G 210 -42.14 16.76 -14.49
CA GLN G 210 -43.46 16.76 -15.12
C GLN G 210 -44.21 15.51 -14.72
N GLN G 211 -45.44 15.66 -14.23
CA GLN G 211 -46.22 14.50 -13.80
C GLN G 211 -47.15 14.00 -14.88
N THR G 212 -46.90 14.44 -16.12
CA THR G 212 -47.72 14.04 -17.26
C THR G 212 -46.90 13.36 -18.37
N PRO G 213 -47.37 12.20 -18.86
CA PRO G 213 -48.63 11.52 -18.47
C PRO G 213 -48.56 10.68 -17.19
N HIS G 214 -47.37 10.24 -16.81
CA HIS G 214 -47.26 9.40 -15.62
C HIS G 214 -46.81 10.22 -14.42
N ARG G 215 -47.53 10.12 -13.31
CA ARG G 215 -47.12 10.80 -12.09
C ARG G 215 -45.99 10.00 -11.42
N HIS G 216 -45.17 10.70 -10.63
CA HIS G 216 -44.05 10.05 -9.96
C HIS G 216 -43.53 10.83 -8.75
N LYS G 217 -42.80 10.14 -7.89
CA LYS G 217 -42.27 10.69 -6.64
C LYS G 217 -40.89 11.32 -6.84
N PHE G 218 -40.31 11.10 -8.00
CA PHE G 218 -39.00 11.65 -8.31
C PHE G 218 -39.11 13.08 -8.73
N LEU G 219 -39.12 14.00 -7.78
CA LEU G 219 -39.18 15.43 -8.08
C LEU G 219 -37.81 16.05 -7.87
N PRO G 220 -37.27 16.70 -8.93
CA PRO G 220 -35.91 17.25 -9.03
C PRO G 220 -35.44 17.94 -7.75
N GLU G 221 -36.36 18.69 -7.14
CA GLU G 221 -36.13 19.41 -5.89
C GLU G 221 -35.58 18.47 -4.83
N ARG G 222 -36.39 17.53 -4.37
CA ARG G 222 -36.02 16.66 -3.25
C ARG G 222 -34.85 15.71 -3.54
N TYR G 223 -34.35 15.74 -4.77
CA TYR G 223 -33.27 14.85 -5.15
C TYR G 223 -32.13 15.55 -5.92
N PRO G 224 -31.38 16.44 -5.24
CA PRO G 224 -30.25 17.12 -5.89
C PRO G 224 -29.14 16.14 -6.24
N ASP G 225 -29.18 14.97 -5.60
CA ASP G 225 -28.10 13.99 -5.71
C ASP G 225 -28.16 13.19 -7.02
N LYS G 226 -29.35 13.09 -7.59
CA LYS G 226 -29.58 12.17 -8.69
C LYS G 226 -29.46 12.87 -10.01
N GLY G 227 -29.47 14.20 -9.97
CA GLY G 227 -29.32 15.00 -11.19
C GLY G 227 -30.42 14.69 -12.18
N PHE G 228 -31.63 15.12 -11.84
CA PHE G 228 -32.81 14.85 -12.63
C PHE G 228 -33.11 15.93 -13.64
N ASP G 229 -32.19 16.20 -14.56
CA ASP G 229 -32.38 17.32 -15.48
C ASP G 229 -33.00 16.92 -16.82
N ASP G 230 -33.95 17.71 -17.30
CA ASP G 230 -34.61 17.43 -18.57
C ASP G 230 -35.26 16.06 -18.58
N ASN G 231 -34.90 15.24 -19.57
CA ASN G 231 -35.45 13.89 -19.67
C ASN G 231 -34.34 12.84 -19.86
N TYR G 232 -33.16 13.14 -19.35
CA TYR G 232 -32.06 12.21 -19.52
C TYR G 232 -32.26 10.94 -18.69
N CYS G 233 -31.99 9.82 -19.33
CA CYS G 233 -32.03 8.53 -18.66
C CYS G 233 -31.15 8.55 -17.42
N ARG G 234 -31.73 8.20 -16.27
CA ARG G 234 -30.98 8.20 -15.01
C ARG G 234 -31.25 6.93 -14.22
N ASN G 235 -30.43 6.67 -13.20
CA ASN G 235 -30.69 5.52 -12.32
C ASN G 235 -30.68 5.89 -10.84
N PRO G 236 -31.80 6.44 -10.36
CA PRO G 236 -31.78 6.95 -8.99
C PRO G 236 -32.09 5.86 -7.97
N ASP G 237 -32.95 4.91 -8.31
CA ASP G 237 -33.41 3.94 -7.33
C ASP G 237 -32.61 2.63 -7.30
N GLY G 238 -31.54 2.56 -8.08
CA GLY G 238 -30.63 1.42 -7.98
C GLY G 238 -31.06 0.21 -8.77
N LYS G 239 -31.82 0.43 -9.84
CA LYS G 239 -32.18 -0.65 -10.75
C LYS G 239 -30.92 -1.18 -11.44
N PRO G 240 -31.03 -2.31 -12.15
CA PRO G 240 -29.86 -2.79 -12.89
C PRO G 240 -29.24 -1.75 -13.83
N ARG G 241 -30.01 -0.80 -14.36
CA ARG G 241 -29.43 0.19 -15.27
C ARG G 241 -30.39 1.35 -15.50
N PRO G 242 -29.87 2.49 -16.01
CA PRO G 242 -30.67 3.70 -16.27
C PRO G 242 -31.98 3.49 -17.05
N TRP G 243 -32.93 4.34 -16.73
CA TRP G 243 -34.30 4.23 -17.21
C TRP G 243 -34.96 5.60 -17.20
N CYS G 244 -36.23 5.65 -17.58
CA CYS G 244 -37.03 6.87 -17.42
C CYS G 244 -38.50 6.61 -17.69
N TYR G 245 -39.32 7.62 -17.46
CA TYR G 245 -40.72 7.56 -17.80
C TYR G 245 -40.90 7.95 -19.27
N THR G 246 -41.84 7.29 -19.96
CA THR G 246 -41.97 7.50 -21.41
C THR G 246 -43.22 8.29 -21.80
N LEU G 247 -43.25 8.67 -23.07
CA LEU G 247 -44.35 9.45 -23.61
C LEU G 247 -45.48 8.57 -24.15
N ASP G 248 -45.32 7.26 -24.02
CA ASP G 248 -46.41 6.34 -24.24
C ASP G 248 -47.15 6.18 -22.92
N PRO G 249 -48.39 6.66 -22.85
CA PRO G 249 -49.11 6.64 -21.57
C PRO G 249 -49.52 5.22 -21.21
N ASP G 250 -49.37 4.32 -22.18
CA ASP G 250 -49.68 2.91 -22.00
C ASP G 250 -48.50 2.15 -21.36
N THR G 251 -47.31 2.75 -21.39
CA THR G 251 -46.17 2.17 -20.68
C THR G 251 -45.42 3.19 -19.79
N PRO G 252 -45.69 3.17 -18.47
CA PRO G 252 -45.07 4.10 -17.52
C PRO G 252 -43.57 4.32 -17.76
N TRP G 253 -42.74 3.33 -17.43
CA TRP G 253 -41.30 3.48 -17.60
C TRP G 253 -40.64 2.32 -18.35
N GLU G 254 -39.35 2.47 -18.61
CA GLU G 254 -38.63 1.55 -19.48
C GLU G 254 -37.12 1.81 -19.38
N TYR G 255 -36.31 0.76 -19.50
CA TYR G 255 -34.85 0.86 -19.41
C TYR G 255 -34.23 1.56 -20.60
N CYS G 256 -33.06 2.16 -20.38
CA CYS G 256 -32.32 2.79 -21.47
C CYS G 256 -31.14 1.92 -21.82
N ALA G 257 -30.62 2.06 -23.02
CA ALA G 257 -29.46 1.26 -23.39
C ALA G 257 -28.24 2.13 -23.61
N ILE G 258 -27.47 2.35 -22.55
CA ILE G 258 -26.28 3.19 -22.62
C ILE G 258 -25.04 2.30 -22.76
N LYS G 259 -24.09 2.68 -23.62
CA LYS G 259 -22.87 1.87 -23.77
C LYS G 259 -22.03 1.87 -22.50
N THR G 260 -21.40 0.73 -22.25
CA THR G 260 -20.50 0.58 -21.11
C THR G 260 -19.07 0.94 -21.47
N CYS G 261 -18.29 1.29 -20.46
CA CYS G 261 -16.89 1.58 -20.67
C CYS G 261 -16.19 0.27 -20.96
N ALA G 262 -15.25 0.26 -21.89
CA ALA G 262 -14.59 -0.97 -22.29
C ALA G 262 -13.08 -0.83 -22.31
N THR H 11 -49.48 -34.77 -26.95
CA THR H 11 -48.79 -34.37 -25.73
C THR H 11 -47.28 -34.39 -25.86
N LEU H 12 -46.77 -35.13 -26.85
CA LEU H 12 -45.34 -35.32 -27.02
C LEU H 12 -44.62 -34.06 -27.49
N HIS H 13 -45.38 -33.05 -27.89
CA HIS H 13 -44.83 -31.77 -28.31
C HIS H 13 -44.59 -30.83 -27.12
N GLU H 14 -44.97 -31.26 -25.92
CA GLU H 14 -44.77 -30.46 -24.73
C GLU H 14 -43.45 -30.86 -24.13
N PHE H 15 -42.65 -31.59 -24.90
CA PHE H 15 -41.41 -32.13 -24.35
C PHE H 15 -40.16 -31.81 -25.16
N LYS H 16 -39.06 -31.53 -24.45
CA LYS H 16 -37.79 -31.32 -25.09
C LYS H 16 -36.98 -32.62 -25.04
N LYS H 17 -36.79 -33.23 -26.20
CA LYS H 17 -36.00 -34.46 -26.30
C LYS H 17 -34.52 -34.17 -26.17
N SER H 18 -33.82 -35.10 -25.52
CA SER H 18 -32.36 -35.11 -25.41
C SER H 18 -31.87 -36.56 -25.47
N ALA H 19 -31.48 -37.01 -26.67
CA ALA H 19 -31.25 -38.44 -26.96
C ALA H 19 -30.13 -39.12 -26.17
N LYS H 20 -30.24 -40.44 -26.04
CA LYS H 20 -29.24 -41.27 -25.35
C LYS H 20 -28.90 -40.74 -23.97
N THR H 21 -29.88 -40.16 -23.28
CA THR H 21 -29.61 -39.47 -22.02
C THR H 21 -30.46 -40.07 -20.91
N THR H 22 -29.92 -40.15 -19.70
CA THR H 22 -30.71 -40.55 -18.53
C THR H 22 -30.43 -39.67 -17.32
N LEU H 23 -31.23 -39.83 -16.28
CA LEU H 23 -31.06 -39.04 -15.07
C LEU H 23 -30.81 -39.95 -13.88
N THR H 24 -29.97 -39.48 -12.96
CA THR H 24 -29.73 -40.17 -11.68
C THR H 24 -29.38 -39.20 -10.55
N LYS H 25 -30.34 -38.98 -9.64
CA LYS H 25 -30.13 -38.15 -8.47
C LYS H 25 -29.87 -38.98 -7.23
N ILE H 32 -39.26 -42.65 -8.94
CA ILE H 32 -38.82 -43.92 -9.52
C ILE H 32 -39.94 -44.68 -10.25
N LYS H 33 -41.14 -44.12 -10.29
CA LYS H 33 -42.27 -44.79 -10.92
C LYS H 33 -41.98 -45.24 -12.36
N THR H 34 -42.21 -46.54 -12.60
CA THR H 34 -41.87 -47.19 -13.88
C THR H 34 -42.86 -48.29 -14.30
N LYS H 35 -43.44 -48.16 -15.49
CA LYS H 35 -44.33 -49.16 -16.08
C LYS H 35 -43.98 -49.38 -17.56
N LYS H 36 -44.49 -50.46 -18.15
CA LYS H 36 -44.27 -50.72 -19.57
C LYS H 36 -45.40 -50.14 -20.45
N VAL H 37 -45.03 -49.51 -21.56
CA VAL H 37 -46.02 -49.02 -22.53
C VAL H 37 -45.59 -49.33 -23.97
N ASN H 38 -46.41 -48.94 -24.95
CA ASN H 38 -46.10 -49.29 -26.35
C ASN H 38 -45.86 -48.09 -27.27
N SER H 39 -45.57 -46.95 -26.65
CA SER H 39 -45.30 -45.70 -27.36
C SER H 39 -44.85 -44.62 -26.38
N ALA H 40 -43.84 -43.86 -26.78
CA ALA H 40 -43.35 -42.77 -25.96
C ALA H 40 -44.40 -41.70 -25.93
N ASP H 41 -45.21 -41.65 -26.99
CA ASP H 41 -46.32 -40.69 -27.06
C ASP H 41 -47.34 -40.98 -25.97
N GLU H 42 -47.38 -42.24 -25.52
CA GLU H 42 -48.25 -42.62 -24.41
C GLU H 42 -47.62 -42.15 -23.10
N CYS H 43 -46.32 -42.36 -22.97
CA CYS H 43 -45.59 -41.85 -21.80
C CYS H 43 -45.87 -40.37 -21.57
N ALA H 44 -45.86 -39.59 -22.65
CA ALA H 44 -46.04 -38.14 -22.56
C ALA H 44 -47.42 -37.79 -22.05
N ASN H 45 -48.41 -38.59 -22.43
CA ASN H 45 -49.75 -38.42 -21.92
C ASN H 45 -49.75 -38.76 -20.43
N ARG H 46 -49.06 -39.84 -20.07
CA ARG H 46 -49.00 -40.31 -18.68
C ARG H 46 -48.30 -39.29 -17.78
N CYS H 47 -47.27 -38.68 -18.33
CA CYS H 47 -46.47 -37.73 -17.59
C CYS H 47 -47.28 -36.49 -17.26
N ILE H 48 -48.15 -36.07 -18.16
CA ILE H 48 -48.80 -34.77 -17.95
C ILE H 48 -50.18 -34.84 -17.30
N ARG H 49 -50.97 -35.86 -17.60
CA ARG H 49 -52.26 -36.02 -16.93
C ARG H 49 -52.04 -36.44 -15.48
N ASN H 50 -50.87 -37.03 -15.24
CA ASN H 50 -50.47 -37.50 -13.91
C ASN H 50 -51.41 -38.60 -13.44
N ARG H 51 -51.73 -39.48 -14.38
CA ARG H 51 -52.51 -40.68 -14.11
C ARG H 51 -51.69 -41.60 -13.20
N GLY H 52 -52.15 -41.76 -11.96
CA GLY H 52 -51.51 -42.61 -10.98
C GLY H 52 -50.08 -42.22 -10.67
N PHE H 53 -49.92 -41.28 -9.75
CA PHE H 53 -48.60 -40.80 -9.35
C PHE H 53 -48.68 -40.31 -7.92
N THR H 54 -47.56 -40.33 -7.21
CA THR H 54 -47.51 -39.67 -5.91
C THR H 54 -46.76 -38.37 -6.05
N PHE H 55 -45.90 -38.28 -7.05
CA PHE H 55 -45.12 -37.06 -7.26
C PHE H 55 -45.62 -36.18 -8.40
N THR H 56 -44.85 -35.16 -8.70
CA THR H 56 -45.21 -34.27 -9.80
C THR H 56 -44.16 -34.39 -10.89
N CYS H 57 -44.62 -34.73 -12.09
CA CYS H 57 -43.74 -35.16 -13.18
C CYS H 57 -43.11 -34.00 -13.97
N LYS H 58 -41.79 -33.89 -13.95
CA LYS H 58 -41.11 -32.88 -14.76
C LYS H 58 -40.36 -33.48 -15.98
N ALA H 59 -40.03 -34.78 -15.90
CA ALA H 59 -39.29 -35.48 -16.97
C ALA H 59 -39.41 -37.00 -16.92
N PHE H 60 -39.43 -37.64 -18.10
CA PHE H 60 -39.42 -39.11 -18.18
C PHE H 60 -38.37 -39.63 -19.16
N VAL H 61 -37.99 -40.89 -18.99
CA VAL H 61 -37.09 -41.60 -19.91
C VAL H 61 -37.82 -42.77 -20.59
N PHE H 62 -37.78 -42.82 -21.90
CA PHE H 62 -38.42 -43.92 -22.60
C PHE H 62 -37.42 -45.02 -22.88
N ASP H 63 -37.93 -46.18 -23.29
CA ASP H 63 -37.08 -47.22 -23.81
C ASP H 63 -37.68 -47.58 -25.15
N LYS H 64 -36.85 -47.60 -26.20
CA LYS H 64 -37.32 -48.00 -27.53
C LYS H 64 -37.38 -49.53 -27.68
N SER H 65 -36.41 -50.22 -27.08
CA SER H 65 -36.32 -51.67 -27.16
C SER H 65 -37.25 -52.39 -26.17
N ARG H 66 -37.06 -52.14 -24.88
CA ARG H 66 -37.89 -52.75 -23.85
C ARG H 66 -39.32 -52.25 -23.89
N LYS H 67 -39.50 -51.03 -24.41
CA LYS H 67 -40.77 -50.31 -24.37
C LYS H 67 -41.29 -50.02 -22.94
N ARG H 68 -40.43 -50.16 -21.93
CA ARG H 68 -40.78 -49.75 -20.57
C ARG H 68 -40.59 -48.23 -20.42
N CYS H 69 -41.01 -47.68 -19.30
CA CYS H 69 -40.97 -46.24 -19.14
C CYS H 69 -40.52 -45.82 -17.75
N TYR H 70 -39.69 -44.79 -17.66
CA TYR H 70 -39.21 -44.27 -16.38
C TYR H 70 -39.72 -42.82 -16.12
N TRP H 71 -40.48 -42.61 -15.04
CA TRP H 71 -40.96 -41.25 -14.74
C TRP H 71 -40.24 -40.59 -13.57
N TYR H 72 -39.69 -39.40 -13.80
CA TYR H 72 -39.00 -38.65 -12.76
C TYR H 72 -39.80 -37.43 -12.29
N PRO H 73 -39.61 -37.01 -11.02
CA PRO H 73 -40.18 -35.79 -10.44
C PRO H 73 -39.21 -34.63 -10.47
N PHE H 74 -38.14 -34.77 -11.26
CA PHE H 74 -37.18 -33.71 -11.47
C PHE H 74 -36.70 -33.65 -12.91
N ASN H 75 -35.83 -32.70 -13.22
CA ASN H 75 -35.25 -32.61 -14.56
C ASN H 75 -33.73 -32.50 -14.56
N SER H 76 -33.16 -32.26 -15.75
CA SER H 76 -31.71 -32.25 -15.92
C SER H 76 -31.05 -31.10 -15.18
N MET H 77 -31.85 -30.18 -14.66
CA MET H 77 -31.34 -29.00 -13.94
C MET H 77 -31.71 -29.00 -12.46
N SER H 78 -32.45 -30.01 -12.02
CA SER H 78 -32.90 -30.08 -10.63
C SER H 78 -31.74 -30.25 -9.65
N SER H 79 -32.02 -29.96 -8.38
CA SER H 79 -30.98 -29.93 -7.34
C SER H 79 -30.21 -31.26 -7.22
N GLY H 80 -29.03 -31.29 -7.80
CA GLY H 80 -28.16 -32.45 -7.68
C GLY H 80 -28.66 -33.66 -8.44
N VAL H 81 -28.21 -33.80 -9.69
CA VAL H 81 -28.55 -34.95 -10.51
C VAL H 81 -27.64 -34.99 -11.74
N LYS H 82 -26.82 -36.03 -11.85
CA LYS H 82 -25.97 -36.18 -13.02
C LYS H 82 -26.81 -36.74 -14.15
N LYS H 83 -26.33 -36.53 -15.37
CA LYS H 83 -26.96 -37.08 -16.57
C LYS H 83 -26.34 -38.47 -16.79
N GLY H 84 -26.58 -39.07 -17.96
CA GLY H 84 -26.04 -40.39 -18.25
C GLY H 84 -26.29 -40.77 -19.71
N PHE H 85 -26.15 -42.05 -20.05
CA PHE H 85 -26.38 -42.44 -21.45
C PHE H 85 -26.86 -43.85 -21.73
N GLY H 86 -26.92 -44.18 -23.02
CA GLY H 86 -27.39 -45.47 -23.48
C GLY H 86 -27.99 -45.37 -24.88
N HIS H 87 -27.75 -46.39 -25.70
CA HIS H 87 -28.17 -46.38 -27.10
C HIS H 87 -29.69 -46.41 -27.18
N GLU H 88 -30.29 -47.05 -26.19
CA GLU H 88 -31.72 -47.32 -26.15
C GLU H 88 -32.50 -46.22 -25.42
N PHE H 89 -31.79 -45.35 -24.72
CA PHE H 89 -32.38 -44.32 -23.87
C PHE H 89 -32.68 -43.04 -24.62
N ASP H 90 -33.73 -42.35 -24.18
CA ASP H 90 -34.17 -41.13 -24.83
C ASP H 90 -34.83 -40.27 -23.77
N LEU H 91 -34.15 -39.20 -23.34
CA LEU H 91 -34.69 -38.33 -22.29
C LEU H 91 -35.73 -37.34 -22.82
N TYR H 92 -36.82 -37.19 -22.09
CA TYR H 92 -37.83 -36.17 -22.40
C TYR H 92 -38.12 -35.28 -21.17
N GLU H 93 -37.91 -33.97 -21.31
CA GLU H 93 -38.18 -33.01 -20.24
C GLU H 93 -39.36 -32.11 -20.59
N ASN H 94 -40.28 -31.93 -19.65
CA ASN H 94 -41.39 -31.00 -19.88
C ASN H 94 -40.90 -29.57 -20.06
N LYS H 95 -41.30 -28.95 -21.17
CA LYS H 95 -40.80 -27.64 -21.57
C LYS H 95 -41.17 -26.50 -20.63
N ASP H 96 -42.24 -26.65 -19.85
CA ASP H 96 -42.69 -25.54 -19.01
C ASP H 96 -41.69 -25.22 -17.88
N TYR H 97 -40.99 -26.24 -17.40
CA TYR H 97 -40.10 -26.12 -16.25
C TYR H 97 -38.67 -25.69 -16.59
N ILE H 98 -38.36 -25.48 -17.87
CA ILE H 98 -36.97 -25.26 -18.29
C ILE H 98 -36.78 -24.30 -19.44
N ARG H 99 -37.80 -23.50 -19.76
CA ARG H 99 -37.78 -22.73 -21.00
C ARG H 99 -36.87 -21.51 -21.08
N ASN H 100 -37.02 -20.57 -20.14
CA ASN H 100 -36.35 -19.24 -20.21
C ASN H 100 -37.04 -18.24 -21.14
N CYS H 101 -38.09 -18.69 -21.82
CA CYS H 101 -38.94 -17.75 -22.50
C CYS H 101 -40.39 -18.07 -22.14
N ILE H 102 -41.31 -17.40 -22.80
CA ILE H 102 -42.67 -17.34 -22.31
C ILE H 102 -43.62 -17.39 -23.51
N ILE H 103 -44.75 -18.06 -23.35
CA ILE H 103 -45.73 -18.09 -24.44
C ILE H 103 -46.91 -17.20 -24.09
N GLY H 104 -46.94 -16.02 -24.67
CA GLY H 104 -48.04 -15.09 -24.42
C GLY H 104 -48.19 -14.66 -22.97
N LYS H 105 -49.41 -14.76 -22.44
CA LYS H 105 -49.68 -14.34 -21.07
C LYS H 105 -48.78 -15.04 -20.04
N GLY H 106 -48.09 -16.10 -20.48
CA GLY H 106 -47.17 -16.84 -19.63
C GLY H 106 -47.79 -17.65 -18.50
N GLY H 107 -49.00 -18.14 -18.69
CA GLY H 107 -49.69 -18.92 -17.69
C GLY H 107 -48.95 -20.17 -17.29
N SER H 108 -48.60 -21.00 -18.27
CA SER H 108 -47.97 -22.29 -18.01
C SER H 108 -46.48 -22.22 -17.67
N TYR H 109 -45.92 -21.02 -17.50
CA TYR H 109 -44.51 -20.88 -17.17
C TYR H 109 -44.18 -21.41 -15.78
N LYS H 110 -43.29 -22.40 -15.74
CA LYS H 110 -42.87 -23.01 -14.48
C LYS H 110 -41.35 -23.04 -14.37
N GLY H 111 -40.72 -22.14 -15.11
CA GLY H 111 -39.29 -21.94 -15.01
C GLY H 111 -38.84 -21.17 -13.76
N THR H 112 -37.55 -20.86 -13.69
CA THR H 112 -36.91 -20.52 -12.43
C THR H 112 -36.43 -19.08 -12.26
N VAL H 113 -36.86 -18.19 -13.13
CA VAL H 113 -36.59 -16.77 -12.89
C VAL H 113 -37.13 -16.40 -11.53
N SER H 114 -36.30 -15.74 -10.72
CA SER H 114 -36.67 -15.40 -9.34
C SER H 114 -36.45 -13.93 -9.03
N ILE H 115 -36.39 -13.12 -10.08
CA ILE H 115 -36.02 -11.72 -9.97
C ILE H 115 -37.02 -10.92 -10.79
N THR H 116 -37.51 -9.80 -10.25
CA THR H 116 -38.46 -8.95 -10.96
C THR H 116 -37.82 -8.09 -12.06
N LYS H 117 -38.62 -7.24 -12.69
CA LYS H 117 -38.13 -6.38 -13.77
C LYS H 117 -37.17 -5.36 -13.21
N SER H 118 -37.46 -4.88 -12.01
CA SER H 118 -36.67 -3.86 -11.35
C SER H 118 -35.41 -4.43 -10.72
N GLY H 119 -35.27 -5.75 -10.77
CA GLY H 119 -34.05 -6.39 -10.31
C GLY H 119 -34.13 -6.80 -8.85
N ILE H 120 -35.36 -6.89 -8.33
CA ILE H 120 -35.57 -7.22 -6.91
C ILE H 120 -35.81 -8.73 -6.70
N LYS H 121 -35.09 -9.33 -5.74
CA LYS H 121 -35.28 -10.74 -5.40
C LYS H 121 -36.70 -10.91 -4.85
N CYS H 122 -37.30 -12.06 -5.11
CA CYS H 122 -38.71 -12.30 -4.79
C CYS H 122 -38.95 -12.82 -3.38
N GLN H 123 -40.19 -12.70 -2.93
CA GLN H 123 -40.66 -13.29 -1.68
C GLN H 123 -41.25 -14.70 -1.97
N PRO H 124 -40.80 -15.73 -1.22
CA PRO H 124 -41.29 -17.10 -1.39
C PRO H 124 -42.80 -17.19 -1.17
N TRP H 125 -43.51 -17.97 -1.98
CA TRP H 125 -44.96 -18.01 -1.90
C TRP H 125 -45.50 -18.69 -0.64
N ASN H 126 -44.62 -19.37 0.09
CA ASN H 126 -45.02 -20.05 1.31
C ASN H 126 -44.84 -19.14 2.50
N SER H 127 -44.23 -17.99 2.27
CA SER H 127 -43.94 -17.04 3.33
C SER H 127 -44.89 -15.82 3.30
N MET H 128 -45.19 -15.28 4.48
CA MET H 128 -46.00 -14.06 4.56
C MET H 128 -45.14 -12.84 4.89
N ILE H 129 -43.82 -12.98 4.72
CA ILE H 129 -42.86 -11.90 4.96
C ILE H 129 -42.17 -11.47 3.67
N PRO H 130 -42.26 -10.17 3.34
CA PRO H 130 -42.93 -9.17 4.19
C PRO H 130 -44.41 -8.89 3.91
N HIS H 131 -45.12 -9.76 3.17
CA HIS H 131 -46.50 -9.44 2.77
C HIS H 131 -47.60 -10.46 3.10
N GLU H 132 -48.82 -9.98 3.28
CA GLU H 132 -49.98 -10.85 3.38
C GLU H 132 -50.46 -11.24 1.97
N HIS H 133 -50.86 -12.49 1.78
CA HIS H 133 -51.41 -12.90 0.48
C HIS H 133 -52.21 -14.20 0.50
N SER H 134 -53.01 -14.40 -0.54
CA SER H 134 -53.89 -15.56 -0.67
C SER H 134 -53.29 -16.64 -1.56
N PHE H 135 -52.10 -16.37 -2.08
CA PHE H 135 -51.45 -17.25 -3.04
C PHE H 135 -50.57 -18.31 -2.39
N LEU H 136 -51.15 -19.04 -1.45
CA LEU H 136 -50.48 -20.21 -0.93
C LEU H 136 -50.51 -21.25 -2.03
N PRO H 137 -49.55 -22.17 -2.03
CA PRO H 137 -49.55 -23.21 -3.05
C PRO H 137 -50.81 -24.11 -2.97
N SER H 138 -51.33 -24.32 -1.77
CA SER H 138 -52.57 -25.09 -1.60
C SER H 138 -53.74 -24.47 -2.36
N SER H 139 -53.81 -23.15 -2.36
CA SER H 139 -54.87 -22.44 -3.05
C SER H 139 -54.71 -22.47 -4.58
N TYR H 140 -53.50 -22.76 -5.06
CA TYR H 140 -53.26 -22.80 -6.50
C TYR H 140 -52.48 -24.04 -6.91
N ARG H 141 -53.04 -25.20 -6.59
CA ARG H 141 -52.47 -26.48 -6.99
C ARG H 141 -52.32 -26.55 -8.51
N GLY H 142 -51.11 -26.84 -8.99
CA GLY H 142 -50.90 -27.02 -10.42
C GLY H 142 -50.19 -25.85 -11.06
N LYS H 143 -49.85 -24.85 -10.26
CA LYS H 143 -49.27 -23.64 -10.81
C LYS H 143 -47.81 -23.49 -10.36
N ASP H 144 -47.36 -24.47 -9.57
CA ASP H 144 -45.96 -24.56 -9.13
C ASP H 144 -45.54 -23.26 -8.43
N LEU H 145 -46.32 -22.83 -7.43
CA LEU H 145 -45.93 -21.68 -6.63
C LEU H 145 -44.85 -22.15 -5.66
N GLN H 146 -43.64 -22.27 -6.18
CA GLN H 146 -42.55 -22.94 -5.48
C GLN H 146 -41.35 -22.01 -5.30
N GLU H 147 -40.68 -22.13 -4.15
CA GLU H 147 -39.59 -21.23 -3.81
C GLU H 147 -40.04 -19.78 -3.92
N ASN H 148 -39.33 -19.00 -4.74
CA ASN H 148 -39.69 -17.61 -4.96
C ASN H 148 -39.76 -17.32 -6.47
N TYR H 149 -40.16 -18.33 -7.23
CA TYR H 149 -40.13 -18.22 -8.67
C TYR H 149 -41.24 -17.30 -9.16
N CYS H 150 -40.98 -16.62 -10.26
CA CYS H 150 -41.99 -15.80 -10.89
C CYS H 150 -43.06 -16.70 -11.50
N ARG H 151 -44.31 -16.37 -11.24
CA ARG H 151 -45.44 -17.17 -11.70
C ARG H 151 -46.67 -16.31 -12.09
N ASN H 152 -47.57 -16.89 -12.87
CA ASN H 152 -48.82 -16.22 -13.17
C ASN H 152 -50.00 -17.16 -12.92
N PRO H 153 -50.43 -17.28 -11.67
CA PRO H 153 -51.45 -18.28 -11.30
C PRO H 153 -52.79 -18.04 -11.96
N ARG H 154 -53.23 -16.78 -11.99
CA ARG H 154 -54.55 -16.43 -12.53
C ARG H 154 -54.54 -16.20 -14.05
N GLY H 155 -53.38 -16.32 -14.67
CA GLY H 155 -53.27 -16.12 -16.11
C GLY H 155 -53.61 -14.70 -16.54
N GLU H 156 -53.00 -13.73 -15.88
CA GLU H 156 -53.34 -12.32 -16.09
C GLU H 156 -52.52 -11.68 -17.22
N GLU H 157 -52.78 -10.41 -17.50
CA GLU H 157 -52.17 -9.74 -18.65
C GLU H 157 -50.72 -9.36 -18.44
N GLY H 158 -50.43 -8.87 -17.24
CA GLY H 158 -49.10 -8.37 -16.94
C GLY H 158 -48.01 -9.40 -17.00
N GLY H 159 -48.38 -10.67 -17.18
CA GLY H 159 -47.41 -11.74 -17.29
C GLY H 159 -47.01 -12.28 -15.93
N PRO H 160 -45.99 -13.14 -15.88
CA PRO H 160 -45.42 -13.61 -14.61
C PRO H 160 -45.13 -12.46 -13.66
N TRP H 161 -45.28 -12.71 -12.36
CA TRP H 161 -45.01 -11.73 -11.32
C TRP H 161 -44.67 -12.44 -10.01
N CYS H 162 -44.21 -11.69 -9.00
CA CYS H 162 -44.03 -12.26 -7.67
C CYS H 162 -44.14 -11.21 -6.57
N PHE H 163 -44.40 -11.65 -5.35
CA PHE H 163 -44.28 -10.74 -4.21
C PHE H 163 -42.82 -10.43 -3.95
N THR H 164 -42.58 -9.22 -3.46
CA THR H 164 -41.25 -8.64 -3.43
C THR H 164 -40.55 -8.71 -2.07
N SER H 165 -39.30 -9.15 -2.06
CA SER H 165 -38.52 -9.24 -0.81
C SER H 165 -38.15 -7.87 -0.23
N ASN H 166 -38.54 -6.81 -0.91
CA ASN H 166 -38.48 -5.47 -0.35
C ASN H 166 -39.85 -5.06 0.19
N PRO H 167 -39.91 -4.55 1.44
CA PRO H 167 -41.17 -4.14 2.07
C PRO H 167 -41.94 -3.02 1.37
N GLU H 168 -41.30 -2.23 0.52
CA GLU H 168 -42.01 -1.13 -0.14
C GLU H 168 -42.86 -1.62 -1.31
N VAL H 169 -42.28 -2.52 -2.09
CA VAL H 169 -42.98 -3.10 -3.22
C VAL H 169 -43.70 -4.37 -2.78
N ARG H 170 -45.00 -4.41 -2.99
CA ARG H 170 -45.79 -5.60 -2.66
C ARG H 170 -45.69 -6.62 -3.78
N TYR H 171 -45.92 -6.16 -5.00
CA TYR H 171 -45.83 -7.02 -6.14
C TYR H 171 -45.19 -6.23 -7.28
N GLU H 172 -44.38 -6.91 -8.09
CA GLU H 172 -43.94 -6.37 -9.37
C GLU H 172 -43.84 -7.52 -10.37
N VAL H 173 -44.02 -7.22 -11.65
CA VAL H 173 -43.88 -8.26 -12.66
C VAL H 173 -42.41 -8.60 -12.82
N CYS H 174 -42.14 -9.71 -13.51
CA CYS H 174 -40.78 -10.06 -13.87
C CYS H 174 -40.57 -9.69 -15.32
N ASP H 175 -39.32 -9.74 -15.77
CA ASP H 175 -39.03 -9.41 -17.16
C ASP H 175 -38.57 -10.65 -17.91
N ILE H 176 -39.51 -11.31 -18.59
CA ILE H 176 -39.23 -12.59 -19.26
C ILE H 176 -39.59 -12.56 -20.75
N PRO H 177 -38.65 -12.96 -21.59
CA PRO H 177 -38.84 -12.82 -23.03
C PRO H 177 -39.91 -13.72 -23.59
N GLN H 178 -40.67 -13.19 -24.54
CA GLN H 178 -41.47 -14.00 -25.43
C GLN H 178 -40.55 -14.96 -26.19
N CYS H 179 -41.04 -16.16 -26.47
CA CYS H 179 -40.24 -17.12 -27.22
C CYS H 179 -40.17 -16.69 -28.67
N SER H 180 -41.10 -15.83 -29.07
CA SER H 180 -41.09 -15.24 -30.40
C SER H 180 -39.98 -14.21 -30.54
N GLU H 181 -39.45 -13.72 -29.42
CA GLU H 181 -38.40 -12.70 -29.51
C GLU H 181 -37.01 -13.14 -29.02
N VAL H 182 -36.96 -14.07 -28.08
CA VAL H 182 -35.71 -14.37 -27.39
C VAL H 182 -34.59 -14.66 -28.37
N GLU H 183 -34.84 -15.53 -29.35
CA GLU H 183 -33.96 -15.61 -30.50
C GLU H 183 -34.65 -15.01 -31.71
N CYS H 184 -33.94 -14.10 -32.37
CA CYS H 184 -34.47 -13.39 -33.52
C CYS H 184 -33.85 -13.96 -34.79
N MET H 185 -34.39 -13.54 -35.93
CA MET H 185 -33.94 -14.08 -37.19
C MET H 185 -33.56 -12.98 -38.17
N THR H 186 -32.78 -13.37 -39.17
CA THR H 186 -32.44 -12.51 -40.28
C THR H 186 -32.64 -13.35 -41.52
N ALA H 187 -32.88 -12.69 -42.65
CA ALA H 187 -33.18 -13.37 -43.90
C ALA H 187 -34.44 -14.22 -43.77
N ASN H 188 -34.55 -15.24 -44.61
CA ASN H 188 -35.70 -16.15 -44.61
C ASN H 188 -35.79 -17.01 -43.35
N GLY H 189 -34.73 -16.97 -42.53
CA GLY H 189 -34.71 -17.67 -41.25
C GLY H 189 -34.30 -19.13 -41.36
N GLU H 190 -33.50 -19.43 -42.38
CA GLU H 190 -33.06 -20.81 -42.62
C GLU H 190 -32.27 -21.20 -41.38
N SER H 191 -31.44 -20.25 -40.95
CA SER H 191 -30.49 -20.42 -39.87
C SER H 191 -31.15 -20.33 -38.49
N TYR H 192 -32.42 -19.94 -38.45
CA TYR H 192 -33.10 -19.78 -37.17
C TYR H 192 -33.12 -21.08 -36.43
N ARG H 193 -32.92 -21.00 -35.12
CA ARG H 193 -32.87 -22.21 -34.33
C ARG H 193 -33.43 -22.01 -32.90
N GLY H 194 -34.22 -20.96 -32.71
CA GLY H 194 -34.76 -20.61 -31.41
C GLY H 194 -36.03 -21.37 -31.05
N PRO H 195 -36.53 -21.19 -29.81
CA PRO H 195 -37.49 -22.12 -29.20
C PRO H 195 -38.96 -21.94 -29.55
N MET H 196 -39.31 -21.21 -30.61
CA MET H 196 -40.73 -21.00 -30.90
C MET H 196 -41.35 -22.27 -31.46
N ASP H 197 -42.52 -22.65 -30.92
CA ASP H 197 -43.24 -23.85 -31.35
C ASP H 197 -44.71 -23.55 -31.70
N HIS H 198 -45.05 -22.26 -31.68
CA HIS H 198 -46.40 -21.81 -31.97
C HIS H 198 -46.43 -20.95 -33.23
N THR H 199 -47.55 -21.01 -33.94
CA THR H 199 -47.66 -20.37 -35.25
C THR H 199 -48.26 -18.96 -35.19
N GLU H 200 -48.30 -18.31 -36.35
CA GLU H 200 -48.77 -16.92 -36.46
C GLU H 200 -50.25 -16.71 -36.07
N SER H 201 -50.91 -17.77 -35.61
CA SER H 201 -52.31 -17.69 -35.17
C SER H 201 -52.40 -18.13 -33.72
N GLY H 202 -51.54 -19.09 -33.37
CA GLY H 202 -51.50 -19.58 -32.01
C GLY H 202 -51.73 -21.08 -31.93
N LYS H 203 -51.52 -21.77 -33.04
CA LYS H 203 -51.60 -23.23 -33.00
C LYS H 203 -50.25 -23.88 -32.71
N THR H 204 -50.29 -25.07 -32.11
CA THR H 204 -49.10 -25.76 -31.70
C THR H 204 -48.47 -26.37 -32.94
N CYS H 205 -47.14 -26.44 -32.95
CA CYS H 205 -46.43 -27.08 -34.05
C CYS H 205 -46.29 -28.59 -33.80
N GLN H 206 -46.28 -29.38 -34.87
CA GLN H 206 -46.13 -30.83 -34.78
C GLN H 206 -44.66 -31.21 -34.76
N ARG H 207 -44.30 -32.23 -33.99
CA ARG H 207 -42.90 -32.64 -33.92
C ARG H 207 -42.39 -33.13 -35.28
N TRP H 208 -41.15 -32.80 -35.61
CA TRP H 208 -40.58 -33.19 -36.89
C TRP H 208 -40.36 -34.69 -37.02
N ASP H 209 -40.30 -35.39 -35.88
CA ASP H 209 -40.15 -36.84 -35.88
C ASP H 209 -41.49 -37.59 -35.80
N GLN H 210 -42.58 -36.84 -35.63
CA GLN H 210 -43.91 -37.42 -35.73
C GLN H 210 -44.39 -37.30 -37.18
N GLN H 211 -45.04 -38.36 -37.67
CA GLN H 211 -45.56 -38.39 -39.03
C GLN H 211 -47.07 -38.13 -39.02
N THR H 212 -47.56 -37.62 -37.90
CA THR H 212 -48.99 -37.47 -37.68
C THR H 212 -49.25 -36.31 -36.72
N PRO H 213 -50.31 -35.51 -36.98
CA PRO H 213 -51.35 -35.66 -38.01
C PRO H 213 -51.03 -35.13 -39.40
N HIS H 214 -49.78 -35.17 -39.83
CA HIS H 214 -49.46 -34.88 -41.22
C HIS H 214 -48.20 -35.64 -41.61
N ARG H 215 -48.25 -36.30 -42.76
CA ARG H 215 -47.08 -36.99 -43.30
C ARG H 215 -46.21 -35.96 -44.02
N HIS H 216 -44.90 -36.23 -44.07
CA HIS H 216 -43.94 -35.27 -44.64
C HIS H 216 -42.54 -35.85 -44.84
N LYS H 217 -41.78 -35.21 -45.73
CA LYS H 217 -40.46 -35.70 -46.14
C LYS H 217 -39.31 -35.36 -45.18
N PHE H 218 -39.50 -34.34 -44.34
CA PHE H 218 -38.40 -33.82 -43.49
C PHE H 218 -38.10 -34.67 -42.26
N LEU H 219 -37.36 -35.74 -42.47
CA LEU H 219 -36.96 -36.63 -41.40
C LEU H 219 -35.71 -36.08 -40.72
N PRO H 220 -35.76 -35.88 -39.40
CA PRO H 220 -34.59 -35.53 -38.61
C PRO H 220 -33.36 -36.36 -39.00
N GLU H 221 -33.62 -37.64 -39.30
CA GLU H 221 -32.57 -38.60 -39.65
C GLU H 221 -31.99 -38.32 -41.05
N ARG H 222 -32.81 -37.72 -41.90
CA ARG H 222 -32.40 -37.43 -43.29
C ARG H 222 -32.01 -35.95 -43.50
N TYR H 223 -32.32 -35.13 -42.51
CA TYR H 223 -31.98 -33.72 -42.58
C TYR H 223 -31.26 -33.30 -41.30
N PRO H 224 -30.03 -33.81 -41.11
CA PRO H 224 -29.23 -33.52 -39.91
C PRO H 224 -28.70 -32.08 -39.89
N ASP H 225 -29.16 -31.26 -40.81
CA ASP H 225 -28.59 -29.95 -41.01
C ASP H 225 -29.60 -28.85 -40.68
N LYS H 226 -30.87 -29.24 -40.57
CA LYS H 226 -31.96 -28.28 -40.47
C LYS H 226 -32.42 -28.06 -39.04
N GLY H 227 -31.76 -28.72 -38.10
CA GLY H 227 -32.10 -28.57 -36.69
C GLY H 227 -33.51 -29.02 -36.32
N PHE H 228 -33.90 -30.19 -36.79
CA PHE H 228 -35.24 -30.71 -36.54
C PHE H 228 -35.41 -31.35 -35.16
N ASP H 229 -35.16 -30.55 -34.11
CA ASP H 229 -35.35 -31.02 -32.75
C ASP H 229 -36.74 -30.65 -32.29
N ASP H 230 -37.35 -31.55 -31.51
CA ASP H 230 -38.66 -31.32 -30.92
C ASP H 230 -39.66 -30.69 -31.90
N ASN H 231 -40.43 -29.68 -31.48
CA ASN H 231 -41.42 -29.10 -32.40
C ASN H 231 -41.25 -27.60 -32.70
N TYR H 232 -40.00 -27.16 -32.76
CA TYR H 232 -39.68 -25.76 -33.04
C TYR H 232 -39.85 -25.37 -34.50
N CYS H 233 -40.05 -24.07 -34.73
CA CYS H 233 -40.22 -23.51 -36.07
C CYS H 233 -38.91 -23.50 -36.83
N ARG H 234 -38.89 -24.05 -38.03
CA ARG H 234 -37.67 -24.06 -38.85
C ARG H 234 -37.97 -23.68 -40.30
N ASN H 235 -36.94 -23.59 -41.13
CA ASN H 235 -37.17 -23.28 -42.54
C ASN H 235 -36.17 -24.00 -43.47
N PRO H 236 -36.48 -25.26 -43.80
CA PRO H 236 -35.63 -26.13 -44.63
C PRO H 236 -35.86 -25.97 -46.14
N ASP H 237 -37.03 -25.49 -46.54
CA ASP H 237 -37.34 -25.33 -47.97
C ASP H 237 -37.15 -23.89 -48.49
N GLY H 238 -36.69 -23.00 -47.61
CA GLY H 238 -36.38 -21.64 -47.97
C GLY H 238 -37.58 -20.73 -48.22
N LYS H 239 -38.68 -20.99 -47.52
CA LYS H 239 -39.86 -20.13 -47.58
C LYS H 239 -39.50 -18.73 -47.07
N PRO H 240 -40.40 -17.74 -47.23
CA PRO H 240 -40.04 -16.37 -46.81
C PRO H 240 -39.70 -16.25 -45.34
N ARG H 241 -40.32 -17.09 -44.52
CA ARG H 241 -40.13 -17.08 -43.07
C ARG H 241 -40.10 -18.54 -42.60
N PRO H 242 -39.71 -18.79 -41.34
CA PRO H 242 -39.75 -20.14 -40.77
C PRO H 242 -41.17 -20.58 -40.49
N TRP H 243 -41.40 -21.89 -40.50
CA TRP H 243 -42.76 -22.42 -40.44
C TRP H 243 -42.85 -23.68 -39.61
N CYS H 244 -44.00 -24.37 -39.71
CA CYS H 244 -44.27 -25.54 -38.88
C CYS H 244 -45.45 -26.34 -39.40
N TYR H 245 -45.41 -27.67 -39.26
CA TYR H 245 -46.61 -28.48 -39.49
C TYR H 245 -47.44 -28.44 -38.22
N THR H 246 -48.70 -28.02 -38.34
CA THR H 246 -49.51 -27.76 -37.14
C THR H 246 -50.18 -29.02 -36.60
N LEU H 247 -50.81 -28.90 -35.44
CA LEU H 247 -51.54 -30.03 -34.86
C LEU H 247 -52.97 -30.07 -35.38
N ASP H 248 -53.43 -28.97 -35.96
CA ASP H 248 -54.74 -28.89 -36.59
C ASP H 248 -54.84 -29.94 -37.69
N PRO H 249 -55.73 -30.93 -37.48
CA PRO H 249 -55.85 -32.04 -38.46
C PRO H 249 -56.27 -31.52 -39.83
N ASP H 250 -56.98 -30.39 -39.85
CA ASP H 250 -57.51 -29.80 -41.08
C ASP H 250 -56.62 -28.68 -41.61
N THR H 251 -55.52 -28.40 -40.91
CA THR H 251 -54.55 -27.40 -41.35
C THR H 251 -53.14 -27.95 -41.34
N PRO H 252 -52.52 -28.09 -42.53
CA PRO H 252 -51.18 -28.67 -42.65
C PRO H 252 -50.08 -27.78 -42.03
N TRP H 253 -49.72 -26.72 -42.73
CA TRP H 253 -48.68 -25.83 -42.21
C TRP H 253 -49.08 -24.38 -42.21
N GLU H 254 -48.55 -23.68 -41.24
CA GLU H 254 -48.78 -22.25 -41.07
C GLU H 254 -47.40 -21.65 -40.79
N TYR H 255 -47.23 -20.38 -41.13
CA TYR H 255 -45.95 -19.75 -40.86
C TYR H 255 -45.78 -19.47 -39.37
N CYS H 256 -44.63 -18.92 -38.99
CA CYS H 256 -44.40 -18.51 -37.63
C CYS H 256 -44.16 -17.00 -37.60
N ALA H 257 -44.12 -16.43 -36.40
CA ALA H 257 -43.95 -14.99 -36.25
C ALA H 257 -42.78 -14.64 -35.34
N ILE H 258 -41.57 -14.77 -35.87
CA ILE H 258 -40.36 -14.54 -35.10
C ILE H 258 -39.88 -13.10 -35.32
N LYS H 259 -39.54 -12.41 -34.23
CA LYS H 259 -39.08 -11.02 -34.32
C LYS H 259 -37.77 -10.97 -35.11
N THR H 260 -37.67 -10.04 -36.05
CA THR H 260 -36.43 -9.93 -36.82
C THR H 260 -35.39 -9.16 -36.03
N CYS H 261 -34.13 -9.40 -36.34
CA CYS H 261 -33.05 -8.74 -35.62
C CYS H 261 -32.92 -7.29 -36.02
N ALA H 262 -32.73 -6.44 -35.02
CA ALA H 262 -32.52 -5.01 -35.22
C ALA H 262 -31.02 -4.69 -35.30
#